data_9EL0
#
_entry.id   9EL0
#
_cell.length_a   1.00
_cell.length_b   1.00
_cell.length_c   1.00
_cell.angle_alpha   90.00
_cell.angle_beta   90.00
_cell.angle_gamma   90.00
#
_symmetry.space_group_name_H-M   'P 1'
#
loop_
_entity.id
_entity.type
_entity.pdbx_description
1 polymer Mucolipin-2
2 non-polymer (3aS,4S,7R,7aS)-3-(2,6-dichlorophenyl)-3a,4,5,6,7,7a-hexahydro-4,7-methano-1,2-benzoxazole
#
_entity_poly.entity_id   1
_entity_poly.type   'polypeptide(L)'
_entity_poly.pdbx_seq_one_letter_code
;MARQPYRFPQARIPERGSGVFRLTVRNAMAHRDSEMKEECLREDLKFYFMSPCEKYRARRQIPWKLGLQILKIVMVTTQL
VRFGLSNQLVVAFKEDNTVAFKHLFLKGYSGTDEDDYSCSVYTQEDAYESIFFAINQYHQLKDITLGTLGYGENEDNRIG
LKVCKQHYKKGTMFPSNETLNIDNDVELDCVQLDLQDLSKKPPDWKNSSFFRLEFYRLLQVEISFHLKGIDLQTIHSREL
PDCYVFQNTIIFDNKAHSGKIKIYFDSDAKIEECKDLNIFGSTQKNAQYVLVFDAFVIVICLASLILCTRSIVLALRLRK
RFLNFFLEKYKRPVCDTDQWEFINGWYVLVIISDLMTIIGSILKMEIKAKNLTNYDLCSIFLGTSTLLVWVGVIRYLGYF
QAYNVLILTMQASLPKVLRFCACAGMIYLGYTFCGWIVLGPYHDKFENLNTVAECLFSLVNGDDMFATFAQIQQKSILVW
LFSRLYLYSFISLFIYMILSLFIALITDSYDTIKKFQQNGFPETDLQEFLKECSSKEEYQKESSAFLSCICCRRRKRSDD
HLIPIS
;
_entity_poly.pdbx_strand_id   A,B,C,D
#
loop_
_chem_comp.id
_chem_comp.type
_chem_comp.name
_chem_comp.formula
A1BI6 non-polymer (3aS,4S,7R,7aS)-3-(2,6-dichlorophenyl)-3a,4,5,6,7,7a-hexahydro-4,7-methano-1,2-benzoxazole 'C14 H13 Cl2 N O'
#
# COMPACT_ATOMS: atom_id res chain seq x y z
N LEU A 41 15.45 -48.49 -41.77
CA LEU A 41 14.52 -47.96 -40.79
C LEU A 41 15.24 -47.41 -39.57
N ARG A 42 16.27 -48.12 -39.10
CA ARG A 42 17.01 -47.66 -37.94
C ARG A 42 17.76 -46.36 -38.24
N GLU A 43 18.29 -46.23 -39.46
CA GLU A 43 18.95 -44.99 -39.85
C GLU A 43 17.96 -43.83 -39.87
N ASP A 44 16.76 -44.06 -40.40
CA ASP A 44 15.75 -42.99 -40.44
C ASP A 44 15.31 -42.60 -39.03
N LEU A 45 15.13 -43.58 -38.15
CA LEU A 45 14.72 -43.28 -36.78
C LEU A 45 15.77 -42.45 -36.05
N LYS A 46 17.04 -42.79 -36.24
CA LYS A 46 18.11 -42.01 -35.61
C LYS A 46 18.16 -40.59 -36.19
N PHE A 47 17.89 -40.45 -37.49
CA PHE A 47 17.90 -39.13 -38.11
C PHE A 47 16.75 -38.26 -37.59
N TYR A 48 15.56 -38.84 -37.43
CA TYR A 48 14.41 -38.05 -36.98
C TYR A 48 14.55 -37.57 -35.54
N PHE A 49 15.23 -38.34 -34.69
CA PHE A 49 15.47 -37.95 -33.31
C PHE A 49 16.68 -37.04 -33.15
N MET A 50 17.43 -36.82 -34.22
CA MET A 50 18.69 -36.10 -34.14
C MET A 50 18.44 -34.59 -34.18
N SER A 51 19.30 -33.83 -33.47
CA SER A 51 19.16 -32.38 -33.40
C SER A 51 19.71 -31.74 -34.68
N PRO A 52 19.12 -30.63 -35.14
CA PRO A 52 19.54 -30.02 -36.42
C PRO A 52 21.01 -29.63 -36.47
N CYS A 53 21.54 -29.12 -35.36
CA CYS A 53 22.95 -28.74 -35.34
C CYS A 53 23.84 -29.95 -35.57
N GLU A 54 23.54 -31.07 -34.90
CA GLU A 54 24.30 -32.28 -35.15
C GLU A 54 23.97 -32.89 -36.51
N LYS A 55 22.78 -32.59 -37.05
CA LYS A 55 22.47 -32.99 -38.42
C LYS A 55 23.44 -32.33 -39.40
N TYR A 56 23.69 -31.03 -39.21
CA TYR A 56 24.70 -30.36 -40.04
C TYR A 56 26.10 -30.82 -39.70
N ARG A 57 26.35 -31.16 -38.44
CA ARG A 57 27.68 -31.61 -38.04
C ARG A 57 28.05 -32.95 -38.66
N ALA A 58 27.05 -33.81 -38.88
CA ALA A 58 27.29 -35.17 -39.37
C ALA A 58 26.80 -35.33 -40.80
N ARG A 59 25.54 -35.05 -41.09
CA ARG A 59 24.98 -35.23 -42.43
C ARG A 59 25.13 -33.99 -43.31
N ARG A 60 25.56 -32.86 -42.73
CA ARG A 60 25.69 -31.59 -43.45
C ARG A 60 24.36 -31.14 -44.04
N GLN A 61 23.28 -31.34 -43.27
CA GLN A 61 21.96 -30.86 -43.66
C GLN A 61 21.78 -29.45 -43.12
N ILE A 62 21.59 -28.48 -44.02
CA ILE A 62 21.43 -27.08 -43.63
C ILE A 62 20.11 -26.93 -42.88
N PRO A 63 20.12 -26.39 -41.66
CA PRO A 63 18.85 -26.22 -40.94
C PRO A 63 18.12 -24.95 -41.33
N TRP A 64 17.55 -24.93 -42.54
CA TRP A 64 16.80 -23.76 -42.98
C TRP A 64 15.54 -23.57 -42.15
N LYS A 65 15.02 -24.65 -41.57
CA LYS A 65 13.83 -24.53 -40.72
C LYS A 65 14.13 -23.70 -39.48
N LEU A 66 15.29 -23.91 -38.86
CA LEU A 66 15.66 -23.12 -37.69
C LEU A 66 15.82 -21.65 -38.04
N GLY A 67 16.45 -21.35 -39.17
CA GLY A 67 16.57 -19.97 -39.61
C GLY A 67 15.23 -19.34 -39.89
N LEU A 68 14.32 -20.09 -40.50
CA LEU A 68 12.97 -19.59 -40.75
C LEU A 68 12.26 -19.29 -39.44
N GLN A 69 12.42 -20.17 -38.45
CA GLN A 69 11.81 -19.92 -37.14
C GLN A 69 12.36 -18.65 -36.50
N ILE A 70 13.68 -18.48 -36.55
CA ILE A 70 14.29 -17.29 -35.95
C ILE A 70 13.81 -16.03 -36.65
N LEU A 71 13.73 -16.08 -37.99
CA LEU A 71 13.21 -14.96 -38.75
C LEU A 71 11.77 -14.64 -38.35
N LYS A 72 10.96 -15.68 -38.19
CA LYS A 72 9.57 -15.48 -37.78
C LYS A 72 9.49 -14.82 -36.42
N ILE A 73 10.34 -15.25 -35.48
CA ILE A 73 10.36 -14.66 -34.15
C ILE A 73 10.68 -13.17 -34.24
N VAL A 74 11.72 -12.84 -35.01
CA VAL A 74 12.14 -11.44 -35.14
C VAL A 74 11.02 -10.59 -35.74
N MET A 75 10.42 -11.08 -36.82
CA MET A 75 9.37 -10.31 -37.48
C MET A 75 8.16 -10.11 -36.57
N VAL A 76 7.76 -11.16 -35.85
CA VAL A 76 6.60 -11.06 -34.96
C VAL A 76 6.87 -10.03 -33.86
N THR A 77 8.06 -10.10 -33.25
CA THR A 77 8.37 -9.14 -32.18
C THR A 77 8.40 -7.71 -32.72
N THR A 78 9.00 -7.50 -33.89
CA THR A 78 9.07 -6.16 -34.47
C THR A 78 7.68 -5.62 -34.77
N GLN A 79 6.81 -6.47 -35.35
CA GLN A 79 5.45 -6.05 -35.66
C GLN A 79 4.70 -5.68 -34.39
N LEU A 80 4.86 -6.48 -33.34
CA LEU A 80 4.19 -6.18 -32.07
C LEU A 80 4.65 -4.83 -31.52
N VAL A 81 5.96 -4.56 -31.57
CA VAL A 81 6.47 -3.32 -31.02
C VAL A 81 5.93 -2.12 -31.81
N ARG A 82 5.94 -2.21 -33.14
CA ARG A 82 5.43 -1.11 -33.97
C ARG A 82 3.95 -0.86 -33.68
N PHE A 83 3.16 -1.93 -33.61
CA PHE A 83 1.73 -1.78 -33.34
C PHE A 83 1.51 -1.13 -31.98
N GLY A 84 2.28 -1.56 -30.98
CA GLY A 84 2.15 -0.99 -29.65
C GLY A 84 2.45 0.49 -29.62
N LEU A 85 3.51 0.91 -30.31
CA LEU A 85 3.86 2.32 -30.33
C LEU A 85 2.77 3.16 -31.00
N SER A 86 2.27 2.70 -32.15
CA SER A 86 1.22 3.45 -32.83
C SER A 86 -0.03 3.56 -31.98
N ASN A 87 -0.45 2.44 -31.37
CA ASN A 87 -1.61 2.47 -30.49
C ASN A 87 -1.39 3.38 -29.30
N GLN A 88 -0.17 3.40 -28.76
CA GLN A 88 0.13 4.29 -27.64
C GLN A 88 -0.09 5.74 -28.02
N LEU A 89 0.42 6.15 -29.19
CA LEU A 89 0.23 7.53 -29.62
C LEU A 89 -1.25 7.87 -29.77
N VAL A 90 -2.00 7.03 -30.49
CA VAL A 90 -3.41 7.34 -30.75
C VAL A 90 -4.20 7.38 -29.45
N VAL A 91 -4.01 6.38 -28.59
CA VAL A 91 -4.76 6.30 -27.34
C VAL A 91 -4.42 7.49 -26.44
N ALA A 92 -3.14 7.87 -26.39
CA ALA A 92 -2.76 9.02 -25.56
C ALA A 92 -3.45 10.29 -26.05
N PHE A 93 -3.49 10.50 -27.36
CA PHE A 93 -4.16 11.69 -27.87
C PHE A 93 -5.64 11.69 -27.49
N LYS A 94 -6.32 10.54 -27.69
CA LYS A 94 -7.75 10.49 -27.39
C LYS A 94 -8.03 10.70 -25.91
N GLU A 95 -7.23 10.09 -25.04
CA GLU A 95 -7.45 10.23 -23.60
C GLU A 95 -7.18 11.65 -23.13
N ASP A 96 -6.14 12.30 -23.67
CA ASP A 96 -5.88 13.69 -23.31
C ASP A 96 -7.03 14.59 -23.74
N ASN A 97 -7.57 14.37 -24.94
CA ASN A 97 -8.71 15.16 -25.37
C ASN A 97 -9.92 14.92 -24.48
N THR A 98 -10.15 13.67 -24.06
CA THR A 98 -11.27 13.38 -23.17
C THR A 98 -11.10 14.08 -21.83
N VAL A 99 -9.89 14.09 -21.29
CA VAL A 99 -9.64 14.78 -20.02
C VAL A 99 -9.90 16.28 -20.17
N ALA A 100 -9.44 16.86 -21.27
CA ALA A 100 -9.70 18.28 -21.50
C ALA A 100 -11.19 18.56 -21.60
N PHE A 101 -11.94 17.70 -22.29
CA PHE A 101 -13.38 17.88 -22.38
C PHE A 101 -14.05 17.81 -21.02
N LYS A 102 -13.62 16.85 -20.19
CA LYS A 102 -14.19 16.72 -18.86
C LYS A 102 -13.92 17.97 -18.03
N HIS A 103 -12.71 18.54 -18.14
CA HIS A 103 -12.42 19.77 -17.43
C HIS A 103 -13.26 20.93 -17.96
N LEU A 104 -13.51 20.96 -19.27
CA LEU A 104 -14.22 22.09 -19.85
C LEU A 104 -15.71 22.07 -19.50
N PHE A 105 -16.35 20.91 -19.58
CA PHE A 105 -17.81 20.87 -19.58
C PHE A 105 -18.40 20.45 -18.24
N LEU A 106 -17.66 19.72 -17.43
CA LEU A 106 -18.19 19.30 -16.13
C LEU A 106 -17.91 20.36 -15.08
N LYS A 107 -18.97 20.80 -14.39
CA LYS A 107 -18.83 21.87 -13.42
C LYS A 107 -18.17 21.35 -12.15
N GLY A 108 -17.14 22.06 -11.70
CA GLY A 108 -16.41 21.68 -10.50
C GLY A 108 -15.73 20.34 -10.59
N TYR A 109 -15.17 20.03 -11.77
CA TYR A 109 -14.48 18.73 -11.98
C TYR A 109 -13.17 18.74 -11.19
N SER A 110 -12.95 17.71 -10.38
CA SER A 110 -11.73 17.62 -9.52
C SER A 110 -10.49 17.31 -10.37
N GLY A 111 -10.64 16.47 -11.39
CA GLY A 111 -9.47 16.06 -12.19
C GLY A 111 -9.38 14.55 -12.20
N THR A 112 -10.12 13.89 -11.28
CA THR A 112 -10.16 12.42 -11.23
C THR A 112 -11.60 11.99 -11.18
N ASP A 113 -11.95 10.95 -11.96
CA ASP A 113 -13.34 10.42 -11.93
C ASP A 113 -13.65 9.86 -10.54
N GLU A 114 -14.86 10.11 -10.03
CA GLU A 114 -15.26 9.58 -8.70
C GLU A 114 -15.84 8.44 -9.52
N ASP A 115 -15.35 7.21 -9.29
CA ASP A 115 -15.85 6.02 -10.01
C ASP A 115 -16.00 5.62 -11.48
N ASP A 116 -17.20 5.17 -11.88
CA ASP A 116 -17.45 4.88 -13.32
C ASP A 116 -18.01 6.20 -13.85
N TYR A 117 -18.53 7.03 -12.94
CA TYR A 117 -19.08 8.35 -13.32
C TYR A 117 -18.05 9.40 -12.96
N SER A 118 -18.09 10.54 -13.65
CA SER A 118 -17.07 11.59 -13.43
C SER A 118 -17.37 12.36 -12.15
N CYS A 119 -18.61 12.81 -11.97
CA CYS A 119 -18.95 13.59 -10.79
C CYS A 119 -20.40 13.34 -10.44
N SER A 120 -20.82 13.87 -9.29
CA SER A 120 -22.18 13.67 -8.80
C SER A 120 -22.64 14.89 -8.02
N VAL A 121 -23.95 15.11 -8.00
CA VAL A 121 -24.55 16.19 -7.24
C VAL A 121 -25.67 15.60 -6.38
N TYR A 122 -26.00 16.33 -5.32
CA TYR A 122 -27.00 15.89 -4.35
C TYR A 122 -28.13 16.89 -4.14
N THR A 123 -28.17 17.98 -4.88
CA THR A 123 -29.12 19.05 -4.66
C THR A 123 -29.67 19.49 -6.01
N GLN A 124 -30.94 19.91 -6.01
CA GLN A 124 -31.59 20.31 -7.27
C GLN A 124 -30.86 21.49 -7.91
N GLU A 125 -30.49 22.50 -7.13
CA GLU A 125 -29.82 23.66 -7.71
C GLU A 125 -28.44 23.27 -8.23
N ASP A 126 -27.80 22.29 -7.59
CA ASP A 126 -26.52 21.80 -8.09
C ASP A 126 -26.67 21.15 -9.46
N ALA A 127 -27.72 20.35 -9.64
CA ALA A 127 -27.96 19.72 -10.94
C ALA A 127 -28.28 20.77 -12.00
N TYR A 128 -29.11 21.76 -11.63
CA TYR A 128 -29.42 22.84 -12.56
C TYR A 128 -28.15 23.59 -12.95
N GLU A 129 -27.28 23.87 -11.97
CA GLU A 129 -26.04 24.57 -12.23
C GLU A 129 -25.15 23.76 -13.16
N SER A 130 -25.05 22.45 -12.94
CA SER A 130 -24.23 21.62 -13.80
C SER A 130 -24.74 21.62 -15.24
N ILE A 131 -26.05 21.47 -15.42
CA ILE A 131 -26.61 21.44 -16.77
C ILE A 131 -26.38 22.77 -17.47
N PHE A 132 -26.71 23.88 -16.79
CA PHE A 132 -26.56 25.19 -17.40
C PHE A 132 -25.10 25.51 -17.67
N PHE A 133 -24.20 25.07 -16.78
CA PHE A 133 -22.77 25.29 -16.99
C PHE A 133 -22.30 24.55 -18.23
N ALA A 134 -22.73 23.30 -18.40
CA ALA A 134 -22.34 22.55 -19.59
C ALA A 134 -22.82 23.25 -20.85
N ILE A 135 -24.08 23.70 -20.86
CA ILE A 135 -24.61 24.35 -22.06
C ILE A 135 -23.87 25.65 -22.34
N ASN A 136 -23.63 26.46 -21.31
CA ASN A 136 -22.93 27.72 -21.50
C ASN A 136 -21.49 27.51 -21.95
N GLN A 137 -20.83 26.49 -21.44
CA GLN A 137 -19.45 26.24 -21.92
C GLN A 137 -19.47 26.00 -23.44
N TYR A 138 -20.40 25.20 -23.96
CA TYR A 138 -20.43 24.86 -25.40
C TYR A 138 -20.56 26.13 -26.24
N HIS A 139 -21.27 27.14 -25.74
CA HIS A 139 -21.51 28.37 -26.54
C HIS A 139 -20.21 29.13 -26.78
N GLN A 140 -19.34 29.25 -25.76
CA GLN A 140 -18.10 30.05 -25.90
C GLN A 140 -16.93 29.11 -26.20
N LEU A 141 -17.21 28.00 -26.88
CA LEU A 141 -16.21 26.95 -27.00
C LEU A 141 -14.93 27.58 -27.56
N LYS A 142 -15.07 28.51 -28.51
CA LYS A 142 -13.91 29.08 -29.17
C LYS A 142 -13.06 29.91 -28.20
N ASP A 143 -13.70 30.66 -27.32
CA ASP A 143 -12.96 31.56 -26.44
C ASP A 143 -12.29 30.81 -25.30
N ILE A 144 -12.66 29.55 -25.09
CA ILE A 144 -12.21 28.83 -23.90
C ILE A 144 -11.19 27.76 -24.25
N THR A 145 -11.41 27.03 -25.33
CA THR A 145 -10.57 25.88 -25.65
C THR A 145 -9.14 26.33 -25.94
N LEU A 146 -8.18 25.48 -25.53
CA LEU A 146 -6.74 25.81 -25.72
C LEU A 146 -6.21 25.01 -26.92
N GLY A 147 -6.95 24.01 -27.39
CA GLY A 147 -6.48 23.16 -28.50
C GLY A 147 -7.08 23.55 -29.83
N THR A 148 -6.81 22.77 -30.88
CA THR A 148 -7.36 23.05 -32.23
C THR A 148 -8.66 22.29 -32.02
N LEU A 149 -9.70 22.99 -31.59
CA LEU A 149 -11.05 22.38 -31.50
C LEU A 149 -12.10 23.30 -32.11
N GLY A 150 -13.02 22.74 -32.87
CA GLY A 150 -14.09 23.46 -33.53
C GLY A 150 -15.40 22.71 -33.44
N TYR A 151 -16.47 23.38 -33.85
CA TYR A 151 -17.79 22.78 -33.83
C TYR A 151 -17.93 21.73 -34.94
N GLY A 152 -18.66 20.67 -34.65
CA GLY A 152 -18.88 19.59 -35.59
C GLY A 152 -20.36 19.46 -35.92
N GLU A 153 -20.64 18.95 -37.11
CA GLU A 153 -22.02 18.75 -37.54
C GLU A 153 -22.57 17.44 -36.99
N ASN A 154 -23.89 17.38 -36.86
CA ASN A 154 -24.59 16.20 -36.39
C ASN A 154 -24.89 15.30 -37.59
N GLU A 155 -25.76 14.30 -37.40
CA GLU A 155 -26.07 13.38 -38.48
C GLU A 155 -26.67 14.09 -39.69
N ASP A 156 -27.57 15.04 -39.44
CA ASP A 156 -28.21 15.81 -40.50
C ASP A 156 -27.42 17.06 -40.90
N ASN A 157 -26.13 17.10 -40.56
CA ASN A 157 -25.25 18.21 -40.92
C ASN A 157 -25.77 19.55 -40.41
N ARG A 158 -25.79 19.69 -39.08
CA ARG A 158 -26.26 20.97 -38.45
C ARG A 158 -25.47 21.20 -37.14
N ILE A 159 -24.89 22.39 -36.97
CA ILE A 159 -24.13 22.72 -35.73
C ILE A 159 -25.13 23.09 -34.63
N GLY A 160 -25.15 22.33 -33.53
CA GLY A 160 -26.16 22.60 -32.48
C GLY A 160 -25.99 21.72 -31.26
N LEU A 161 -26.92 21.82 -30.32
CA LEU A 161 -26.84 21.08 -29.06
C LEU A 161 -28.18 20.43 -28.80
N LYS A 162 -28.19 19.12 -28.61
CA LYS A 162 -29.42 18.37 -28.34
C LYS A 162 -29.43 17.88 -26.90
N VAL A 163 -30.52 18.15 -26.19
CA VAL A 163 -30.70 17.73 -24.81
C VAL A 163 -32.03 17.00 -24.69
N CYS A 164 -31.99 15.78 -24.16
CA CYS A 164 -33.17 14.96 -23.97
C CYS A 164 -33.37 14.64 -22.49
N LYS A 165 -34.63 14.50 -22.10
CA LYS A 165 -34.98 14.18 -20.72
C LYS A 165 -36.02 13.06 -20.71
N GLN A 166 -36.03 12.31 -19.61
CA GLN A 166 -36.93 11.18 -19.44
C GLN A 166 -37.71 11.34 -18.14
N HIS A 167 -39.00 11.04 -18.19
CA HIS A 167 -39.86 11.12 -17.01
C HIS A 167 -40.91 10.02 -17.08
N TYR A 168 -41.34 9.55 -15.91
CA TYR A 168 -42.57 8.77 -15.85
C TYR A 168 -43.75 9.73 -15.88
N LYS A 169 -44.64 9.50 -16.84
CA LYS A 169 -45.86 10.34 -16.98
C LYS A 169 -46.64 10.27 -15.66
N LYS A 170 -47.20 11.40 -15.22
CA LYS A 170 -47.94 11.45 -13.94
C LYS A 170 -49.18 10.55 -14.03
N GLY A 171 -49.92 10.66 -15.14
CA GLY A 171 -51.15 9.84 -15.32
C GLY A 171 -51.75 9.47 -13.98
N LEU A 180 -48.43 10.48 -5.25
CA LEU A 180 -47.26 10.25 -6.13
C LEU A 180 -47.74 9.54 -7.40
N ASN A 181 -48.93 9.90 -7.90
CA ASN A 181 -49.49 9.20 -9.09
C ASN A 181 -48.46 9.19 -10.23
N ILE A 182 -48.03 8.01 -10.68
CA ILE A 182 -47.09 7.90 -11.83
C ILE A 182 -47.40 6.60 -12.59
N ASP A 183 -46.77 6.41 -13.76
CA ASP A 183 -46.98 5.18 -14.56
C ASP A 183 -45.62 4.58 -14.91
N ASN A 184 -45.57 3.32 -15.32
CA ASN A 184 -44.28 2.65 -15.64
C ASN A 184 -43.71 3.23 -16.94
N ASP A 185 -44.58 3.64 -17.86
CA ASP A 185 -44.12 4.14 -19.19
C ASP A 185 -43.31 5.42 -19.01
N VAL A 186 -42.35 5.67 -19.90
CA VAL A 186 -41.61 6.92 -19.82
C VAL A 186 -41.92 7.79 -21.04
N GLU A 187 -41.67 9.09 -20.90
CA GLU A 187 -41.79 10.05 -21.98
C GLU A 187 -40.42 10.60 -22.31
N LEU A 188 -40.13 10.74 -23.60
CA LEU A 188 -38.88 11.30 -24.08
C LEU A 188 -39.17 12.49 -24.98
N ASP A 189 -38.61 13.64 -24.63
CA ASP A 189 -38.73 14.85 -25.44
C ASP A 189 -37.37 15.52 -25.53
N CYS A 190 -37.03 15.98 -26.73
CA CYS A 190 -35.74 16.62 -26.99
C CYS A 190 -35.94 17.96 -27.67
N VAL A 191 -35.02 18.88 -27.40
CA VAL A 191 -35.02 20.21 -28.01
C VAL A 191 -33.64 20.46 -28.61
N GLN A 192 -33.62 21.00 -29.82
CA GLN A 192 -32.38 21.30 -30.52
C GLN A 192 -32.03 22.77 -30.29
N LEU A 193 -30.83 23.02 -29.77
CA LEU A 193 -30.35 24.36 -29.47
C LEU A 193 -29.21 24.69 -30.42
N ASP A 194 -29.51 25.49 -31.44
CA ASP A 194 -28.49 25.91 -32.39
C ASP A 194 -27.59 26.98 -31.78
N LEU A 195 -26.47 27.25 -32.45
CA LEU A 195 -25.57 28.29 -31.98
C LEU A 195 -26.23 29.67 -32.02
N GLN A 196 -27.15 29.89 -32.97
CA GLN A 196 -27.86 31.16 -33.04
C GLN A 196 -28.75 31.37 -31.82
N ASP A 197 -29.44 30.31 -31.38
CA ASP A 197 -30.30 30.41 -30.21
C ASP A 197 -29.49 30.70 -28.95
N LEU A 198 -28.33 30.06 -28.80
CA LEU A 198 -27.50 30.29 -27.64
C LEU A 198 -26.83 31.66 -27.69
N SER A 199 -26.58 32.15 -28.91
CA SER A 199 -25.88 33.46 -29.08
C SER A 199 -26.81 34.62 -28.72
N LYS A 200 -28.12 34.39 -28.73
CA LYS A 200 -29.09 35.50 -28.45
C LYS A 200 -28.71 36.17 -27.13
N LYS A 201 -28.72 37.52 -27.10
CA LYS A 201 -28.40 38.25 -25.85
C LYS A 201 -29.27 37.65 -24.73
N PRO A 202 -30.62 37.56 -24.86
CA PRO A 202 -31.45 36.86 -23.86
C PRO A 202 -31.36 35.37 -24.15
N PRO A 203 -30.69 34.56 -23.32
CA PRO A 203 -30.45 33.11 -23.64
C PRO A 203 -31.74 32.48 -24.14
N ASP A 204 -32.86 32.72 -23.46
CA ASP A 204 -34.18 32.15 -23.87
C ASP A 204 -34.26 30.68 -23.47
N TRP A 205 -33.44 29.81 -24.06
CA TRP A 205 -33.51 28.39 -23.73
C TRP A 205 -33.65 28.18 -22.22
N LYS A 206 -32.95 29.00 -21.44
CA LYS A 206 -32.99 28.84 -19.99
C LYS A 206 -34.37 29.17 -19.43
N ASN A 207 -35.04 30.17 -20.00
CA ASN A 207 -36.37 30.53 -19.52
C ASN A 207 -37.44 29.58 -20.04
N SER A 208 -37.08 28.67 -20.94
CA SER A 208 -38.06 27.75 -21.51
C SER A 208 -38.63 26.82 -20.44
N SER A 209 -39.86 26.38 -20.65
CA SER A 209 -40.51 25.48 -19.70
C SER A 209 -39.94 24.07 -19.80
N PHE A 210 -39.13 23.82 -20.83
CA PHE A 210 -38.50 22.52 -21.03
C PHE A 210 -37.61 22.15 -19.85
N PHE A 211 -37.02 23.16 -19.21
CA PHE A 211 -36.00 22.88 -18.16
C PHE A 211 -36.60 22.69 -16.76
N ARG A 212 -37.92 22.82 -16.64
CA ARG A 212 -38.59 22.58 -15.35
C ARG A 212 -38.59 21.06 -15.11
N LEU A 213 -37.52 20.54 -14.52
CA LEU A 213 -37.40 19.07 -14.34
C LEU A 213 -38.06 18.65 -13.01
N GLU A 214 -39.02 17.74 -13.05
CA GLU A 214 -39.62 17.19 -11.80
C GLU A 214 -38.69 16.07 -11.33
N PHE A 215 -37.70 16.39 -10.50
CA PHE A 215 -36.68 15.40 -10.10
C PHE A 215 -37.30 14.13 -9.53
N TYR A 216 -38.49 14.22 -8.95
CA TYR A 216 -39.11 13.03 -8.30
C TYR A 216 -39.51 12.06 -9.40
N ARG A 217 -39.77 12.55 -10.61
CA ARG A 217 -40.09 11.67 -11.72
C ARG A 217 -38.94 11.48 -12.70
N LEU A 218 -37.87 12.26 -12.56
CA LEU A 218 -36.81 12.26 -13.55
C LEU A 218 -36.11 10.91 -13.60
N LEU A 219 -35.73 10.49 -14.80
CA LEU A 219 -34.88 9.33 -15.01
C LEU A 219 -33.45 9.73 -15.37
N GLN A 220 -33.29 10.55 -16.41
CA GLN A 220 -31.97 11.01 -16.82
C GLN A 220 -32.14 12.20 -17.74
N VAL A 221 -31.09 13.02 -17.83
CA VAL A 221 -30.99 14.11 -18.78
C VAL A 221 -29.68 13.93 -19.54
N GLU A 222 -29.75 13.91 -20.86
CA GLU A 222 -28.60 13.65 -21.71
C GLU A 222 -28.34 14.83 -22.63
N ILE A 223 -27.09 15.27 -22.69
CA ILE A 223 -26.66 16.36 -23.56
C ILE A 223 -25.63 15.79 -24.53
N SER A 224 -25.86 15.97 -25.82
CA SER A 224 -25.00 15.42 -26.85
C SER A 224 -24.61 16.51 -27.85
N PHE A 225 -23.35 16.50 -28.28
CA PHE A 225 -22.86 17.44 -29.28
C PHE A 225 -21.66 16.83 -29.98
N HIS A 226 -21.29 17.44 -31.10
CA HIS A 226 -20.20 16.95 -31.94
C HIS A 226 -19.11 18.00 -32.02
N LEU A 227 -17.85 17.57 -31.97
CA LEU A 227 -16.70 18.44 -32.06
C LEU A 227 -15.70 17.85 -33.05
N LYS A 228 -14.91 18.74 -33.67
CA LYS A 228 -13.89 18.35 -34.64
C LYS A 228 -12.55 18.86 -34.13
N GLY A 229 -11.56 17.96 -34.08
CA GLY A 229 -10.24 18.29 -33.59
C GLY A 229 -9.16 17.78 -34.52
N ILE A 230 -8.04 18.49 -34.56
CA ILE A 230 -6.88 18.12 -35.36
C ILE A 230 -5.66 18.07 -34.46
N ASP A 231 -4.86 17.01 -34.59
CA ASP A 231 -3.63 16.88 -33.82
C ASP A 231 -2.47 17.42 -34.65
N LEU A 232 -1.98 18.60 -34.28
CA LEU A 232 -0.84 19.20 -34.96
C LEU A 232 0.49 18.64 -34.48
N GLN A 233 0.48 17.74 -33.50
CA GLN A 233 1.72 17.17 -32.99
C GLN A 233 2.43 16.34 -34.06
N THR A 234 1.68 15.93 -35.09
CA THR A 234 2.26 15.07 -36.14
C THR A 234 2.79 15.91 -37.29
N ILE A 235 2.43 17.19 -37.36
CA ILE A 235 2.84 18.02 -38.55
C ILE A 235 4.36 18.16 -38.60
N HIS A 236 5.02 18.10 -37.43
CA HIS A 236 6.50 18.20 -37.39
C HIS A 236 7.12 17.12 -38.29
N SER A 237 6.55 15.91 -38.28
CA SER A 237 7.11 14.79 -39.06
C SER A 237 6.75 14.96 -40.54
N ARG A 238 6.14 16.10 -40.90
CA ARG A 238 5.75 16.37 -42.31
C ARG A 238 4.62 15.39 -42.70
N GLU A 239 4.16 14.57 -41.75
CA GLU A 239 3.03 13.65 -42.02
C GLU A 239 1.72 14.43 -41.86
N LEU A 240 0.89 14.47 -42.91
CA LEU A 240 -0.35 15.24 -42.86
C LEU A 240 -1.17 14.84 -41.65
N PRO A 241 -1.65 15.79 -40.85
CA PRO A 241 -2.41 15.42 -39.66
C PRO A 241 -3.74 14.78 -40.01
N ASP A 242 -4.23 13.92 -39.11
CA ASP A 242 -5.50 13.23 -39.29
C ASP A 242 -6.56 13.89 -38.42
N CYS A 243 -7.61 14.39 -39.05
CA CYS A 243 -8.68 15.04 -38.30
C CYS A 243 -9.49 14.03 -37.51
N TYR A 244 -10.03 14.47 -36.38
CA TYR A 244 -10.80 13.64 -35.48
C TYR A 244 -12.19 14.25 -35.30
N VAL A 245 -13.19 13.39 -35.14
CA VAL A 245 -14.55 13.79 -34.82
C VAL A 245 -14.92 13.20 -33.47
N PHE A 246 -15.29 14.06 -32.54
CA PHE A 246 -15.64 13.64 -31.18
C PHE A 246 -17.15 13.72 -31.03
N GLN A 247 -17.75 12.60 -30.63
CA GLN A 247 -19.16 12.57 -30.26
C GLN A 247 -19.22 12.47 -28.73
N ASN A 248 -19.65 13.54 -28.08
CA ASN A 248 -19.67 13.62 -26.63
C ASN A 248 -21.10 13.58 -26.13
N THR A 249 -21.35 12.77 -25.11
CA THR A 249 -22.64 12.71 -24.44
C THR A 249 -22.44 12.90 -22.95
N ILE A 250 -23.19 13.84 -22.36
CA ILE A 250 -23.21 14.06 -20.93
C ILE A 250 -24.54 13.56 -20.40
N ILE A 251 -24.49 12.56 -19.53
CA ILE A 251 -25.70 11.92 -19.01
C ILE A 251 -25.80 12.27 -17.53
N PHE A 252 -26.89 12.92 -17.15
CA PHE A 252 -27.20 13.19 -15.75
C PHE A 252 -28.18 12.11 -15.29
N ASP A 253 -27.63 11.00 -14.82
CA ASP A 253 -28.38 9.77 -14.58
C ASP A 253 -28.77 9.71 -13.11
N ASN A 254 -30.06 9.59 -12.85
CA ASN A 254 -30.61 9.43 -11.50
C ASN A 254 -31.53 8.20 -11.44
N LYS A 255 -31.19 7.17 -12.21
CA LYS A 255 -32.01 5.96 -12.29
C LYS A 255 -32.23 5.34 -10.91
N ALA A 256 -31.23 5.43 -10.03
CA ALA A 256 -31.34 4.80 -8.71
C ALA A 256 -32.41 5.46 -7.85
N HIS A 257 -32.73 6.73 -8.14
CA HIS A 257 -33.70 7.48 -7.29
C HIS A 257 -33.27 7.39 -5.83
N SER A 258 -31.97 7.58 -5.56
CA SER A 258 -31.45 7.45 -4.18
C SER A 258 -31.00 8.82 -3.63
N GLY A 259 -31.41 9.91 -4.27
CA GLY A 259 -31.07 11.26 -3.78
C GLY A 259 -29.77 11.77 -4.36
N LYS A 260 -29.18 11.03 -5.30
CA LYS A 260 -27.90 11.41 -5.88
C LYS A 260 -27.91 11.05 -7.35
N ILE A 261 -27.62 12.02 -8.21
CA ILE A 261 -27.52 11.76 -9.63
C ILE A 261 -26.04 11.64 -10.00
N LYS A 262 -25.76 10.78 -10.97
CA LYS A 262 -24.40 10.52 -11.41
C LYS A 262 -24.21 11.12 -12.79
N ILE A 263 -23.11 11.83 -12.98
CA ILE A 263 -22.82 12.50 -14.24
C ILE A 263 -21.79 11.69 -15.01
N TYR A 264 -22.19 11.17 -16.17
CA TYR A 264 -21.32 10.37 -17.03
C TYR A 264 -20.90 11.20 -18.23
N PHE A 265 -19.62 11.14 -18.57
CA PHE A 265 -19.10 11.78 -19.78
C PHE A 265 -18.47 10.71 -20.65
N ASP A 266 -18.98 10.58 -21.87
CA ASP A 266 -18.45 9.63 -22.85
C ASP A 266 -18.06 10.39 -24.11
N SER A 267 -16.87 10.10 -24.64
CA SER A 267 -16.33 10.81 -25.80
C SER A 267 -15.89 9.77 -26.84
N ASP A 268 -16.81 9.43 -27.74
CA ASP A 268 -16.48 8.53 -28.84
C ASP A 268 -15.75 9.34 -29.91
N ALA A 269 -14.61 8.81 -30.35
CA ALA A 269 -13.76 9.51 -31.31
C ALA A 269 -13.48 8.60 -32.50
N LYS A 270 -13.38 9.23 -33.68
CA LYS A 270 -13.07 8.51 -34.91
C LYS A 270 -12.33 9.44 -35.84
N ILE A 271 -11.55 8.85 -36.75
CA ILE A 271 -10.74 9.67 -37.70
C ILE A 271 -11.60 10.03 -38.91
N GLU A 272 -11.44 11.24 -39.43
CA GLU A 272 -12.20 11.69 -40.62
C GLU A 272 -11.21 12.38 -41.57
N GLU A 273 -11.58 12.57 -42.83
CA GLU A 273 -10.69 13.25 -43.82
C GLU A 273 -10.55 14.74 -43.45
N CYS A 274 -9.33 15.27 -43.53
CA CYS A 274 -9.09 16.70 -43.20
C CYS A 274 -9.45 17.58 -44.40
N LYS A 275 -10.76 17.72 -44.67
CA LYS A 275 -11.22 18.59 -45.78
C LYS A 275 -10.84 20.04 -45.47
N ASP A 276 -11.22 20.53 -44.29
CA ASP A 276 -10.90 21.93 -43.90
C ASP A 276 -9.50 22.02 -43.27
N LEU A 277 -8.46 21.96 -44.09
CA LEU A 277 -7.07 21.99 -43.56
C LEU A 277 -6.10 22.36 -44.70
N ASN A 278 -5.10 23.20 -44.41
CA ASN A 278 -4.09 23.60 -45.42
C ASN A 278 -2.72 23.74 -44.75
N ILE A 279 -1.89 22.70 -44.83
CA ILE A 279 -0.54 22.74 -44.20
C ILE A 279 0.52 22.45 -45.27
N PHE A 280 1.68 23.12 -45.20
CA PHE A 280 2.79 22.86 -46.14
C PHE A 280 3.37 21.56 -45.57
N GLY A 281 2.99 20.42 -46.15
CA GLY A 281 3.47 19.11 -45.65
C GLY A 281 3.02 18.01 -46.59
N SER A 282 3.63 16.83 -46.48
CA SER A 282 3.29 15.69 -47.39
C SER A 282 2.12 14.88 -46.82
N THR A 283 1.41 14.13 -47.67
CA THR A 283 0.32 13.24 -47.18
C THR A 283 0.92 12.00 -46.57
N GLN A 284 0.04 11.04 -46.24
CA GLN A 284 0.47 9.76 -45.62
C GLN A 284 0.48 8.60 -46.63
N LYS A 285 1.56 7.82 -46.66
CA LYS A 285 1.61 6.61 -47.52
C LYS A 285 1.99 5.45 -46.59
N ASN A 286 2.36 5.77 -45.35
CA ASN A 286 2.80 4.74 -44.38
C ASN A 286 1.74 3.64 -44.29
N ALA A 287 0.48 3.93 -44.64
CA ALA A 287 -0.52 2.85 -44.66
C ALA A 287 0.05 1.71 -45.49
N GLN A 288 0.31 1.96 -46.78
CA GLN A 288 0.90 0.94 -47.68
C GLN A 288 2.33 0.61 -47.22
N TYR A 289 3.03 1.57 -46.59
CA TYR A 289 4.38 1.24 -46.07
C TYR A 289 4.30 0.02 -45.15
N VAL A 290 3.34 0.01 -44.22
CA VAL A 290 3.25 -1.10 -43.22
C VAL A 290 2.48 -2.27 -43.88
N LEU A 291 1.64 -1.95 -44.86
CA LEU A 291 0.83 -3.00 -45.53
C LEU A 291 1.75 -4.07 -46.13
N VAL A 292 3.00 -3.73 -46.48
CA VAL A 292 3.81 -4.82 -47.01
C VAL A 292 4.44 -5.63 -45.88
N PHE A 293 4.80 -4.96 -44.78
CA PHE A 293 5.42 -5.66 -43.66
C PHE A 293 4.47 -6.69 -43.05
N ASP A 294 3.19 -6.32 -42.93
CA ASP A 294 2.20 -7.27 -42.42
C ASP A 294 2.01 -8.44 -43.39
N ALA A 295 2.03 -8.16 -44.69
CA ALA A 295 1.90 -9.23 -45.68
C ALA A 295 3.08 -10.20 -45.59
N PHE A 296 4.28 -9.67 -45.40
CA PHE A 296 5.46 -10.54 -45.28
C PHE A 296 5.38 -11.40 -44.03
N VAL A 297 4.87 -10.84 -42.92
CA VAL A 297 4.71 -11.63 -41.70
C VAL A 297 3.73 -12.77 -41.93
N ILE A 298 2.64 -12.49 -42.66
CA ILE A 298 1.66 -13.53 -42.97
C ILE A 298 2.29 -14.64 -43.79
N VAL A 299 3.08 -14.26 -44.80
CA VAL A 299 3.72 -15.26 -45.67
C VAL A 299 4.68 -16.12 -44.87
N ILE A 300 5.48 -15.50 -44.00
CA ILE A 300 6.46 -16.24 -43.22
C ILE A 300 5.78 -17.24 -42.30
N CYS A 301 4.71 -16.82 -41.63
CA CYS A 301 4.00 -17.72 -40.73
C CYS A 301 3.19 -18.75 -41.50
N LEU A 302 2.72 -18.40 -42.70
CA LEU A 302 2.07 -19.37 -43.55
C LEU A 302 3.04 -20.47 -43.96
N ALA A 303 4.28 -20.09 -44.29
CA ALA A 303 5.29 -21.08 -44.61
C ALA A 303 5.59 -21.97 -43.42
N SER A 304 5.70 -21.37 -42.23
CA SER A 304 5.96 -22.17 -41.02
C SER A 304 4.78 -23.06 -40.70
N LEU A 305 3.58 -22.68 -41.12
CA LEU A 305 2.39 -23.50 -40.87
C LEU A 305 2.45 -24.80 -41.66
N ILE A 306 2.76 -24.71 -42.97
CA ILE A 306 2.84 -25.90 -43.80
C ILE A 306 4.05 -26.73 -43.43
N LEU A 307 5.17 -26.08 -43.12
CA LEU A 307 6.41 -26.79 -42.82
C LEU A 307 6.25 -27.67 -41.59
N CYS A 308 5.61 -27.16 -40.54
CA CYS A 308 5.37 -27.98 -39.36
C CYS A 308 4.34 -29.07 -39.64
N THR A 309 3.34 -28.77 -40.47
CA THR A 309 2.37 -29.78 -40.86
C THR A 309 3.03 -30.91 -41.65
N ARG A 310 3.93 -30.56 -42.57
CA ARG A 310 4.63 -31.60 -43.33
C ARG A 310 5.50 -32.45 -42.42
N SER A 311 6.16 -31.83 -41.43
CA SER A 311 6.99 -32.60 -40.50
C SER A 311 6.15 -33.58 -39.69
N ILE A 312 4.96 -33.17 -39.28
CA ILE A 312 4.08 -34.07 -38.53
C ILE A 312 3.66 -35.25 -39.39
N VAL A 313 3.35 -35.00 -40.66
CA VAL A 313 2.98 -36.08 -41.56
C VAL A 313 4.14 -37.06 -41.74
N LEU A 314 5.36 -36.54 -41.91
CA LEU A 314 6.53 -37.41 -42.04
C LEU A 314 6.74 -38.24 -40.77
N ALA A 315 6.48 -37.64 -39.61
CA ALA A 315 6.57 -38.38 -38.35
C ALA A 315 5.56 -39.51 -38.32
N LEU A 316 4.33 -39.25 -38.78
CA LEU A 316 3.31 -40.29 -38.83
C LEU A 316 3.70 -41.40 -39.78
N ARG A 317 4.33 -41.04 -40.91
CA ARG A 317 4.80 -42.05 -41.85
C ARG A 317 5.85 -42.95 -41.22
N LEU A 318 6.79 -42.36 -40.46
CA LEU A 318 7.83 -43.16 -39.82
C LEU A 318 7.25 -44.07 -38.75
N ARG A 319 6.26 -43.62 -38.00
CA ARG A 319 5.65 -44.47 -36.98
C ARG A 319 4.96 -45.67 -37.61
N LYS A 320 4.28 -45.46 -38.75
CA LYS A 320 3.67 -46.57 -39.46
C LYS A 320 4.73 -47.56 -39.93
N ARG A 321 5.86 -47.06 -40.43
CA ARG A 321 6.96 -47.93 -40.82
C ARG A 321 7.54 -48.65 -39.62
N PHE A 322 7.67 -47.95 -38.49
CA PHE A 322 8.15 -48.59 -37.27
C PHE A 322 7.17 -49.66 -36.78
N LEU A 323 5.87 -49.38 -36.88
CA LEU A 323 4.87 -50.35 -36.42
C LEU A 323 4.93 -51.64 -37.23
N ASN A 324 5.20 -51.54 -38.53
CA ASN A 324 5.32 -52.74 -39.35
C ASN A 324 6.51 -53.59 -38.95
N PHE A 325 7.55 -52.97 -38.36
CA PHE A 325 8.72 -53.72 -37.93
C PHE A 325 8.46 -54.48 -36.64
N PHE A 326 7.62 -53.93 -35.76
CA PHE A 326 7.33 -54.51 -34.45
C PHE A 326 5.94 -55.15 -34.41
N LEU A 327 5.54 -55.83 -35.49
CA LEU A 327 4.18 -56.36 -35.56
C LEU A 327 3.92 -57.39 -34.47
N TRP A 340 2.55 -39.59 -29.71
CA TRP A 340 2.95 -39.35 -28.29
C TRP A 340 4.47 -39.21 -28.24
N GLU A 341 5.19 -40.20 -28.76
CA GLU A 341 6.68 -40.13 -28.81
C GLU A 341 7.05 -39.67 -30.22
N PHE A 342 6.05 -39.44 -31.07
CA PHE A 342 6.34 -39.10 -32.50
C PHE A 342 5.76 -37.73 -32.82
N ILE A 343 4.72 -37.31 -32.11
CA ILE A 343 4.11 -35.96 -32.33
C ILE A 343 4.75 -34.97 -31.35
N ASN A 344 5.63 -34.09 -31.85
CA ASN A 344 6.31 -33.10 -30.98
C ASN A 344 5.13 -32.28 -30.45
N GLY A 345 5.11 -32.00 -29.14
CA GLY A 345 4.04 -31.18 -28.55
C GLY A 345 4.51 -29.75 -28.77
N TRP A 346 5.69 -29.59 -29.37
CA TRP A 346 6.22 -28.24 -29.68
C TRP A 346 5.91 -27.88 -31.12
N TYR A 347 5.22 -28.75 -31.85
CA TYR A 347 4.78 -28.42 -33.20
C TYR A 347 3.34 -27.90 -33.20
N VAL A 348 2.47 -28.49 -32.37
CA VAL A 348 1.11 -28.00 -32.29
C VAL A 348 1.08 -26.59 -31.70
N LEU A 349 2.00 -26.30 -30.76
CA LEU A 349 2.11 -24.95 -30.22
C LEU A 349 2.54 -23.97 -31.30
N VAL A 350 3.49 -24.38 -32.14
CA VAL A 350 3.93 -23.52 -33.24
C VAL A 350 2.78 -23.28 -34.22
N ILE A 351 1.99 -24.33 -34.49
CA ILE A 351 0.87 -24.19 -35.41
C ILE A 351 -0.17 -23.22 -34.85
N ILE A 352 -0.46 -23.33 -33.55
CA ILE A 352 -1.42 -22.43 -32.92
C ILE A 352 -0.90 -21.00 -32.98
N SER A 353 0.39 -20.80 -32.70
CA SER A 353 0.97 -19.46 -32.75
C SER A 353 0.89 -18.88 -34.17
N ASP A 354 1.14 -19.73 -35.17
CA ASP A 354 1.06 -19.27 -36.56
C ASP A 354 -0.36 -18.84 -36.92
N LEU A 355 -1.35 -19.64 -36.51
CA LEU A 355 -2.74 -19.28 -36.78
C LEU A 355 -3.11 -17.97 -36.11
N MET A 356 -2.72 -17.81 -34.84
CA MET A 356 -3.02 -16.58 -34.12
C MET A 356 -2.35 -15.38 -34.77
N THR A 357 -1.10 -15.55 -35.21
CA THR A 357 -0.39 -14.45 -35.87
C THR A 357 -1.07 -14.06 -37.17
N ILE A 358 -1.49 -15.05 -37.96
CA ILE A 358 -2.16 -14.76 -39.23
C ILE A 358 -3.45 -14.01 -38.99
N ILE A 359 -4.24 -14.49 -38.02
CA ILE A 359 -5.52 -13.83 -37.72
C ILE A 359 -5.28 -12.40 -37.25
N GLY A 360 -4.31 -12.22 -36.35
CA GLY A 360 -4.03 -10.88 -35.84
C GLY A 360 -3.53 -9.94 -36.91
N SER A 361 -2.69 -10.44 -37.83
CA SER A 361 -2.20 -9.60 -38.91
C SER A 361 -3.33 -9.21 -39.86
N ILE A 362 -4.23 -10.15 -40.15
CA ILE A 362 -5.38 -9.82 -40.99
C ILE A 362 -6.24 -8.75 -40.33
N LEU A 363 -6.48 -8.91 -39.02
CA LEU A 363 -7.28 -7.92 -38.29
C LEU A 363 -6.59 -6.55 -38.29
N LYS A 364 -5.27 -6.54 -38.11
CA LYS A 364 -4.53 -5.28 -38.11
C LYS A 364 -4.60 -4.61 -39.48
N MET A 365 -4.48 -5.40 -40.55
CA MET A 365 -4.58 -4.86 -41.89
C MET A 365 -5.96 -4.28 -42.15
N GLU A 366 -7.01 -4.98 -41.69
CA GLU A 366 -8.37 -4.47 -41.84
C GLU A 366 -8.56 -3.17 -41.06
N ILE A 367 -8.02 -3.11 -39.84
CA ILE A 367 -8.14 -1.91 -39.02
C ILE A 367 -7.44 -0.73 -39.69
N LYS A 368 -6.24 -0.97 -40.22
CA LYS A 368 -5.50 0.11 -40.86
C LYS A 368 -6.17 0.57 -42.14
N ALA A 369 -6.72 -0.36 -42.91
CA ALA A 369 -7.36 -0.01 -44.17
C ALA A 369 -8.59 0.86 -43.95
N LYS A 370 -9.40 0.55 -42.93
CA LYS A 370 -10.63 1.27 -42.66
C LYS A 370 -10.45 2.39 -41.65
N ASN A 371 -9.21 2.67 -41.24
CA ASN A 371 -8.90 3.76 -40.32
C ASN A 371 -9.69 3.64 -39.01
N LEU A 372 -9.80 2.41 -38.51
CA LEU A 372 -10.48 2.18 -37.25
C LEU A 372 -9.60 2.57 -36.07
N THR A 373 -10.26 2.87 -34.94
CA THR A 373 -9.56 3.33 -33.74
C THR A 373 -9.69 2.34 -32.59
N ASN A 374 -10.26 1.16 -32.82
CA ASN A 374 -10.43 0.14 -31.75
C ASN A 374 -9.53 -1.07 -32.02
N TYR A 375 -8.55 -1.31 -31.14
CA TYR A 375 -7.60 -2.44 -31.34
C TYR A 375 -7.55 -3.33 -30.12
N ASP A 376 -8.62 -4.10 -29.88
CA ASP A 376 -8.68 -4.98 -28.68
C ASP A 376 -8.59 -6.46 -29.06
N LEU A 377 -9.32 -6.91 -30.10
CA LEU A 377 -9.16 -8.31 -30.46
C LEU A 377 -7.81 -8.56 -31.13
N CYS A 378 -7.40 -7.65 -32.02
CA CYS A 378 -6.13 -7.81 -32.73
C CYS A 378 -4.96 -7.79 -31.76
N SER A 379 -5.02 -6.89 -30.78
CA SER A 379 -3.96 -6.81 -29.78
C SER A 379 -3.87 -8.11 -28.97
N ILE A 380 -5.02 -8.68 -28.60
CA ILE A 380 -5.02 -9.93 -27.86
C ILE A 380 -4.42 -11.05 -28.68
N PHE A 381 -4.81 -11.14 -29.96
CA PHE A 381 -4.27 -12.16 -30.83
C PHE A 381 -2.76 -12.03 -30.97
N LEU A 382 -2.28 -10.82 -31.22
CA LEU A 382 -0.84 -10.60 -31.40
C LEU A 382 -0.06 -10.91 -30.13
N GLY A 383 -0.60 -10.50 -28.98
CA GLY A 383 0.10 -10.77 -27.73
C GLY A 383 0.19 -12.26 -27.42
N THR A 384 -0.92 -12.98 -27.60
CA THR A 384 -0.87 -14.42 -27.37
C THR A 384 0.08 -15.10 -28.35
N SER A 385 0.08 -14.66 -29.61
CA SER A 385 0.99 -15.23 -30.58
C SER A 385 2.44 -15.00 -30.19
N THR A 386 2.78 -13.80 -29.72
CA THR A 386 4.14 -13.52 -29.31
C THR A 386 4.54 -14.36 -28.10
N LEU A 387 3.62 -14.53 -27.15
CA LEU A 387 3.91 -15.37 -25.99
C LEU A 387 4.21 -16.80 -26.40
N LEU A 388 3.39 -17.36 -27.28
CA LEU A 388 3.63 -18.71 -27.77
C LEU A 388 4.93 -18.80 -28.56
N VAL A 389 5.28 -17.75 -29.30
CA VAL A 389 6.54 -17.72 -30.04
C VAL A 389 7.71 -17.81 -29.08
N TRP A 390 7.66 -17.07 -27.97
CA TRP A 390 8.77 -17.13 -27.02
C TRP A 390 8.82 -18.47 -26.28
N VAL A 391 7.73 -19.22 -26.12
CA VAL A 391 7.90 -20.55 -25.45
C VAL A 391 8.67 -21.52 -26.40
N GLY A 392 8.62 -21.27 -27.71
CA GLY A 392 9.39 -22.11 -28.65
C GLY A 392 10.87 -21.85 -28.52
N VAL A 393 11.24 -20.66 -28.06
CA VAL A 393 12.67 -20.36 -27.81
C VAL A 393 13.10 -21.29 -26.66
N ILE A 394 12.28 -21.40 -25.61
CA ILE A 394 12.55 -22.38 -24.53
C ILE A 394 12.77 -23.72 -25.22
N ARG A 395 11.82 -24.16 -26.05
CA ARG A 395 12.00 -25.50 -26.65
C ARG A 395 13.39 -25.61 -27.29
N TYR A 396 13.76 -24.69 -28.18
CA TYR A 396 15.07 -24.81 -28.90
C TYR A 396 16.24 -24.81 -27.92
N LEU A 397 16.28 -23.88 -26.97
CA LEU A 397 17.39 -23.77 -25.98
C LEU A 397 17.53 -25.11 -25.26
N GLY A 398 16.40 -25.70 -24.89
CA GLY A 398 16.44 -26.98 -24.16
C GLY A 398 17.19 -28.04 -24.92
N TYR A 399 17.64 -27.78 -26.14
CA TYR A 399 18.31 -28.87 -26.91
C TYR A 399 19.60 -29.23 -26.21
N PHE A 400 20.07 -28.37 -25.29
CA PHE A 400 21.38 -28.59 -24.60
C PHE A 400 21.31 -29.89 -23.78
N GLN A 401 20.12 -30.30 -23.34
CA GLN A 401 19.94 -31.58 -22.60
C GLN A 401 20.51 -31.48 -21.18
N ALA A 402 20.96 -30.30 -20.75
CA ALA A 402 21.42 -30.14 -19.36
C ALA A 402 20.26 -29.59 -18.53
N TYR A 403 19.03 -29.92 -18.93
CA TYR A 403 17.83 -29.37 -18.24
C TYR A 403 17.01 -30.47 -17.56
N ASN A 404 17.47 -31.73 -17.67
CA ASN A 404 16.72 -32.97 -17.27
C ASN A 404 16.05 -33.04 -15.89
N VAL A 405 16.78 -32.93 -14.80
CA VAL A 405 16.13 -33.16 -13.46
C VAL A 405 14.88 -32.27 -13.34
N LEU A 406 14.98 -31.02 -13.76
CA LEU A 406 13.84 -30.07 -13.65
C LEU A 406 12.64 -30.63 -14.44
N ILE A 407 12.84 -30.90 -15.73
CA ILE A 407 11.76 -31.49 -16.59
C ILE A 407 11.15 -32.70 -15.88
N LEU A 408 11.99 -33.60 -15.34
CA LEU A 408 11.48 -34.82 -14.68
C LEU A 408 10.47 -34.43 -13.58
N THR A 409 10.91 -33.64 -12.59
CA THR A 409 10.04 -33.19 -11.49
C THR A 409 8.79 -32.56 -12.08
N MET A 410 8.93 -31.77 -13.14
CA MET A 410 7.74 -31.04 -13.69
C MET A 410 6.71 -32.06 -14.19
N GLN A 411 7.12 -33.26 -14.59
CA GLN A 411 6.19 -34.30 -15.01
C GLN A 411 5.72 -35.15 -13.83
N ALA A 412 6.62 -35.40 -12.87
CA ALA A 412 6.23 -36.19 -11.70
C ALA A 412 5.28 -35.42 -10.81
N SER A 413 5.52 -34.12 -10.62
CA SER A 413 4.72 -33.34 -9.69
C SER A 413 3.39 -32.90 -10.28
N LEU A 414 3.28 -32.84 -11.61
CA LEU A 414 2.06 -32.31 -12.22
C LEU A 414 0.79 -33.02 -11.76
N PRO A 415 0.73 -34.37 -11.79
CA PRO A 415 -0.47 -35.03 -11.25
C PRO A 415 -0.73 -34.73 -9.78
N LYS A 416 0.32 -34.68 -8.96
CA LYS A 416 0.16 -34.44 -7.53
C LYS A 416 -0.36 -33.04 -7.27
N VAL A 417 0.21 -32.04 -7.95
CA VAL A 417 -0.27 -30.67 -7.81
C VAL A 417 -1.69 -30.53 -8.33
N LEU A 418 -2.02 -31.18 -9.46
CA LEU A 418 -3.38 -31.10 -9.99
C LEU A 418 -4.38 -31.71 -9.02
N ARG A 419 -4.00 -32.82 -8.37
CA ARG A 419 -4.86 -33.39 -7.33
C ARG A 419 -5.01 -32.45 -6.15
N PHE A 420 -3.91 -31.81 -5.73
CA PHE A 420 -3.97 -30.89 -4.60
C PHE A 420 -4.84 -29.68 -4.92
N CYS A 421 -4.71 -29.15 -6.14
CA CYS A 421 -5.50 -27.98 -6.52
C CYS A 421 -6.99 -28.30 -6.55
N ALA A 422 -7.35 -29.51 -6.97
CA ALA A 422 -8.75 -29.91 -6.97
C ALA A 422 -9.32 -29.93 -5.56
N CYS A 423 -8.54 -30.43 -4.60
CA CYS A 423 -8.99 -30.42 -3.21
C CYS A 423 -9.02 -29.01 -2.64
N ALA A 424 -7.94 -28.25 -2.81
CA ALA A 424 -7.89 -26.89 -2.25
C ALA A 424 -8.93 -26.00 -2.92
N GLY A 425 -9.27 -26.29 -4.17
CA GLY A 425 -10.27 -25.49 -4.87
C GLY A 425 -11.64 -25.54 -4.25
N MET A 426 -12.04 -26.69 -3.71
CA MET A 426 -13.37 -26.79 -3.12
C MET A 426 -13.47 -26.04 -1.79
N ILE A 427 -12.42 -26.07 -0.99
CA ILE A 427 -12.36 -25.20 0.18
C ILE A 427 -12.36 -23.73 -0.23
N TYR A 428 -11.60 -23.39 -1.27
CA TYR A 428 -11.51 -22.01 -1.73
C TYR A 428 -12.87 -21.49 -2.18
N LEU A 429 -13.64 -22.32 -2.90
CA LEU A 429 -14.96 -21.91 -3.38
C LEU A 429 -15.92 -21.68 -2.20
N GLY A 430 -15.92 -22.60 -1.23
CA GLY A 430 -16.79 -22.43 -0.08
C GLY A 430 -16.44 -21.20 0.72
N TYR A 431 -15.15 -20.94 0.90
CA TYR A 431 -14.72 -19.74 1.61
C TYR A 431 -15.13 -18.49 0.84
N THR A 432 -15.03 -18.53 -0.49
CA THR A 432 -15.47 -17.43 -1.33
C THR A 432 -16.94 -17.12 -1.12
N PHE A 433 -17.79 -18.16 -1.17
CA PHE A 433 -19.22 -17.96 -0.98
C PHE A 433 -19.53 -17.42 0.41
N CYS A 434 -18.91 -17.98 1.45
CA CYS A 434 -19.17 -17.53 2.80
C CYS A 434 -18.74 -16.08 2.99
N GLY A 435 -17.55 -15.72 2.48
CA GLY A 435 -17.09 -14.35 2.59
C GLY A 435 -17.99 -13.37 1.87
N TRP A 436 -18.44 -13.74 0.66
CA TRP A 436 -19.31 -12.83 -0.09
C TRP A 436 -20.66 -12.67 0.61
N ILE A 437 -21.19 -13.74 1.21
CA ILE A 437 -22.50 -13.62 1.82
C ILE A 437 -22.44 -12.89 3.16
N VAL A 438 -21.34 -13.02 3.90
CA VAL A 438 -21.25 -12.44 5.24
C VAL A 438 -20.60 -11.06 5.22
N LEU A 439 -19.38 -10.96 4.71
CA LEU A 439 -18.65 -9.71 4.67
C LEU A 439 -18.94 -8.89 3.42
N GLY A 440 -19.94 -9.29 2.65
CA GLY A 440 -20.29 -8.55 1.43
C GLY A 440 -20.63 -7.11 1.74
N PRO A 441 -21.64 -6.83 2.59
CA PRO A 441 -22.10 -5.43 2.86
C PRO A 441 -21.17 -4.64 3.77
N TYR A 442 -20.16 -5.27 4.37
CA TYR A 442 -19.28 -4.55 5.34
C TYR A 442 -17.82 -4.42 4.93
N HIS A 443 -17.43 -5.05 3.82
CA HIS A 443 -16.04 -4.98 3.38
C HIS A 443 -16.02 -4.64 1.90
N ASP A 444 -15.13 -3.73 1.51
CA ASP A 444 -15.00 -3.34 0.11
C ASP A 444 -14.31 -4.40 -0.74
N LYS A 445 -13.54 -5.30 -0.12
CA LYS A 445 -12.87 -6.38 -0.83
C LYS A 445 -13.72 -7.62 -0.94
N PHE A 446 -14.97 -7.57 -0.45
CA PHE A 446 -15.87 -8.71 -0.49
C PHE A 446 -17.23 -8.35 -1.10
N GLU A 447 -17.28 -7.31 -1.92
CA GLU A 447 -18.57 -6.81 -2.39
C GLU A 447 -19.23 -7.79 -3.36
N ASN A 448 -18.46 -8.36 -4.29
CA ASN A 448 -19.00 -9.32 -5.24
C ASN A 448 -18.09 -10.54 -5.30
N LEU A 449 -18.60 -11.60 -5.93
CA LEU A 449 -17.92 -12.89 -5.90
C LEU A 449 -16.53 -12.84 -6.53
N ASN A 450 -16.40 -12.13 -7.65
CA ASN A 450 -15.11 -12.03 -8.32
C ASN A 450 -14.08 -11.33 -7.43
N THR A 451 -14.51 -10.25 -6.77
CA THR A 451 -13.61 -9.54 -5.85
C THR A 451 -13.22 -10.43 -4.68
N VAL A 452 -14.17 -11.23 -4.18
CA VAL A 452 -13.86 -12.15 -3.09
C VAL A 452 -12.82 -13.17 -3.55
N ALA A 453 -12.98 -13.69 -4.76
CA ALA A 453 -12.03 -14.67 -5.27
C ALA A 453 -10.64 -14.07 -5.40
N GLU A 454 -10.54 -12.85 -5.94
CA GLU A 454 -9.25 -12.20 -6.08
C GLU A 454 -8.62 -11.92 -4.72
N CYS A 455 -9.42 -11.46 -3.76
CA CYS A 455 -8.91 -11.17 -2.42
C CYS A 455 -8.40 -12.44 -1.75
N LEU A 456 -9.13 -13.55 -1.90
CA LEU A 456 -8.70 -14.79 -1.28
C LEU A 456 -7.45 -15.33 -1.95
N PHE A 457 -7.34 -15.19 -3.26
CA PHE A 457 -6.11 -15.59 -3.94
C PHE A 457 -4.91 -14.78 -3.44
N SER A 458 -5.09 -13.47 -3.30
CA SER A 458 -4.01 -12.63 -2.77
C SER A 458 -3.65 -13.02 -1.34
N LEU A 459 -4.65 -13.31 -0.51
CA LEU A 459 -4.39 -13.73 0.86
C LEU A 459 -3.62 -15.05 0.88
N VAL A 460 -3.99 -16.00 0.02
CA VAL A 460 -3.25 -17.25 -0.08
C VAL A 460 -1.80 -16.97 -0.44
N ASN A 461 -1.49 -15.95 -1.23
CA ASN A 461 -0.10 -15.67 -1.68
C ASN A 461 0.59 -14.61 -0.80
N GLY A 462 0.06 -14.30 0.38
CA GLY A 462 0.70 -13.38 1.34
C GLY A 462 0.51 -11.90 1.09
N ASP A 463 -0.56 -11.48 0.41
CA ASP A 463 -0.69 -10.05 0.02
C ASP A 463 -1.83 -9.31 0.71
N ASP A 464 -1.57 -8.12 1.22
CA ASP A 464 -2.60 -7.22 1.81
C ASP A 464 -3.49 -7.89 2.85
N MET A 465 -2.95 -8.70 3.76
CA MET A 465 -3.78 -9.26 4.81
C MET A 465 -4.11 -8.23 5.90
N PHE A 466 -3.15 -7.38 6.26
CA PHE A 466 -3.43 -6.40 7.30
C PHE A 466 -4.51 -5.42 6.85
N ALA A 467 -4.48 -5.02 5.58
CA ALA A 467 -5.55 -4.19 5.05
C ALA A 467 -6.89 -4.92 5.10
N THR A 468 -6.88 -6.22 4.81
CA THR A 468 -8.11 -7.01 4.90
C THR A 468 -8.66 -7.01 6.31
N PHE A 469 -7.79 -7.15 7.31
CA PHE A 469 -8.23 -7.11 8.70
C PHE A 469 -8.76 -5.72 9.06
N ALA A 470 -8.08 -4.67 8.59
CA ALA A 470 -8.40 -3.33 9.06
C ALA A 470 -9.67 -2.78 8.42
N GLN A 471 -9.88 -3.03 7.13
CA GLN A 471 -11.01 -2.38 6.40
C GLN A 471 -12.38 -2.98 6.74
N ILE A 472 -12.52 -3.62 7.90
CA ILE A 472 -13.87 -4.11 8.30
C ILE A 472 -14.53 -3.04 9.17
N GLN A 473 -15.86 -3.07 9.28
CA GLN A 473 -16.60 -2.08 10.09
C GLN A 473 -17.02 -2.70 11.43
N GLN A 474 -16.57 -2.13 12.55
CA GLN A 474 -16.94 -2.65 13.86
C GLN A 474 -18.34 -2.23 14.30
N LYS A 475 -19.14 -1.67 13.39
CA LYS A 475 -20.49 -1.25 13.76
C LYS A 475 -21.35 -2.44 14.15
N SER A 476 -21.02 -3.63 13.63
CA SER A 476 -21.71 -4.86 13.98
C SER A 476 -20.71 -5.77 14.69
N ILE A 477 -20.97 -6.05 15.97
CA ILE A 477 -20.04 -6.88 16.74
C ILE A 477 -20.09 -8.33 16.29
N LEU A 478 -21.26 -8.78 15.79
CA LEU A 478 -21.38 -10.16 15.35
C LEU A 478 -20.59 -10.40 14.07
N VAL A 479 -20.69 -9.48 13.12
CA VAL A 479 -19.95 -9.63 11.86
C VAL A 479 -18.46 -9.45 12.10
N TRP A 480 -18.09 -8.50 12.95
CA TRP A 480 -16.67 -8.26 13.23
C TRP A 480 -16.02 -9.49 13.85
N LEU A 481 -16.69 -10.12 14.81
CA LEU A 481 -16.15 -11.32 15.43
C LEU A 481 -16.02 -12.45 14.41
N PHE A 482 -17.02 -12.61 13.55
CA PHE A 482 -16.97 -13.65 12.53
C PHE A 482 -15.83 -13.42 11.56
N SER A 483 -15.58 -12.16 11.21
CA SER A 483 -14.52 -11.86 10.23
C SER A 483 -13.16 -12.29 10.76
N ARG A 484 -12.90 -12.07 12.05
CA ARG A 484 -11.63 -12.50 12.64
C ARG A 484 -11.50 -14.03 12.58
N LEU A 485 -12.59 -14.74 12.90
CA LEU A 485 -12.57 -16.19 12.79
C LEU A 485 -12.45 -16.62 11.33
N TYR A 486 -13.11 -15.90 10.42
CA TYR A 486 -13.06 -16.23 9.00
C TYR A 486 -11.65 -16.04 8.44
N LEU A 487 -11.03 -14.91 8.76
CA LEU A 487 -9.72 -14.60 8.19
C LEU A 487 -8.62 -15.45 8.80
N TYR A 488 -8.66 -15.64 10.12
CA TYR A 488 -7.63 -16.41 10.81
C TYR A 488 -7.65 -17.87 10.36
N SER A 489 -8.84 -18.45 10.25
CA SER A 489 -8.95 -19.86 9.87
C SER A 489 -8.52 -20.07 8.43
N PHE A 490 -8.88 -19.15 7.54
CA PHE A 490 -8.55 -19.31 6.12
C PHE A 490 -7.05 -19.26 5.89
N ILE A 491 -6.38 -18.28 6.51
CA ILE A 491 -4.93 -18.13 6.32
C ILE A 491 -4.19 -19.31 6.94
N SER A 492 -4.59 -19.71 8.14
CA SER A 492 -3.94 -20.82 8.82
C SER A 492 -4.14 -22.13 8.07
N LEU A 493 -5.35 -22.36 7.56
CA LEU A 493 -5.64 -23.62 6.89
C LEU A 493 -4.84 -23.77 5.60
N PHE A 494 -4.79 -22.71 4.79
CA PHE A 494 -4.12 -22.81 3.50
C PHE A 494 -2.61 -22.85 3.66
N ILE A 495 -2.09 -22.21 4.71
CA ILE A 495 -0.65 -22.34 5.01
C ILE A 495 -0.32 -23.78 5.36
N TYR A 496 -1.17 -24.41 6.18
CA TYR A 496 -0.93 -25.81 6.56
C TYR A 496 -1.08 -26.74 5.37
N MET A 497 -2.07 -26.50 4.51
CA MET A 497 -2.26 -27.36 3.35
C MET A 497 -1.08 -27.26 2.38
N ILE A 498 -0.58 -26.05 2.17
CA ILE A 498 0.64 -25.88 1.38
C ILE A 498 1.84 -26.48 2.11
N LEU A 499 1.82 -26.43 3.45
CA LEU A 499 2.92 -27.10 4.20
C LEU A 499 2.88 -28.60 3.93
N SER A 500 1.75 -29.25 4.23
CA SER A 500 1.64 -30.72 4.05
C SER A 500 1.95 -31.12 2.61
N LEU A 501 1.73 -30.24 1.63
CA LEU A 501 2.04 -30.51 0.19
C LEU A 501 3.55 -30.57 -0.09
N PHE A 502 4.31 -29.53 0.23
CA PHE A 502 5.76 -29.50 -0.11
C PHE A 502 6.43 -30.73 0.44
N ILE A 503 6.22 -31.04 1.72
CA ILE A 503 6.87 -32.22 2.38
C ILE A 503 6.52 -33.49 1.59
N ALA A 504 5.27 -33.72 1.23
CA ALA A 504 4.87 -34.90 0.44
C ALA A 504 5.59 -34.92 -0.90
N LEU A 505 5.56 -33.82 -1.64
CA LEU A 505 6.22 -33.73 -2.95
C LEU A 505 7.67 -34.16 -2.78
N ILE A 506 8.35 -33.63 -1.77
CA ILE A 506 9.78 -33.96 -1.54
C ILE A 506 9.99 -35.44 -1.21
N THR A 507 9.22 -35.98 -0.27
CA THR A 507 9.34 -37.40 0.09
C THR A 507 9.15 -38.25 -1.13
N ASP A 508 8.24 -37.87 -2.04
CA ASP A 508 8.00 -38.79 -3.19
C ASP A 508 9.07 -38.60 -4.26
N SER A 509 9.61 -37.39 -4.40
CA SER A 509 10.61 -37.13 -5.46
C SER A 509 11.86 -37.94 -5.15
N TYR A 510 11.96 -38.47 -3.94
CA TYR A 510 13.08 -39.34 -3.62
C TYR A 510 12.81 -40.78 -4.02
N ASP A 511 11.57 -41.23 -3.81
CA ASP A 511 11.18 -42.60 -4.17
C ASP A 511 11.32 -42.83 -5.68
N THR A 512 10.93 -41.83 -6.47
CA THR A 512 10.95 -41.97 -7.92
C THR A 512 12.35 -41.90 -8.52
N ILE A 513 13.25 -41.11 -7.94
CA ILE A 513 14.59 -40.94 -8.48
C ILE A 513 15.60 -41.85 -7.80
N LYS A 514 15.54 -41.96 -6.48
CA LYS A 514 16.45 -42.84 -5.76
C LYS A 514 15.87 -44.25 -5.65
N LEU B 41 -20.95 -61.93 7.98
CA LEU B 41 -20.36 -60.74 8.57
C LEU B 41 -19.27 -60.16 7.68
N ARG B 42 -18.44 -61.00 7.09
CA ARG B 42 -17.37 -60.51 6.21
C ARG B 42 -17.95 -59.86 4.96
N GLU B 43 -19.04 -60.41 4.42
CA GLU B 43 -19.70 -59.79 3.28
C GLU B 43 -20.24 -58.41 3.63
N ASP B 44 -20.87 -58.29 4.81
CA ASP B 44 -21.41 -57.00 5.22
C ASP B 44 -20.29 -55.98 5.44
N LEU B 45 -19.19 -56.41 6.06
CA LEU B 45 -18.07 -55.48 6.29
C LEU B 45 -17.48 -54.97 4.98
N LYS B 46 -17.34 -55.86 4.00
CA LYS B 46 -16.83 -55.43 2.69
C LYS B 46 -17.81 -54.48 2.01
N PHE B 47 -19.11 -54.71 2.18
CA PHE B 47 -20.11 -53.84 1.57
C PHE B 47 -20.10 -52.46 2.21
N TYR B 48 -19.96 -52.37 3.54
CA TYR B 48 -19.98 -51.08 4.21
C TYR B 48 -18.77 -50.23 3.86
N PHE B 49 -17.62 -50.84 3.61
CA PHE B 49 -16.41 -50.11 3.22
C PHE B 49 -16.36 -49.81 1.73
N MET B 50 -17.30 -50.33 0.96
CA MET B 50 -17.23 -50.22 -0.49
C MET B 50 -17.80 -48.88 -0.95
N SER B 51 -17.24 -48.35 -2.06
CA SER B 51 -17.67 -47.06 -2.58
C SER B 51 -18.97 -47.21 -3.36
N PRO B 52 -19.86 -46.20 -3.34
CA PRO B 52 -21.17 -46.34 -3.99
C PRO B 52 -21.10 -46.65 -5.48
N CYS B 53 -20.14 -46.05 -6.19
CA CYS B 53 -20.01 -46.32 -7.61
C CYS B 53 -19.70 -47.78 -7.87
N GLU B 54 -18.76 -48.34 -7.09
CA GLU B 54 -18.48 -49.77 -7.22
C GLU B 54 -19.62 -50.61 -6.65
N LYS B 55 -20.40 -50.07 -5.73
CA LYS B 55 -21.62 -50.77 -5.28
C LYS B 55 -22.58 -50.97 -6.45
N TYR B 56 -22.78 -49.93 -7.26
CA TYR B 56 -23.59 -50.08 -8.45
C TYR B 56 -22.90 -50.94 -9.51
N ARG B 57 -21.56 -50.88 -9.56
CA ARG B 57 -20.83 -51.67 -10.56
C ARG B 57 -20.93 -53.16 -10.27
N ALA B 58 -21.02 -53.54 -8.99
CA ALA B 58 -21.00 -54.94 -8.59
C ALA B 58 -22.37 -55.40 -8.10
N ARG B 59 -22.94 -54.73 -7.10
CA ARG B 59 -24.22 -55.12 -6.52
C ARG B 59 -25.40 -54.47 -7.22
N ARG B 60 -25.16 -53.50 -8.11
CA ARG B 60 -26.22 -52.76 -8.80
C ARG B 60 -27.12 -52.04 -7.81
N GLN B 61 -26.53 -51.47 -6.77
CA GLN B 61 -27.27 -50.66 -5.81
C GLN B 61 -27.24 -49.21 -6.28
N ILE B 62 -28.41 -48.65 -6.55
CA ILE B 62 -28.53 -47.28 -7.03
C ILE B 62 -28.10 -46.33 -5.92
N PRO B 63 -27.13 -45.45 -6.17
CA PRO B 63 -26.71 -44.50 -5.12
C PRO B 63 -27.61 -43.28 -5.04
N TRP B 64 -28.85 -43.46 -4.55
CA TRP B 64 -29.75 -42.33 -4.41
C TRP B 64 -29.25 -41.34 -3.36
N LYS B 65 -28.44 -41.81 -2.41
CA LYS B 65 -27.87 -40.91 -1.41
C LYS B 65 -26.93 -39.89 -2.03
N LEU B 66 -26.10 -40.34 -2.98
CA LEU B 66 -25.19 -39.42 -3.67
C LEU B 66 -25.97 -38.38 -4.46
N GLY B 67 -27.02 -38.81 -5.17
CA GLY B 67 -27.85 -37.86 -5.91
C GLY B 67 -28.54 -36.87 -4.99
N LEU B 68 -29.02 -37.34 -3.84
CA LEU B 68 -29.63 -36.44 -2.87
C LEU B 68 -28.62 -35.42 -2.35
N GLN B 69 -27.39 -35.86 -2.10
CA GLN B 69 -26.35 -34.93 -1.66
C GLN B 69 -26.07 -33.88 -2.72
N ILE B 70 -25.95 -34.30 -3.98
CA ILE B 70 -25.67 -33.36 -5.06
C ILE B 70 -26.81 -32.36 -5.20
N LEU B 71 -28.05 -32.84 -5.12
CA LEU B 71 -29.20 -31.96 -5.17
C LEU B 71 -29.17 -30.96 -4.02
N LYS B 72 -28.82 -31.42 -2.82
CA LYS B 72 -28.73 -30.53 -1.67
C LYS B 72 -27.68 -29.44 -1.89
N ILE B 73 -26.53 -29.83 -2.46
CA ILE B 73 -25.47 -28.86 -2.73
C ILE B 73 -25.98 -27.79 -3.70
N VAL B 74 -26.64 -28.23 -4.77
CA VAL B 74 -27.13 -27.29 -5.78
C VAL B 74 -28.15 -26.33 -5.18
N MET B 75 -29.11 -26.87 -4.41
CA MET B 75 -30.14 -26.02 -3.82
C MET B 75 -29.55 -25.02 -2.83
N VAL B 76 -28.60 -25.48 -2.00
CA VAL B 76 -28.00 -24.58 -1.02
C VAL B 76 -27.26 -23.44 -1.71
N THR B 77 -26.47 -23.77 -2.74
CA THR B 77 -25.74 -22.73 -3.45
C THR B 77 -26.68 -21.74 -4.12
N THR B 78 -27.74 -22.25 -4.76
CA THR B 78 -28.70 -21.36 -5.43
C THR B 78 -29.38 -20.43 -4.42
N GLN B 79 -29.80 -20.98 -3.28
CA GLN B 79 -30.45 -20.18 -2.25
C GLN B 79 -29.50 -19.09 -1.74
N LEU B 80 -28.24 -19.45 -1.51
CA LEU B 80 -27.27 -18.46 -1.05
C LEU B 80 -27.11 -17.33 -2.07
N VAL B 81 -27.02 -17.68 -3.36
CA VAL B 81 -26.83 -16.65 -4.38
C VAL B 81 -28.03 -15.71 -4.44
N ARG B 82 -29.24 -16.28 -4.41
CA ARG B 82 -30.44 -15.44 -4.46
C ARG B 82 -30.50 -14.50 -3.26
N PHE B 83 -30.23 -15.04 -2.07
CA PHE B 83 -30.26 -14.23 -0.86
C PHE B 83 -29.23 -13.11 -0.94
N GLY B 84 -28.03 -13.42 -1.44
CA GLY B 84 -27.00 -12.41 -1.57
C GLY B 84 -27.39 -11.29 -2.51
N LEU B 85 -28.00 -11.64 -3.65
CA LEU B 85 -28.41 -10.61 -4.60
C LEU B 85 -29.49 -9.70 -4.01
N SER B 86 -30.49 -10.28 -3.35
CA SER B 86 -31.54 -9.47 -2.76
C SER B 86 -30.99 -8.54 -1.68
N ASN B 87 -30.13 -9.08 -0.81
CA ASN B 87 -29.51 -8.26 0.21
C ASN B 87 -28.65 -7.16 -0.39
N GLN B 88 -27.95 -7.46 -1.49
CA GLN B 88 -27.14 -6.45 -2.14
C GLN B 88 -28.00 -5.28 -2.61
N LEU B 89 -29.13 -5.57 -3.25
CA LEU B 89 -30.01 -4.49 -3.71
C LEU B 89 -30.50 -3.64 -2.54
N VAL B 90 -31.03 -4.29 -1.49
CA VAL B 90 -31.61 -3.54 -0.38
C VAL B 90 -30.53 -2.70 0.32
N VAL B 91 -29.38 -3.30 0.61
CA VAL B 91 -28.31 -2.60 1.31
C VAL B 91 -27.80 -1.43 0.47
N ALA B 92 -27.65 -1.62 -0.84
CA ALA B 92 -27.19 -0.54 -1.69
C ALA B 92 -28.15 0.64 -1.65
N PHE B 93 -29.46 0.36 -1.72
CA PHE B 93 -30.44 1.45 -1.66
C PHE B 93 -30.31 2.20 -0.33
N LYS B 94 -30.25 1.46 0.78
CA LYS B 94 -30.19 2.13 2.08
C LYS B 94 -28.92 2.96 2.24
N GLU B 95 -27.78 2.41 1.82
CA GLU B 95 -26.52 3.15 1.95
C GLU B 95 -26.49 4.39 1.07
N ASP B 96 -27.03 4.29 -0.15
CA ASP B 96 -27.10 5.47 -1.01
C ASP B 96 -27.97 6.55 -0.39
N ASN B 97 -29.11 6.17 0.18
CA ASN B 97 -29.96 7.15 0.85
C ASN B 97 -29.25 7.79 2.04
N THR B 98 -28.49 6.98 2.80
CA THR B 98 -27.75 7.53 3.93
C THR B 98 -26.70 8.53 3.47
N VAL B 99 -26.00 8.22 2.39
CA VAL B 99 -25.00 9.14 1.86
C VAL B 99 -25.66 10.45 1.42
N ALA B 100 -26.80 10.35 0.74
CA ALA B 100 -27.51 11.55 0.33
C ALA B 100 -27.94 12.38 1.53
N PHE B 101 -28.43 11.73 2.59
CA PHE B 101 -28.81 12.46 3.80
C PHE B 101 -27.62 13.16 4.43
N LYS B 102 -26.47 12.48 4.49
CA LYS B 102 -25.28 13.10 5.05
C LYS B 102 -24.86 14.32 4.25
N HIS B 103 -24.95 14.24 2.92
CA HIS B 103 -24.63 15.40 2.09
C HIS B 103 -25.63 16.53 2.32
N LEU B 104 -26.90 16.19 2.51
CA LEU B 104 -27.93 17.22 2.65
C LEU B 104 -27.84 17.96 3.98
N PHE B 105 -27.65 17.22 5.08
CA PHE B 105 -27.88 17.81 6.40
C PHE B 105 -26.59 18.19 7.12
N LEU B 106 -25.47 17.55 6.80
CA LEU B 106 -24.22 17.91 7.46
C LEU B 106 -23.53 19.05 6.74
N LYS B 107 -23.21 20.10 7.47
CA LYS B 107 -22.62 21.30 6.88
C LYS B 107 -21.15 21.04 6.52
N GLY B 108 -20.79 21.35 5.29
CA GLY B 108 -19.43 21.17 4.82
C GLY B 108 -18.97 19.72 4.81
N TYR B 109 -19.89 18.81 4.45
CA TYR B 109 -19.55 17.36 4.42
C TYR B 109 -18.60 17.10 3.25
N SER B 110 -17.48 16.45 3.52
CA SER B 110 -16.46 16.17 2.49
C SER B 110 -16.94 15.09 1.51
N GLY B 111 -17.64 14.07 2.02
CA GLY B 111 -18.06 12.95 1.16
C GLY B 111 -17.57 11.65 1.77
N THR B 112 -16.64 11.75 2.71
CA THR B 112 -16.12 10.55 3.41
C THR B 112 -16.18 10.81 4.90
N ASP B 113 -16.63 9.83 5.69
CA ASP B 113 -16.67 9.99 7.17
C ASP B 113 -15.25 10.14 7.69
N GLU B 114 -15.04 11.04 8.66
CA GLU B 114 -13.70 11.25 9.26
C GLU B 114 -14.19 10.24 10.30
N ASP B 115 -13.51 9.09 10.41
CA ASP B 115 -13.89 8.05 11.40
C ASP B 115 -15.15 7.25 11.71
N ASP B 116 -15.58 7.24 12.96
CA ASP B 116 -16.87 6.59 13.32
C ASP B 116 -17.88 7.73 13.22
N TYR B 117 -17.38 8.97 13.32
CA TYR B 117 -18.25 10.16 13.21
C TYR B 117 -18.08 10.74 11.82
N SER B 118 -19.09 11.46 11.34
CA SER B 118 -19.06 11.98 9.95
C SER B 118 -18.14 13.21 9.88
N CYS B 119 -18.34 14.17 10.78
CA CYS B 119 -17.55 15.39 10.74
C CYS B 119 -17.37 15.91 12.15
N SER B 120 -16.53 16.95 12.29
CA SER B 120 -16.25 17.52 13.59
C SER B 120 -15.97 19.01 13.45
N VAL B 121 -16.25 19.75 14.52
CA VAL B 121 -15.98 21.18 14.57
C VAL B 121 -15.17 21.47 15.83
N TYR B 122 -14.47 22.61 15.81
CA TYR B 122 -13.60 22.99 16.90
C TYR B 122 -13.90 24.38 17.46
N THR B 123 -14.95 25.04 16.99
CA THR B 123 -15.24 26.42 17.37
C THR B 123 -16.73 26.54 17.66
N GLN B 124 -17.09 27.42 18.60
CA GLN B 124 -18.48 27.56 18.99
C GLN B 124 -19.35 28.01 17.82
N GLU B 125 -18.88 28.98 17.03
CA GLU B 125 -19.67 29.45 15.90
C GLU B 125 -19.81 28.37 14.84
N ASP B 126 -18.80 27.51 14.71
CA ASP B 126 -18.90 26.38 13.79
C ASP B 126 -20.00 25.41 14.21
N ALA B 127 -20.08 25.12 15.51
CA ALA B 127 -21.12 24.23 16.01
C ALA B 127 -22.50 24.86 15.82
N TYR B 128 -22.62 26.16 16.11
CA TYR B 128 -23.87 26.86 15.89
C TYR B 128 -24.28 26.80 14.42
N GLU B 129 -23.30 27.02 13.53
CA GLU B 129 -23.56 26.99 12.10
C GLU B 129 -24.02 25.61 11.66
N SER B 130 -23.39 24.57 12.18
CA SER B 130 -23.78 23.21 11.81
C SER B 130 -25.21 22.91 12.26
N ILE B 131 -25.55 23.27 13.49
CA ILE B 131 -26.90 23.00 14.01
C ILE B 131 -27.94 23.76 13.20
N PHE B 132 -27.70 25.06 12.99
CA PHE B 132 -28.66 25.87 12.26
C PHE B 132 -28.78 25.42 10.82
N PHE B 133 -27.67 25.01 10.21
CA PHE B 133 -27.70 24.51 8.85
C PHE B 133 -28.53 23.24 8.75
N ALA B 134 -28.37 22.33 9.70
CA ALA B 134 -29.17 21.11 9.69
C ALA B 134 -30.65 21.44 9.80
N ILE B 135 -31.01 22.34 10.72
CA ILE B 135 -32.42 22.68 10.89
C ILE B 135 -32.98 23.34 9.64
N ASN B 136 -32.24 24.29 9.06
CA ASN B 136 -32.71 24.98 7.87
C ASN B 136 -32.82 24.04 6.68
N GLN B 137 -31.90 23.10 6.54
CA GLN B 137 -32.04 22.13 5.43
C GLN B 137 -33.39 21.39 5.56
N TYR B 138 -33.76 20.93 6.74
CA TYR B 138 -35.02 20.15 6.92
C TYR B 138 -36.23 20.96 6.46
N HIS B 139 -36.21 22.27 6.64
CA HIS B 139 -37.38 23.12 6.29
C HIS B 139 -37.64 23.11 4.79
N GLN B 140 -36.58 23.22 3.97
CA GLN B 140 -36.75 23.31 2.49
C GLN B 140 -36.54 21.93 1.87
N LEU B 141 -36.87 20.88 2.62
CA LEU B 141 -36.48 19.53 2.19
C LEU B 141 -36.99 19.33 0.77
N LYS B 142 -38.20 19.81 0.48
CA LYS B 142 -38.81 19.56 -0.83
C LYS B 142 -38.03 20.24 -1.95
N ASP B 143 -37.56 21.46 -1.71
CA ASP B 143 -36.89 22.21 -2.77
C ASP B 143 -35.48 21.72 -3.04
N ILE B 144 -34.94 20.89 -2.14
CA ILE B 144 -33.53 20.53 -2.21
C ILE B 144 -33.34 19.09 -2.63
N THR B 145 -34.16 18.18 -2.10
CA THR B 145 -33.95 16.76 -2.34
C THR B 145 -34.13 16.42 -3.82
N LEU B 146 -33.31 15.47 -4.29
CA LEU B 146 -33.35 15.07 -5.72
C LEU B 146 -34.14 13.75 -5.85
N GLY B 147 -34.37 13.06 -4.73
CA GLY B 147 -35.06 11.76 -4.78
C GLY B 147 -36.54 11.86 -4.42
N THR B 148 -37.21 10.71 -4.31
CA THR B 148 -38.64 10.68 -3.95
C THR B 148 -38.43 10.68 -2.45
N LEU B 149 -38.42 11.85 -1.83
CA LEU B 149 -38.36 11.94 -0.35
C LEU B 149 -39.40 12.93 0.17
N GLY B 150 -40.09 12.58 1.24
CA GLY B 150 -41.11 13.40 1.87
C GLY B 150 -41.00 13.35 3.37
N TYR B 151 -41.78 14.21 4.02
CA TYR B 151 -41.78 14.27 5.48
C TYR B 151 -42.50 13.06 6.06
N GLY B 152 -42.01 12.58 7.20
CA GLY B 152 -42.59 11.44 7.88
C GLY B 152 -43.10 11.83 9.26
N GLU B 153 -44.10 11.10 9.74
CA GLU B 153 -44.65 11.36 11.05
C GLU B 153 -43.81 10.69 12.14
N ASN B 154 -43.90 11.26 13.34
CA ASN B 154 -43.19 10.73 14.50
C ASN B 154 -44.07 9.67 15.17
N GLU B 155 -43.72 9.27 16.40
CA GLU B 155 -44.48 8.25 17.09
C GLU B 155 -45.94 8.66 17.29
N ASP B 156 -46.16 9.92 17.67
CA ASP B 156 -47.50 10.44 17.90
C ASP B 156 -48.13 11.01 16.62
N ASN B 157 -47.62 10.64 15.45
CA ASN B 157 -48.17 11.05 14.17
C ASN B 157 -48.20 12.57 14.02
N ARG B 158 -47.01 13.17 14.00
CA ARG B 158 -46.91 14.66 13.83
C ARG B 158 -45.64 14.99 13.04
N ILE B 159 -45.76 15.80 11.98
CA ILE B 159 -44.58 16.20 11.16
C ILE B 159 -43.84 17.33 11.88
N GLY B 160 -42.57 17.10 12.24
CA GLY B 160 -41.84 18.12 13.02
C GLY B 160 -40.40 17.77 13.27
N LEU B 161 -39.70 18.57 14.08
CA LEU B 161 -38.28 18.37 14.33
C LEU B 161 -38.05 18.50 15.82
N LYS B 162 -37.46 17.48 16.42
CA LYS B 162 -37.17 17.47 17.86
C LYS B 162 -35.67 17.57 18.09
N VAL B 163 -35.29 18.51 18.95
CA VAL B 163 -33.88 18.73 19.30
C VAL B 163 -33.76 18.73 20.82
N CYS B 164 -32.86 17.90 21.34
CA CYS B 164 -32.62 17.77 22.76
C CYS B 164 -31.17 18.12 23.09
N LYS B 165 -30.97 18.67 24.28
CA LYS B 165 -29.64 19.05 24.74
C LYS B 165 -29.45 18.56 26.17
N GLN B 166 -28.18 18.33 26.52
CA GLN B 166 -27.80 17.83 27.84
C GLN B 166 -26.77 18.75 28.46
N HIS B 167 -26.94 19.03 29.76
CA HIS B 167 -26.01 19.88 30.49
C HIS B 167 -25.90 19.38 31.91
N TYR B 168 -24.72 19.58 32.52
CA TYR B 168 -24.62 19.49 33.97
C TYR B 168 -25.16 20.77 34.59
N LYS B 169 -26.12 20.60 35.48
CA LYS B 169 -26.71 21.76 36.19
C LYS B 169 -25.60 22.51 36.92
N LYS B 170 -25.65 23.84 36.91
CA LYS B 170 -24.58 24.66 37.55
C LYS B 170 -24.59 24.39 39.07
N GLY B 171 -25.78 24.40 39.68
CA GLY B 171 -25.88 24.17 41.14
C GLY B 171 -24.61 24.59 41.85
N LEU B 180 -16.24 27.18 38.46
CA LEU B 180 -16.81 26.18 37.52
C LEU B 180 -17.84 25.33 38.27
N ASN B 181 -18.62 25.94 39.16
CA ASN B 181 -19.60 25.17 39.97
C ASN B 181 -20.49 24.32 39.05
N ILE B 182 -20.45 23.00 39.20
CA ILE B 182 -21.33 22.09 38.40
C ILE B 182 -21.69 20.88 39.27
N ASP B 183 -22.61 20.03 38.79
CA ASP B 183 -23.00 18.81 39.54
C ASP B 183 -22.92 17.61 38.58
N ASN B 184 -22.89 16.39 39.11
CA ASN B 184 -22.76 15.17 38.26
C ASN B 184 -24.06 14.94 37.49
N ASP B 185 -25.20 15.33 38.08
CA ASP B 185 -26.51 15.07 37.43
C ASP B 185 -26.62 15.87 36.13
N VAL B 186 -27.39 15.35 35.16
CA VAL B 186 -27.58 16.11 33.94
C VAL B 186 -29.04 16.52 33.82
N GLU B 187 -29.28 17.56 33.01
CA GLU B 187 -30.62 18.02 32.68
C GLU B 187 -30.88 17.79 31.20
N LEU B 188 -32.08 17.31 30.88
CA LEU B 188 -32.50 17.07 29.50
C LEU B 188 -33.78 17.87 29.22
N ASP B 189 -33.73 18.72 28.20
CA ASP B 189 -34.88 19.49 27.77
C ASP B 189 -34.96 19.44 26.24
N CYS B 190 -36.17 19.25 25.73
CA CYS B 190 -36.39 19.14 24.29
C CYS B 190 -37.50 20.09 23.87
N VAL B 191 -37.38 20.58 22.63
CA VAL B 191 -38.38 21.46 22.03
C VAL B 191 -38.79 20.88 20.69
N GLN B 192 -40.09 20.88 20.42
CA GLN B 192 -40.63 20.36 19.17
C GLN B 192 -40.83 21.52 18.19
N LEU B 193 -40.22 21.41 17.01
CA LEU B 193 -40.29 22.45 15.99
C LEU B 193 -41.10 21.89 14.81
N ASP B 194 -42.35 22.31 14.71
CA ASP B 194 -43.21 21.89 13.61
C ASP B 194 -42.81 22.62 12.33
N LEU B 195 -43.35 22.14 11.21
CA LEU B 195 -43.10 22.80 9.94
C LEU B 195 -43.68 24.21 9.90
N GLN B 196 -44.79 24.43 10.62
CA GLN B 196 -45.39 25.77 10.67
C GLN B 196 -44.45 26.75 11.38
N ASP B 197 -43.83 26.31 12.47
CA ASP B 197 -42.91 27.19 13.20
C ASP B 197 -41.70 27.54 12.34
N LEU B 198 -41.16 26.57 11.61
CA LEU B 198 -40.00 26.85 10.76
C LEU B 198 -40.39 27.68 9.55
N SER B 199 -41.64 27.54 9.10
CA SER B 199 -42.09 28.27 7.88
C SER B 199 -42.29 29.76 8.19
N LYS B 200 -42.44 30.13 9.46
CA LYS B 200 -42.69 31.55 9.82
C LYS B 200 -41.61 32.43 9.18
N LYS B 201 -42.01 33.56 8.59
CA LYS B 201 -41.03 34.49 7.98
C LYS B 201 -39.94 34.77 9.02
N PRO B 202 -40.25 35.20 10.27
CA PRO B 202 -39.23 35.33 11.34
C PRO B 202 -39.02 33.95 11.93
N PRO B 203 -37.87 33.28 11.69
CA PRO B 203 -37.66 31.87 12.14
C PRO B 203 -38.15 31.70 13.57
N ASP B 204 -37.77 32.61 14.48
CA ASP B 204 -38.19 32.55 15.90
C ASP B 204 -37.35 31.51 16.63
N TRP B 205 -37.50 30.22 16.29
CA TRP B 205 -36.74 29.19 17.00
C TRP B 205 -35.30 29.62 17.22
N LYS B 206 -34.71 30.28 16.23
CA LYS B 206 -33.31 30.68 16.35
C LYS B 206 -33.12 31.73 17.43
N ASN B 207 -34.08 32.64 17.58
CA ASN B 207 -33.98 33.67 18.59
C ASN B 207 -34.33 33.16 19.98
N SER B 208 -34.81 31.92 20.07
CA SER B 208 -35.22 31.37 21.35
C SER B 208 -34.02 31.22 22.28
N SER B 209 -34.29 31.29 23.59
CA SER B 209 -33.21 31.15 24.58
C SER B 209 -32.76 29.70 24.69
N PHE B 210 -33.51 28.77 24.08
CA PHE B 210 -33.17 27.36 24.12
C PHE B 210 -31.81 27.10 23.49
N PHE B 211 -31.44 27.92 22.51
CA PHE B 211 -30.20 27.64 21.73
C PHE B 211 -28.94 28.24 22.36
N ARG B 212 -29.08 28.95 23.48
CA ARG B 212 -27.91 29.49 24.18
C ARG B 212 -27.20 28.31 24.87
N LEU B 213 -26.31 27.64 24.15
CA LEU B 213 -25.64 26.43 24.71
C LEU B 213 -24.38 26.84 25.49
N GLU B 214 -24.28 26.46 26.77
CA GLU B 214 -23.05 26.71 27.55
C GLU B 214 -22.10 25.57 27.23
N PHE B 215 -21.26 25.72 26.21
CA PHE B 215 -20.41 24.59 25.73
C PHE B 215 -19.57 24.00 26.88
N TYR B 216 -19.25 24.80 27.89
CA TYR B 216 -18.37 24.28 28.98
C TYR B 216 -19.14 23.25 29.78
N ARG B 217 -20.48 23.34 29.78
CA ARG B 217 -21.29 22.34 30.46
C ARG B 217 -21.94 21.34 29.52
N LEU B 218 -21.89 21.60 28.21
CA LEU B 218 -22.64 20.79 27.26
C LEU B 218 -22.14 19.36 27.25
N LEU B 219 -23.06 18.41 27.10
CA LEU B 219 -22.75 17.01 26.85
C LEU B 219 -22.98 16.62 25.40
N GLN B 220 -24.17 16.86 24.88
CA GLN B 220 -24.49 16.54 23.50
C GLN B 220 -25.77 17.28 23.11
N VAL B 221 -25.92 17.48 21.81
CA VAL B 221 -27.15 18.01 21.22
C VAL B 221 -27.59 17.04 20.13
N GLU B 222 -28.82 16.57 20.19
CA GLU B 222 -29.34 15.56 19.28
C GLU B 222 -30.54 16.11 18.52
N ILE B 223 -30.52 15.92 17.20
CA ILE B 223 -31.61 16.34 16.32
C ILE B 223 -32.16 15.09 15.65
N SER B 224 -33.46 14.87 15.78
CA SER B 224 -34.11 13.67 15.24
C SER B 224 -35.32 14.06 14.41
N PHE B 225 -35.51 13.37 13.29
CA PHE B 225 -36.66 13.59 12.43
C PHE B 225 -36.93 12.33 11.62
N HIS B 226 -38.11 12.27 11.01
CA HIS B 226 -38.56 11.11 10.26
C HIS B 226 -38.79 11.50 8.81
N LEU B 227 -38.39 10.63 7.89
CA LEU B 227 -38.57 10.83 6.46
C LEU B 227 -39.14 9.57 5.83
N LYS B 228 -39.88 9.76 4.74
CA LYS B 228 -40.47 8.65 3.99
C LYS B 228 -39.95 8.69 2.56
N GLY B 229 -39.45 7.56 2.09
CA GLY B 229 -38.88 7.45 0.76
C GLY B 229 -39.40 6.22 0.03
N ILE B 230 -39.49 6.33 -1.30
CA ILE B 230 -39.93 5.26 -2.17
C ILE B 230 -38.85 5.03 -3.22
N ASP B 231 -38.52 3.76 -3.46
CA ASP B 231 -37.56 3.41 -4.50
C ASP B 231 -38.31 3.07 -5.77
N LEU B 232 -38.26 3.98 -6.75
CA LEU B 232 -38.90 3.76 -8.04
C LEU B 232 -38.05 2.90 -8.97
N GLN B 233 -36.84 2.52 -8.54
CA GLN B 233 -35.99 1.70 -9.40
C GLN B 233 -36.61 0.32 -9.67
N THR B 234 -37.55 -0.07 -8.81
CA THR B 234 -38.17 -1.40 -8.94
C THR B 234 -39.41 -1.35 -9.79
N ILE B 235 -39.94 -0.15 -10.06
CA ILE B 235 -41.25 -0.06 -10.79
C ILE B 235 -41.09 -0.60 -12.22
N HIS B 236 -39.89 -0.52 -12.78
CA HIS B 236 -39.63 -1.04 -14.15
C HIS B 236 -40.02 -2.51 -14.21
N SER B 237 -39.72 -3.27 -13.16
CA SER B 237 -39.99 -4.73 -13.15
C SER B 237 -41.49 -4.97 -12.92
N ARG B 238 -42.30 -3.90 -12.90
CA ARG B 238 -43.76 -4.01 -12.66
C ARG B 238 -44.00 -4.49 -11.21
N GLU B 239 -42.93 -4.64 -10.44
CA GLU B 239 -43.07 -5.03 -9.01
C GLU B 239 -43.39 -3.77 -8.20
N LEU B 240 -44.51 -3.77 -7.47
CA LEU B 240 -44.92 -2.59 -6.72
C LEU B 240 -43.80 -2.15 -5.79
N PRO B 241 -43.43 -0.87 -5.79
CA PRO B 241 -42.32 -0.41 -4.95
C PRO B 241 -42.67 -0.52 -3.47
N ASP B 242 -41.64 -0.71 -2.65
CA ASP B 242 -41.80 -0.82 -1.21
C ASP B 242 -41.37 0.48 -0.55
N CYS B 243 -42.29 1.13 0.17
CA CYS B 243 -41.98 2.39 0.82
C CYS B 243 -41.05 2.17 2.01
N TYR B 244 -40.23 3.18 2.29
CA TYR B 244 -39.26 3.13 3.36
C TYR B 244 -39.50 4.28 4.33
N VAL B 245 -39.24 4.04 5.60
CA VAL B 245 -39.30 5.07 6.64
C VAL B 245 -37.91 5.21 7.24
N PHE B 246 -37.38 6.42 7.18
CA PHE B 246 -36.04 6.71 7.68
C PHE B 246 -36.17 7.46 9.00
N GLN B 247 -35.54 6.93 10.05
CA GLN B 247 -35.41 7.63 11.31
C GLN B 247 -33.97 8.11 11.42
N ASN B 248 -33.77 9.42 11.33
CA ASN B 248 -32.44 10.02 11.31
C ASN B 248 -32.21 10.78 12.61
N THR B 249 -31.03 10.57 13.20
CA THR B 249 -30.61 11.30 14.38
C THR B 249 -29.24 11.91 14.12
N ILE B 250 -29.12 13.21 14.36
CA ILE B 250 -27.85 13.92 14.29
C ILE B 250 -27.42 14.26 15.69
N ILE B 251 -26.28 13.71 16.12
CA ILE B 251 -25.79 13.87 17.48
C ILE B 251 -24.53 14.73 17.42
N PHE B 252 -24.57 15.87 18.10
CA PHE B 252 -23.40 16.74 18.26
C PHE B 252 -22.79 16.41 19.62
N ASP B 253 -21.90 15.42 19.63
CA ASP B 253 -21.42 14.81 20.87
C ASP B 253 -20.09 15.44 21.24
N ASN B 254 -20.02 15.99 22.45
CA ASN B 254 -18.80 16.55 23.01
C ASN B 254 -18.50 15.95 24.39
N LYS B 255 -18.83 14.66 24.55
CA LYS B 255 -18.66 13.98 25.83
C LYS B 255 -17.21 14.04 26.31
N ALA B 256 -16.25 14.02 25.38
CA ALA B 256 -14.84 14.02 25.77
C ALA B 256 -14.43 15.32 26.43
N HIS B 257 -15.15 16.41 26.14
CA HIS B 257 -14.77 17.75 26.68
C HIS B 257 -13.30 18.02 26.33
N SER B 258 -12.89 17.74 25.09
CA SER B 258 -11.47 17.90 24.68
C SER B 258 -11.32 19.05 23.67
N GLY B 259 -12.34 19.90 23.54
CA GLY B 259 -12.26 21.05 22.63
C GLY B 259 -12.75 20.73 21.23
N LYS B 260 -13.29 19.52 21.03
CA LYS B 260 -13.74 19.10 19.71
C LYS B 260 -15.01 18.27 19.88
N ILE B 261 -16.07 18.65 19.19
CA ILE B 261 -17.30 17.88 19.21
C ILE B 261 -17.34 17.03 17.95
N LYS B 262 -17.93 15.85 18.08
CA LYS B 262 -18.04 14.89 16.99
C LYS B 262 -19.50 14.82 16.54
N ILE B 263 -19.71 14.87 15.23
CA ILE B 263 -21.06 14.87 14.67
C ILE B 263 -21.34 13.47 14.11
N TYR B 264 -22.32 12.80 14.70
CA TYR B 264 -22.72 11.46 14.28
C TYR B 264 -24.04 11.54 13.53
N PHE B 265 -24.12 10.83 12.41
CA PHE B 265 -25.37 10.71 11.66
C PHE B 265 -25.74 9.24 11.58
N ASP B 266 -26.93 8.90 12.08
CA ASP B 266 -27.45 7.54 12.03
C ASP B 266 -28.80 7.57 11.35
N SER B 267 -29.01 6.63 10.41
CA SER B 267 -30.23 6.57 9.61
C SER B 267 -30.80 5.15 9.68
N ASP B 268 -31.67 4.92 10.65
CA ASP B 268 -32.37 3.64 10.75
C ASP B 268 -33.49 3.62 9.74
N ALA B 269 -33.56 2.55 8.96
CA ALA B 269 -34.53 2.43 7.88
C ALA B 269 -35.30 1.14 8.03
N LYS B 270 -36.58 1.18 7.66
CA LYS B 270 -37.45 0.01 7.71
C LYS B 270 -38.50 0.14 6.62
N ILE B 271 -39.03 -1.01 6.19
CA ILE B 271 -40.03 -1.00 5.09
C ILE B 271 -41.42 -0.77 5.69
N GLU B 272 -42.28 -0.02 5.00
CA GLU B 272 -43.65 0.24 5.48
C GLU B 272 -44.59 0.06 4.27
N GLU B 273 -45.90 -0.08 4.52
CA GLU B 273 -46.89 -0.24 3.41
C GLU B 273 -46.99 1.07 2.62
N CYS B 274 -47.04 0.98 1.29
CA CYS B 274 -47.14 2.19 0.42
C CYS B 274 -48.61 2.64 0.35
N LYS B 275 -49.12 3.21 1.44
CA LYS B 275 -50.51 3.73 1.46
C LYS B 275 -50.63 4.88 0.46
N ASP B 276 -49.75 5.88 0.60
CA ASP B 276 -49.77 7.05 -0.32
C ASP B 276 -48.98 6.77 -1.60
N LEU B 277 -49.56 5.98 -2.52
CA LEU B 277 -48.84 5.61 -3.77
C LEU B 277 -49.85 5.10 -4.81
N ASN B 278 -49.69 5.48 -6.08
CA ASN B 278 -50.60 5.03 -7.16
C ASN B 278 -49.79 4.82 -8.44
N ILE B 279 -49.40 3.57 -8.72
CA ILE B 279 -48.60 3.26 -9.93
C ILE B 279 -49.33 2.19 -10.76
N PHE B 280 -49.28 2.29 -12.08
CA PHE B 280 -49.90 1.26 -12.96
C PHE B 280 -48.86 0.14 -12.89
N GLY B 281 -49.10 -0.86 -12.05
CA GLY B 281 -48.13 -1.97 -11.89
C GLY B 281 -48.72 -3.04 -10.98
N SER B 282 -48.14 -4.24 -10.99
CA SER B 282 -48.69 -5.37 -10.17
C SER B 282 -48.09 -5.35 -8.76
N THR B 283 -48.77 -5.98 -7.79
CA THR B 283 -48.20 -6.08 -6.43
C THR B 283 -47.14 -7.15 -6.39
N GLN B 284 -46.67 -7.47 -5.17
CA GLN B 284 -45.60 -8.50 -4.98
C GLN B 284 -46.18 -9.82 -4.47
N LYS B 285 -45.78 -10.94 -5.08
CA LYS B 285 -46.19 -12.27 -4.57
C LYS B 285 -44.89 -13.06 -4.39
N ASN B 286 -43.78 -12.51 -4.87
CA ASN B 286 -42.46 -13.20 -4.78
C ASN B 286 -42.20 -13.65 -3.35
N ALA B 287 -42.83 -13.00 -2.36
CA ALA B 287 -42.67 -13.49 -0.97
C ALA B 287 -42.99 -14.98 -0.97
N GLN B 288 -44.23 -15.33 -1.32
CA GLN B 288 -44.64 -16.76 -1.39
C GLN B 288 -43.88 -17.47 -2.51
N TYR B 289 -43.48 -16.73 -3.56
CA TYR B 289 -42.66 -17.39 -4.63
C TYR B 289 -41.43 -18.05 -3.99
N VAL B 290 -40.71 -17.32 -3.14
CA VAL B 290 -39.45 -17.85 -2.54
C VAL B 290 -39.81 -18.72 -1.33
N LEU B 291 -40.97 -18.47 -0.73
CA LEU B 291 -41.39 -19.24 0.47
C LEU B 291 -41.46 -20.73 0.12
N VAL B 292 -41.68 -21.10 -1.14
CA VAL B 292 -41.70 -22.54 -1.38
C VAL B 292 -40.29 -23.07 -1.57
N PHE B 293 -39.42 -22.27 -2.18
CA PHE B 293 -38.04 -22.71 -2.42
C PHE B 293 -37.31 -22.95 -1.12
N ASP B 294 -37.51 -22.06 -0.13
CA ASP B 294 -36.91 -22.26 1.18
C ASP B 294 -37.46 -23.50 1.87
N ALA B 295 -38.76 -23.75 1.72
CA ALA B 295 -39.36 -24.93 2.32
C ALA B 295 -38.78 -26.20 1.71
N PHE B 296 -38.58 -26.20 0.40
CA PHE B 296 -37.99 -27.37 -0.26
C PHE B 296 -36.56 -27.61 0.20
N VAL B 297 -35.79 -26.54 0.41
CA VAL B 297 -34.42 -26.68 0.91
C VAL B 297 -34.44 -27.30 2.30
N ILE B 298 -35.38 -26.88 3.14
CA ILE B 298 -35.50 -27.43 4.48
C ILE B 298 -35.81 -28.93 4.42
N VAL B 299 -36.75 -29.31 3.54
CA VAL B 299 -37.13 -30.71 3.42
C VAL B 299 -35.94 -31.55 2.96
N ILE B 300 -35.21 -31.06 1.97
CA ILE B 300 -34.08 -31.82 1.43
C ILE B 300 -33.01 -32.02 2.49
N CYS B 301 -32.70 -30.98 3.26
CA CYS B 301 -31.69 -31.11 4.30
C CYS B 301 -32.21 -31.91 5.48
N LEU B 302 -33.52 -31.84 5.73
CA LEU B 302 -34.11 -32.69 6.76
C LEU B 302 -33.99 -34.15 6.38
N ALA B 303 -34.21 -34.47 5.11
CA ALA B 303 -34.03 -35.84 4.65
C ALA B 303 -32.57 -36.29 4.78
N SER B 304 -31.64 -35.41 4.42
CA SER B 304 -30.22 -35.73 4.55
C SER B 304 -29.83 -35.87 6.01
N LEU B 305 -30.54 -35.20 6.91
CA LEU B 305 -30.24 -35.30 8.34
C LEU B 305 -30.56 -36.70 8.87
N ILE B 306 -31.75 -37.21 8.55
CA ILE B 306 -32.14 -38.54 9.02
C ILE B 306 -31.33 -39.61 8.31
N LEU B 307 -31.06 -39.41 7.01
CA LEU B 307 -30.35 -40.42 6.23
C LEU B 307 -28.94 -40.65 6.78
N CYS B 308 -28.23 -39.58 7.13
CA CYS B 308 -26.91 -39.74 7.72
C CYS B 308 -27.00 -40.31 9.12
N THR B 309 -28.04 -39.95 9.87
CA THR B 309 -28.23 -40.52 11.20
C THR B 309 -28.49 -42.02 11.12
N ARG B 310 -29.32 -42.44 10.15
CA ARG B 310 -29.57 -43.87 9.98
C ARG B 310 -28.30 -44.62 9.61
N SER B 311 -27.48 -44.03 8.74
CA SER B 311 -26.23 -44.67 8.34
C SER B 311 -25.30 -44.85 9.54
N ILE B 312 -25.24 -43.86 10.43
CA ILE B 312 -24.40 -43.98 11.61
C ILE B 312 -24.90 -45.09 12.52
N VAL B 313 -26.22 -45.21 12.68
CA VAL B 313 -26.78 -46.28 13.50
C VAL B 313 -26.43 -47.65 12.90
N LEU B 314 -26.56 -47.79 11.58
CA LEU B 314 -26.20 -49.05 10.93
C LEU B 314 -24.72 -49.36 11.12
N ALA B 315 -23.87 -48.34 11.08
CA ALA B 315 -22.45 -48.55 11.34
C ALA B 315 -22.22 -49.05 12.75
N LEU B 316 -22.95 -48.48 13.72
CA LEU B 316 -22.82 -48.93 15.11
C LEU B 316 -23.29 -50.37 15.27
N ARG B 317 -24.36 -50.74 14.53
CA ARG B 317 -24.84 -52.13 14.57
C ARG B 317 -23.78 -53.09 14.03
N LEU B 318 -23.11 -52.71 12.95
CA LEU B 318 -22.08 -53.58 12.38
C LEU B 318 -20.89 -53.73 13.30
N ARG B 319 -20.50 -52.65 13.99
CA ARG B 319 -19.37 -52.75 14.92
C ARG B 319 -19.70 -53.67 16.08
N LYS B 320 -20.94 -53.62 16.58
CA LYS B 320 -21.34 -54.56 17.62
C LYS B 320 -21.30 -55.99 17.12
N ARG B 321 -21.74 -56.22 15.88
CA ARG B 321 -21.64 -57.55 15.30
C ARG B 321 -20.19 -57.97 15.11
N PHE B 322 -19.34 -57.04 14.68
CA PHE B 322 -17.91 -57.33 14.55
C PHE B 322 -17.28 -57.62 15.91
N LEU B 323 -17.68 -56.89 16.94
CA LEU B 323 -17.11 -57.11 18.27
C LEU B 323 -17.44 -58.50 18.79
N ASN B 324 -18.64 -59.00 18.51
CA ASN B 324 -19.01 -60.35 18.93
C ASN B 324 -18.15 -61.41 18.25
N PHE B 325 -17.63 -61.11 17.06
CA PHE B 325 -16.80 -62.08 16.36
C PHE B 325 -15.40 -62.14 16.94
N PHE B 326 -14.89 -61.01 17.43
CA PHE B 326 -13.53 -60.90 17.96
C PHE B 326 -13.52 -60.84 19.49
N LEU B 327 -14.38 -61.62 20.15
CA LEU B 327 -14.50 -61.52 21.60
C LEU B 327 -13.20 -61.87 22.31
N TRP B 340 -14.66 -44.76 15.50
CA TRP B 340 -13.36 -44.22 15.04
C TRP B 340 -13.09 -44.72 13.63
N GLU B 341 -13.15 -46.03 13.42
CA GLU B 341 -12.97 -46.62 12.07
C GLU B 341 -14.37 -46.91 11.52
N PHE B 342 -15.41 -46.59 12.31
CA PHE B 342 -16.79 -46.94 11.90
C PHE B 342 -17.64 -45.67 11.79
N ILE B 343 -17.27 -44.63 12.54
CA ILE B 343 -18.01 -43.33 12.46
C ILE B 343 -17.30 -42.43 11.45
N ASN B 344 -17.91 -42.25 10.27
CA ASN B 344 -17.30 -41.39 9.22
C ASN B 344 -17.26 -40.02 9.90
N GLY B 345 -16.13 -39.31 9.79
CA GLY B 345 -16.02 -37.96 10.37
C GLY B 345 -16.60 -37.05 9.31
N TRP B 346 -17.02 -37.62 8.18
CA TRP B 346 -17.65 -36.82 7.10
C TRP B 346 -19.16 -36.92 7.22
N TYR B 347 -19.68 -37.62 8.23
CA TYR B 347 -21.12 -37.64 8.46
C TYR B 347 -21.53 -36.61 9.51
N VAL B 348 -20.70 -36.44 10.55
CA VAL B 348 -21.01 -35.41 11.55
C VAL B 348 -20.92 -34.02 10.93
N LEU B 349 -19.98 -33.83 10.00
CA LEU B 349 -19.88 -32.56 9.29
C LEU B 349 -21.13 -32.31 8.45
N VAL B 350 -21.63 -33.36 7.78
CA VAL B 350 -22.86 -33.22 7.01
C VAL B 350 -24.04 -32.90 7.92
N ILE B 351 -24.09 -33.53 9.09
CA ILE B 351 -25.18 -33.27 10.04
C ILE B 351 -25.13 -31.83 10.51
N ILE B 352 -23.94 -31.33 10.83
CA ILE B 352 -23.79 -29.95 11.29
C ILE B 352 -24.22 -28.99 10.18
N SER B 353 -23.81 -29.27 8.94
CA SER B 353 -24.20 -28.41 7.82
C SER B 353 -25.70 -28.41 7.62
N ASP B 354 -26.34 -29.57 7.77
CA ASP B 354 -27.79 -29.66 7.64
C ASP B 354 -28.50 -28.84 8.71
N LEU B 355 -28.03 -28.95 9.95
CA LEU B 355 -28.63 -28.16 11.03
C LEU B 355 -28.47 -26.66 10.77
N MET B 356 -27.27 -26.24 10.35
CA MET B 356 -27.04 -24.83 10.07
C MET B 356 -27.93 -24.34 8.93
N THR B 357 -28.08 -25.17 7.88
CA THR B 357 -28.92 -24.79 6.76
C THR B 357 -30.37 -24.65 7.18
N ILE B 358 -30.86 -25.58 8.00
CA ILE B 358 -32.25 -25.53 8.46
C ILE B 358 -32.48 -24.27 9.29
N ILE B 359 -31.55 -23.97 10.21
CA ILE B 359 -31.70 -22.78 11.04
C ILE B 359 -31.67 -21.52 10.19
N GLY B 360 -30.74 -21.46 9.24
CA GLY B 360 -30.63 -20.29 8.38
C GLY B 360 -31.85 -20.09 7.52
N SER B 361 -32.40 -21.18 6.99
CA SER B 361 -33.61 -21.09 6.16
C SER B 361 -34.80 -20.63 6.99
N ILE B 362 -34.92 -21.13 8.23
CA ILE B 362 -36.01 -20.68 9.10
C ILE B 362 -35.86 -19.18 9.39
N LEU B 363 -34.64 -18.74 9.68
CA LEU B 363 -34.41 -17.32 9.94
C LEU B 363 -34.73 -16.48 8.71
N LYS B 364 -34.34 -16.95 7.52
CA LYS B 364 -34.63 -16.23 6.30
C LYS B 364 -36.12 -16.13 6.06
N MET B 365 -36.86 -17.22 6.31
CA MET B 365 -38.31 -17.20 6.15
C MET B 365 -38.95 -16.23 7.11
N GLU B 366 -38.47 -16.21 8.37
CA GLU B 366 -39.00 -15.27 9.35
C GLU B 366 -38.72 -13.83 8.93
N ILE B 367 -37.51 -13.57 8.42
CA ILE B 367 -37.15 -12.21 8.00
C ILE B 367 -38.03 -11.77 6.83
N LYS B 368 -38.26 -12.66 5.87
CA LYS B 368 -39.07 -12.31 4.71
C LYS B 368 -40.53 -12.09 5.11
N ALA B 369 -41.04 -12.93 6.02
CA ALA B 369 -42.44 -12.81 6.42
C ALA B 369 -42.71 -11.49 7.13
N LYS B 370 -41.80 -11.05 8.00
CA LYS B 370 -41.98 -9.83 8.77
C LYS B 370 -41.35 -8.61 8.10
N ASN B 371 -40.86 -8.75 6.87
CA ASN B 371 -40.30 -7.64 6.11
C ASN B 371 -39.17 -6.94 6.86
N LEU B 372 -38.33 -7.73 7.52
CA LEU B 372 -37.19 -7.19 8.25
C LEU B 372 -36.07 -6.82 7.29
N THR B 373 -35.22 -5.88 7.74
CA THR B 373 -34.13 -5.36 6.92
C THR B 373 -32.75 -5.72 7.47
N ASN B 374 -32.70 -6.54 8.52
CA ASN B 374 -31.39 -6.94 9.13
C ASN B 374 -31.11 -8.42 8.88
N TYR B 375 -30.05 -8.72 8.12
CA TYR B 375 -29.73 -10.13 7.78
C TYR B 375 -28.29 -10.45 8.15
N ASP B 376 -28.00 -10.56 9.44
CA ASP B 376 -26.60 -10.84 9.90
C ASP B 376 -26.49 -12.24 10.48
N LEU B 377 -27.42 -12.68 11.34
CA LEU B 377 -27.28 -14.05 11.82
C LEU B 377 -27.61 -15.06 10.73
N CYS B 378 -28.67 -14.80 9.96
CA CYS B 378 -29.07 -15.71 8.89
C CYS B 378 -27.97 -15.84 7.85
N SER B 379 -27.35 -14.72 7.49
CA SER B 379 -26.27 -14.74 6.51
C SER B 379 -25.09 -15.57 7.01
N ILE B 380 -24.75 -15.42 8.30
CA ILE B 380 -23.65 -16.20 8.87
C ILE B 380 -23.97 -17.68 8.83
N PHE B 381 -25.19 -18.05 9.22
CA PHE B 381 -25.60 -19.45 9.20
C PHE B 381 -25.51 -20.02 7.79
N LEU B 382 -26.06 -19.30 6.82
CA LEU B 382 -26.06 -19.78 5.44
C LEU B 382 -24.65 -19.91 4.88
N GLY B 383 -23.78 -18.94 5.19
CA GLY B 383 -22.42 -19.00 4.69
C GLY B 383 -21.64 -20.17 5.27
N THR B 384 -21.76 -20.37 6.59
CA THR B 384 -21.08 -21.51 7.20
C THR B 384 -21.61 -22.82 6.65
N SER B 385 -22.94 -22.91 6.45
CA SER B 385 -23.53 -24.12 5.89
C SER B 385 -22.98 -24.41 4.49
N THR B 386 -22.87 -23.37 3.66
CA THR B 386 -22.35 -23.56 2.31
C THR B 386 -20.88 -23.99 2.34
N LEU B 387 -20.09 -23.41 3.24
CA LEU B 387 -18.70 -23.81 3.36
C LEU B 387 -18.58 -25.28 3.74
N LEU B 388 -19.36 -25.72 4.73
CA LEU B 388 -19.34 -27.12 5.12
C LEU B 388 -19.84 -28.03 4.01
N VAL B 389 -20.80 -27.56 3.21
CA VAL B 389 -21.29 -28.33 2.08
C VAL B 389 -20.17 -28.56 1.06
N TRP B 390 -19.38 -27.52 0.79
CA TRP B 390 -18.29 -27.69 -0.18
C TRP B 390 -17.17 -28.57 0.39
N VAL B 391 -16.97 -28.68 1.69
CA VAL B 391 -15.89 -29.62 2.14
C VAL B 391 -16.33 -31.09 1.90
N GLY B 392 -17.64 -31.33 1.82
CA GLY B 392 -18.14 -32.68 1.51
C GLY B 392 -17.84 -33.06 0.07
N VAL B 393 -17.73 -32.05 -0.80
CA VAL B 393 -17.35 -32.31 -2.21
C VAL B 393 -15.92 -32.84 -2.16
N ILE B 394 -15.05 -32.22 -1.38
CA ILE B 394 -13.67 -32.76 -1.18
C ILE B 394 -13.85 -34.22 -0.76
N ARG B 395 -14.64 -34.47 0.28
CA ARG B 395 -14.75 -35.90 0.73
C ARG B 395 -15.07 -36.80 -0.48
N TYR B 396 -16.14 -36.51 -1.22
CA TYR B 396 -16.56 -37.41 -2.35
C TYR B 396 -15.45 -37.56 -3.38
N LEU B 397 -14.86 -36.45 -3.83
CA LEU B 397 -13.78 -36.48 -4.87
C LEU B 397 -12.66 -37.40 -4.38
N GLY B 398 -12.30 -37.28 -3.11
CA GLY B 398 -11.20 -38.09 -2.56
C GLY B 398 -11.45 -39.57 -2.76
N TYR B 399 -12.62 -39.97 -3.28
CA TYR B 399 -12.87 -41.44 -3.39
C TYR B 399 -11.88 -42.04 -4.38
N PHE B 400 -11.23 -41.19 -5.18
CA PHE B 400 -10.30 -41.68 -6.24
C PHE B 400 -9.13 -42.43 -5.60
N GLN B 401 -8.78 -42.10 -4.35
CA GLN B 401 -7.72 -42.84 -3.61
C GLN B 401 -6.32 -42.49 -4.15
N ALA B 402 -6.23 -41.53 -5.08
CA ALA B 402 -4.90 -41.09 -5.57
C ALA B 402 -4.49 -39.86 -4.78
N TYR B 403 -4.97 -39.75 -3.53
CA TYR B 403 -4.70 -38.54 -2.70
C TYR B 403 -3.84 -38.88 -1.48
N ASN B 404 -3.47 -40.15 -1.32
CA ASN B 404 -2.83 -40.72 -0.09
C ASN B 404 -1.64 -40.01 0.55
N VAL B 405 -0.51 -39.83 -0.15
CA VAL B 405 0.69 -39.27 0.54
C VAL B 405 0.31 -37.96 1.26
N LEU B 406 -0.45 -37.10 0.60
CA LEU B 406 -0.84 -35.80 1.19
C LEU B 406 -1.61 -36.05 2.50
N ILE B 407 -2.69 -36.82 2.45
CA ILE B 407 -3.49 -37.17 3.67
C ILE B 407 -2.53 -37.67 4.77
N LEU B 408 -1.61 -38.56 4.43
CA LEU B 408 -0.69 -39.13 5.44
C LEU B 408 0.05 -37.98 6.16
N THR B 409 0.79 -37.16 5.42
CA THR B 409 1.53 -36.02 6.00
C THR B 409 0.58 -35.18 6.83
N MET B 410 -0.65 -34.97 6.34
CA MET B 410 -1.59 -34.06 7.06
C MET B 410 -1.90 -34.65 8.45
N GLN B 411 -1.82 -35.97 8.62
CA GLN B 411 -2.03 -36.60 9.92
C GLN B 411 -0.74 -36.68 10.72
N ALA B 412 0.38 -36.92 10.04
CA ALA B 412 1.67 -37.00 10.74
C ALA B 412 2.10 -35.63 11.26
N SER B 413 1.88 -34.59 10.45
CA SER B 413 2.39 -33.27 10.81
C SER B 413 1.47 -32.55 11.79
N LEU B 414 0.20 -32.94 11.87
CA LEU B 414 -0.75 -32.19 12.70
C LEU B 414 -0.30 -32.10 14.16
N PRO B 415 0.10 -33.20 14.83
CA PRO B 415 0.61 -33.04 16.21
C PRO B 415 1.84 -32.17 16.30
N LYS B 416 2.76 -32.27 15.34
CA LYS B 416 3.99 -31.49 15.38
C LYS B 416 3.71 -30.01 15.21
N VAL B 417 2.85 -29.66 14.25
CA VAL B 417 2.46 -28.27 14.07
C VAL B 417 1.69 -27.74 15.28
N LEU B 418 0.80 -28.55 15.85
CA LEU B 418 0.05 -28.10 17.03
C LEU B 418 0.99 -27.84 18.20
N ARG B 419 2.01 -28.69 18.37
CA ARG B 419 3.02 -28.44 19.39
C ARG B 419 3.79 -27.16 19.10
N PHE B 420 4.16 -26.94 17.83
CA PHE B 420 4.92 -25.75 17.48
C PHE B 420 4.08 -24.48 17.71
N CYS B 421 2.80 -24.53 17.35
CA CYS B 421 1.94 -23.37 17.52
C CYS B 421 1.77 -23.01 19.00
N ALA B 422 1.71 -24.02 19.86
CA ALA B 422 1.60 -23.77 21.29
C ALA B 422 2.82 -23.03 21.81
N CYS B 423 4.01 -23.43 21.34
CA CYS B 423 5.23 -22.74 21.74
C CYS B 423 5.30 -21.34 21.14
N ALA B 424 5.08 -21.23 19.84
CA ALA B 424 5.18 -19.93 19.18
C ALA B 424 4.11 -18.97 19.70
N GLY B 425 2.97 -19.52 20.13
CA GLY B 425 1.90 -18.70 20.66
C GLY B 425 2.26 -17.93 21.91
N MET B 426 3.07 -18.53 22.79
CA MET B 426 3.44 -17.85 24.03
C MET B 426 4.41 -16.70 23.77
N ILE B 427 5.35 -16.87 22.85
CA ILE B 427 6.17 -15.75 22.41
C ILE B 427 5.32 -14.68 21.74
N TYR B 428 4.36 -15.09 20.91
CA TYR B 428 3.52 -14.14 20.21
C TYR B 428 2.69 -13.30 21.19
N LEU B 429 2.16 -13.93 22.24
CA LEU B 429 1.38 -13.21 23.23
C LEU B 429 2.23 -12.19 23.99
N GLY B 430 3.43 -12.60 24.41
CA GLY B 430 4.31 -11.68 25.11
C GLY B 430 4.72 -10.51 24.25
N TYR B 431 5.03 -10.77 22.98
CA TYR B 431 5.37 -9.70 22.06
C TYR B 431 4.18 -8.77 21.85
N THR B 432 2.97 -9.32 21.79
CA THR B 432 1.76 -8.52 21.67
C THR B 432 1.62 -7.56 22.85
N PHE B 433 1.77 -8.10 24.06
CA PHE B 433 1.64 -7.26 25.26
C PHE B 433 2.71 -6.18 25.30
N CYS B 434 3.96 -6.55 25.00
CA CYS B 434 5.05 -5.56 25.02
C CYS B 434 4.83 -4.46 23.99
N GLY B 435 4.43 -4.85 22.77
CA GLY B 435 4.17 -3.87 21.74
C GLY B 435 3.03 -2.93 22.10
N TRP B 436 1.96 -3.48 22.67
CA TRP B 436 0.83 -2.62 23.03
C TRP B 436 1.20 -1.67 24.16
N ILE B 437 2.01 -2.12 25.11
CA ILE B 437 2.32 -1.26 26.24
C ILE B 437 3.36 -0.20 25.86
N VAL B 438 4.27 -0.50 24.93
CA VAL B 438 5.35 0.43 24.60
C VAL B 438 5.00 1.30 23.40
N LEU B 439 4.70 0.68 22.25
CA LEU B 439 4.37 1.41 21.04
C LEU B 439 2.90 1.76 20.93
N GLY B 440 2.15 1.58 22.00
CA GLY B 440 0.71 1.90 21.97
C GLY B 440 0.48 3.36 21.63
N PRO B 441 1.02 4.32 22.41
CA PRO B 441 0.75 5.77 22.18
C PRO B 441 1.51 6.37 21.00
N TYR B 442 2.43 5.63 20.38
CA TYR B 442 3.25 6.22 19.29
C TYR B 442 3.06 5.56 17.91
N HIS B 443 2.30 4.47 17.85
CA HIS B 443 2.10 3.79 16.57
C HIS B 443 0.60 3.53 16.40
N ASP B 444 0.10 3.78 15.19
CA ASP B 444 -1.32 3.53 14.90
C ASP B 444 -1.65 2.06 14.75
N LYS B 445 -0.66 1.21 14.47
CA LYS B 445 -0.88 -0.22 14.36
C LYS B 445 -0.71 -0.94 15.69
N PHE B 446 -0.47 -0.21 16.78
CA PHE B 446 -0.30 -0.79 18.10
C PHE B 446 -1.19 -0.13 19.14
N GLU B 447 -2.32 0.46 18.71
CA GLU B 447 -3.13 1.25 19.64
C GLU B 447 -3.82 0.37 20.67
N ASN B 448 -4.39 -0.76 20.23
CA ASN B 448 -5.05 -1.68 21.14
C ASN B 448 -4.57 -3.11 20.88
N LEU B 449 -4.91 -4.00 21.82
CA LEU B 449 -4.34 -5.36 21.80
C LEU B 449 -4.73 -6.11 20.53
N ASN B 450 -5.98 -5.99 20.09
CA ASN B 450 -6.42 -6.69 18.88
C ASN B 450 -5.65 -6.21 17.66
N THR B 451 -5.44 -4.90 17.54
CA THR B 451 -4.67 -4.36 16.44
C THR B 451 -3.22 -4.84 16.50
N VAL B 452 -2.66 -4.92 17.70
CA VAL B 452 -1.30 -5.43 17.85
C VAL B 452 -1.23 -6.88 17.37
N ALA B 453 -2.21 -7.68 17.75
CA ALA B 453 -2.23 -9.09 17.34
C ALA B 453 -2.31 -9.22 15.83
N GLU B 454 -3.18 -8.44 15.20
CA GLU B 454 -3.31 -8.50 13.74
C GLU B 454 -2.03 -8.03 13.06
N CYS B 455 -1.41 -6.96 13.57
CA CYS B 455 -0.17 -6.46 12.99
C CYS B 455 0.95 -7.49 13.11
N LEU B 456 1.05 -8.15 14.26
CA LEU B 456 2.10 -9.15 14.44
C LEU B 456 1.86 -10.37 13.56
N PHE B 457 0.59 -10.77 13.39
CA PHE B 457 0.29 -11.86 12.48
C PHE B 457 0.70 -11.52 11.05
N SER B 458 0.38 -10.29 10.62
CA SER B 458 0.78 -9.86 9.28
C SER B 458 2.30 -9.82 9.14
N LEU B 459 3.00 -9.34 10.17
CA LEU B 459 4.46 -9.32 10.13
C LEU B 459 5.04 -10.72 10.03
N VAL B 460 4.46 -11.67 10.79
CA VAL B 460 4.89 -13.06 10.69
C VAL B 460 4.70 -13.57 9.27
N ASN B 461 3.70 -13.12 8.53
CA ASN B 461 3.42 -13.64 7.15
C ASN B 461 4.01 -12.73 6.08
N GLY B 462 4.93 -11.82 6.41
CA GLY B 462 5.63 -10.98 5.43
C GLY B 462 4.89 -9.76 4.93
N ASP B 463 3.96 -9.20 5.69
CA ASP B 463 3.12 -8.10 5.16
C ASP B 463 3.33 -6.75 5.85
N ASP B 464 3.47 -5.68 5.07
CA ASP B 464 3.57 -4.30 5.59
C ASP B 464 4.60 -4.10 6.69
N MET B 465 5.79 -4.69 6.58
CA MET B 465 6.83 -4.42 7.57
C MET B 465 7.45 -3.04 7.41
N PHE B 466 7.68 -2.60 6.17
CA PHE B 466 8.28 -1.29 5.98
C PHE B 466 7.38 -0.18 6.50
N ALA B 467 6.07 -0.31 6.28
CA ALA B 467 5.13 0.65 6.87
C ALA B 467 5.19 0.61 8.38
N THR B 468 5.34 -0.58 8.97
CA THR B 468 5.46 -0.69 10.41
C THR B 468 6.70 0.05 10.92
N PHE B 469 7.82 -0.09 10.21
CA PHE B 469 9.02 0.64 10.58
C PHE B 469 8.83 2.15 10.43
N ALA B 470 8.17 2.58 9.36
CA ALA B 470 8.13 4.00 9.03
C ALA B 470 7.15 4.76 9.91
N GLN B 471 5.98 4.17 10.20
CA GLN B 471 4.91 4.93 10.91
C GLN B 471 5.20 5.12 12.41
N ILE B 472 6.46 5.07 12.83
CA ILE B 472 6.76 5.36 14.26
C ILE B 472 7.14 6.85 14.37
N GLN B 473 7.02 7.42 15.57
CA GLN B 473 7.34 8.86 15.78
C GLN B 473 8.71 8.99 16.45
N GLN B 474 9.66 9.67 15.79
CA GLN B 474 10.98 9.87 16.36
C GLN B 474 11.03 10.97 17.42
N LYS B 475 9.87 11.45 17.88
CA LYS B 475 9.85 12.49 18.89
C LYS B 475 10.45 12.00 20.20
N SER B 476 10.41 10.69 20.44
CA SER B 476 11.02 10.07 21.62
C SER B 476 12.13 9.16 21.13
N ILE B 477 13.37 9.48 21.50
CA ILE B 477 14.50 8.69 21.05
C ILE B 477 14.54 7.34 21.75
N LEU B 478 14.04 7.28 22.99
CA LEU B 478 14.03 6.02 23.72
C LEU B 478 13.05 5.02 23.11
N VAL B 479 11.85 5.49 22.78
CA VAL B 479 10.85 4.61 22.19
C VAL B 479 11.25 4.21 20.78
N TRP B 480 11.81 5.16 20.02
CA TRP B 480 12.23 4.86 18.65
C TRP B 480 13.31 3.78 18.62
N LEU B 481 14.30 3.89 19.52
CA LEU B 481 15.34 2.88 19.57
C LEU B 481 14.79 1.52 19.97
N PHE B 482 13.85 1.50 20.93
CA PHE B 482 13.25 0.25 21.36
C PHE B 482 12.45 -0.40 20.23
N SER B 483 11.76 0.42 19.43
CA SER B 483 10.94 -0.12 18.35
C SER B 483 11.79 -0.86 17.33
N ARG B 484 12.97 -0.33 17.00
CA ARG B 484 13.86 -1.01 16.08
C ARG B 484 14.31 -2.35 16.64
N LEU B 485 14.66 -2.37 17.93
CA LEU B 485 15.03 -3.63 18.57
C LEU B 485 13.82 -4.57 18.65
N TYR B 486 12.63 -4.02 18.92
CA TYR B 486 11.43 -4.81 19.02
C TYR B 486 11.07 -5.45 17.68
N LEU B 487 11.12 -4.67 16.60
CA LEU B 487 10.70 -5.16 15.29
C LEU B 487 11.73 -6.11 14.70
N TYR B 488 13.01 -5.77 14.83
CA TYR B 488 14.06 -6.61 14.26
C TYR B 488 14.12 -7.97 14.93
N SER B 489 14.00 -7.99 16.26
CA SER B 489 14.06 -9.25 16.99
C SER B 489 12.86 -10.14 16.70
N PHE B 490 11.68 -9.54 16.60
CA PHE B 490 10.47 -10.31 16.37
C PHE B 490 10.49 -10.99 15.01
N ILE B 491 10.86 -10.23 13.97
CA ILE B 491 10.87 -10.78 12.61
C ILE B 491 11.95 -11.86 12.49
N SER B 492 13.14 -11.58 13.03
CA SER B 492 14.23 -12.55 12.95
C SER B 492 13.91 -13.82 13.71
N LEU B 493 13.31 -13.68 14.90
CA LEU B 493 13.03 -14.86 15.73
C LEU B 493 12.02 -15.77 15.08
N PHE B 494 10.93 -15.21 14.55
CA PHE B 494 9.87 -16.04 14.00
C PHE B 494 10.28 -16.65 12.65
N ILE B 495 11.14 -15.95 11.90
CA ILE B 495 11.70 -16.56 10.70
C ILE B 495 12.54 -17.78 11.06
N TYR B 496 13.37 -17.65 12.10
CA TYR B 496 14.21 -18.77 12.51
C TYR B 496 13.37 -19.92 13.06
N MET B 497 12.34 -19.61 13.83
CA MET B 497 11.49 -20.67 14.39
C MET B 497 10.75 -21.42 13.29
N ILE B 498 10.25 -20.70 12.28
CA ILE B 498 9.66 -21.36 11.12
C ILE B 498 10.73 -22.10 10.33
N LEU B 499 11.95 -21.56 10.33
CA LEU B 499 13.06 -22.31 9.65
C LEU B 499 13.27 -23.65 10.36
N SER B 500 13.57 -23.61 11.67
CA SER B 500 13.87 -24.85 12.43
C SER B 500 12.69 -25.83 12.32
N LEU B 501 11.46 -25.36 12.11
CA LEU B 501 10.25 -26.23 11.97
C LEU B 501 10.25 -27.02 10.64
N PHE B 502 10.36 -26.35 9.50
CA PHE B 502 10.27 -27.06 8.19
C PHE B 502 11.29 -28.16 8.14
N ILE B 503 12.55 -27.89 8.48
CA ILE B 503 13.64 -28.90 8.43
C ILE B 503 13.26 -30.10 9.31
N ALA B 504 12.78 -29.89 10.53
CA ALA B 504 12.35 -30.98 11.42
C ALA B 504 11.23 -31.79 10.78
N LEU B 505 10.19 -31.12 10.32
CA LEU B 505 9.04 -31.80 9.68
C LEU B 505 9.58 -32.71 8.58
N ILE B 506 10.46 -32.19 7.74
CA ILE B 506 11.02 -32.98 6.61
C ILE B 506 11.84 -34.18 7.09
N THR B 507 12.75 -33.97 8.01
CA THR B 507 13.58 -35.07 8.55
C THR B 507 12.67 -36.14 9.11
N ASP B 508 11.55 -35.77 9.75
CA ASP B 508 10.74 -36.84 10.37
C ASP B 508 9.84 -37.53 9.32
N SER B 509 9.42 -36.80 8.31
CA SER B 509 8.51 -37.38 7.28
C SER B 509 9.27 -38.48 6.54
N TYR B 510 10.59 -38.52 6.69
CA TYR B 510 11.34 -39.59 6.08
C TYR B 510 11.39 -40.83 6.98
N ASP B 511 11.51 -40.61 8.29
CA ASP B 511 11.56 -41.71 9.25
C ASP B 511 10.25 -42.49 9.23
N THR B 512 9.13 -41.80 9.12
CA THR B 512 7.81 -42.43 9.16
C THR B 512 7.46 -43.18 7.88
N ILE B 513 7.90 -42.69 6.72
CA ILE B 513 7.57 -43.30 5.44
C ILE B 513 8.66 -44.25 4.96
N LYS B 514 9.92 -43.85 5.07
CA LYS B 514 11.03 -44.70 4.65
C LYS B 514 11.48 -45.60 5.81
N LEU C 41 23.85 -39.88 46.69
CA LEU C 41 24.14 -38.93 45.62
C LEU C 41 23.29 -39.21 44.39
N ARG C 42 23.15 -40.49 44.02
CA ARG C 42 22.36 -40.84 42.85
C ARG C 42 20.88 -40.51 43.07
N GLU C 43 20.39 -40.69 44.29
CA GLU C 43 19.01 -40.33 44.59
C GLU C 43 18.80 -38.82 44.45
N ASP C 44 19.75 -38.03 44.95
CA ASP C 44 19.64 -36.58 44.85
C ASP C 44 19.70 -36.11 43.41
N LEU C 45 20.59 -36.72 42.61
CA LEU C 45 20.70 -36.33 41.20
C LEU C 45 19.42 -36.63 40.44
N LYS C 46 18.81 -37.78 40.71
CA LYS C 46 17.53 -38.10 40.06
C LYS C 46 16.43 -37.15 40.50
N PHE C 47 16.45 -36.75 41.77
CA PHE C 47 15.44 -35.81 42.26
C PHE C 47 15.59 -34.43 41.63
N TYR C 48 16.81 -33.95 41.47
CA TYR C 48 17.03 -32.61 40.91
C TYR C 48 16.64 -32.53 39.44
N PHE C 49 16.78 -33.62 38.69
CA PHE C 49 16.40 -33.66 37.29
C PHE C 49 14.92 -33.97 37.09
N MET C 50 14.20 -34.28 38.16
CA MET C 50 12.82 -34.75 38.07
C MET C 50 11.87 -33.56 37.96
N SER C 51 10.76 -33.75 37.22
CA SER C 51 9.79 -32.69 37.01
C SER C 51 8.90 -32.55 38.25
N PRO C 52 8.45 -31.33 38.57
CA PRO C 52 7.66 -31.12 39.81
C PRO C 52 6.38 -31.95 39.88
N CYS C 53 5.70 -32.11 38.75
CA CYS C 53 4.46 -32.90 38.75
C CYS C 53 4.76 -34.34 39.13
N GLU C 54 5.82 -34.92 38.56
CA GLU C 54 6.21 -36.27 38.95
C GLU C 54 6.81 -36.30 40.35
N LYS C 55 7.37 -35.17 40.81
CA LYS C 55 7.80 -35.09 42.20
C LYS C 55 6.63 -35.27 43.14
N TYR C 56 5.51 -34.62 42.85
CA TYR C 56 4.30 -34.83 43.65
C TYR C 56 3.71 -36.22 43.41
N ARG C 57 3.86 -36.76 42.20
CA ARG C 57 3.31 -38.07 41.90
C ARG C 57 4.04 -39.17 42.66
N ALA C 58 5.33 -38.99 42.91
CA ALA C 58 6.16 -40.02 43.53
C ALA C 58 6.55 -39.64 44.96
N ARG C 59 7.16 -38.49 45.16
CA ARG C 59 7.62 -38.07 46.48
C ARG C 59 6.56 -37.28 47.25
N ARG C 60 5.46 -36.90 46.59
CA ARG C 60 4.40 -36.09 47.20
C ARG C 60 4.95 -34.74 47.69
N GLN C 61 5.84 -34.15 46.91
CA GLN C 61 6.35 -32.81 47.19
C GLN C 61 5.45 -31.79 46.51
N ILE C 62 4.83 -30.93 47.31
CA ILE C 62 3.91 -29.92 46.79
C ILE C 62 4.72 -28.90 45.97
N PRO C 63 4.36 -28.66 44.71
CA PRO C 63 5.11 -27.68 43.92
C PRO C 63 4.64 -26.25 44.16
N TRP C 64 4.95 -25.71 45.35
CA TRP C 64 4.58 -24.32 45.65
C TRP C 64 5.32 -23.34 44.75
N LYS C 65 6.49 -23.73 44.25
CA LYS C 65 7.23 -22.85 43.35
C LYS C 65 6.47 -22.63 42.05
N LEU C 66 5.87 -23.69 41.50
CA LEU C 66 5.08 -23.56 40.28
C LEU C 66 3.88 -22.65 40.49
N GLY C 67 3.18 -22.82 41.62
CA GLY C 67 2.07 -21.95 41.93
C GLY C 67 2.48 -20.51 42.10
N LEU C 68 3.63 -20.28 42.74
CA LEU C 68 4.14 -18.92 42.89
C LEU C 68 4.46 -18.31 41.53
N GLN C 69 5.05 -19.11 40.62
CA GLN C 69 5.32 -18.61 39.29
C GLN C 69 4.04 -18.24 38.55
N ILE C 70 3.02 -19.10 38.63
CA ILE C 70 1.76 -18.81 37.95
C ILE C 70 1.12 -17.55 38.52
N LEU C 71 1.16 -17.41 39.85
CA LEU C 71 0.64 -16.20 40.48
C LEU C 71 1.38 -14.96 39.99
N LYS C 72 2.71 -15.06 39.90
CA LYS C 72 3.50 -13.94 39.41
C LYS C 72 3.12 -13.57 37.99
N ILE C 73 2.91 -14.57 37.14
CA ILE C 73 2.51 -14.31 35.76
C ILE C 73 1.20 -13.55 35.72
N VAL C 74 0.22 -14.03 36.50
CA VAL C 74 -1.10 -13.40 36.51
C VAL C 74 -1.01 -11.97 36.99
N MET C 75 -0.29 -11.74 38.09
CA MET C 75 -0.18 -10.39 38.63
C MET C 75 0.53 -9.45 37.66
N VAL C 76 1.60 -9.92 37.02
CA VAL C 76 2.33 -9.06 36.08
C VAL C 76 1.44 -8.68 34.90
N THR C 77 0.71 -9.66 34.35
CA THR C 77 -0.16 -9.35 33.21
C THR C 77 -1.26 -8.37 33.61
N THR C 78 -1.87 -8.58 34.79
CA THR C 78 -2.93 -7.68 35.23
C THR C 78 -2.40 -6.26 35.43
N GLN C 79 -1.23 -6.13 36.05
CA GLN C 79 -0.64 -4.83 36.26
C GLN C 79 -0.35 -4.12 34.94
N LEU C 80 0.18 -4.87 33.97
CA LEU C 80 0.45 -4.29 32.66
C LEU C 80 -0.83 -3.79 32.01
N VAL C 81 -1.90 -4.58 32.08
CA VAL C 81 -3.16 -4.17 31.45
C VAL C 81 -3.72 -2.91 32.09
N ARG C 82 -3.70 -2.86 33.43
CA ARG C 82 -4.22 -1.67 34.12
C ARG C 82 -3.40 -0.43 33.75
N PHE C 83 -2.07 -0.56 33.76
CA PHE C 83 -1.21 0.56 33.42
C PHE C 83 -1.48 1.03 31.99
N GLY C 84 -1.65 0.08 31.07
CA GLY C 84 -1.92 0.44 29.69
C GLY C 84 -3.23 1.20 29.53
N LEU C 85 -4.27 0.75 30.23
CA LEU C 85 -5.56 1.45 30.12
C LEU C 85 -5.48 2.87 30.68
N SER C 86 -4.85 3.04 31.84
CA SER C 86 -4.72 4.38 32.41
C SER C 86 -3.92 5.31 31.50
N ASN C 87 -2.80 4.80 30.97
CA ASN C 87 -2.00 5.61 30.05
C ASN C 87 -2.79 5.94 28.79
N GLN C 88 -3.59 5.01 28.30
CA GLN C 88 -4.40 5.27 27.11
C GLN C 88 -5.34 6.43 27.36
N LEU C 89 -6.04 6.43 28.49
CA LEU C 89 -6.95 7.54 28.79
C LEU C 89 -6.22 8.87 28.85
N VAL C 90 -5.12 8.92 29.61
CA VAL C 90 -4.42 10.20 29.79
C VAL C 90 -3.86 10.70 28.46
N VAL C 91 -3.21 9.81 27.70
CA VAL C 91 -2.60 10.20 26.43
C VAL C 91 -3.67 10.65 25.45
N ALA C 92 -4.81 9.96 25.40
CA ALA C 92 -5.87 10.37 24.50
C ALA C 92 -6.38 11.76 24.83
N PHE C 93 -6.56 12.05 26.11
CA PHE C 93 -7.01 13.40 26.49
C PHE C 93 -6.00 14.45 26.05
N LYS C 94 -4.72 14.21 26.32
CA LYS C 94 -3.71 15.21 25.98
C LYS C 94 -3.61 15.42 24.47
N GLU C 95 -3.65 14.34 23.70
CA GLU C 95 -3.55 14.46 22.24
C GLU C 95 -4.77 15.17 21.66
N ASP C 96 -5.96 14.88 22.18
CA ASP C 96 -7.15 15.57 21.69
C ASP C 96 -7.07 17.06 21.99
N ASN C 97 -6.60 17.43 23.19
CA ASN C 97 -6.43 18.84 23.50
C ASN C 97 -5.41 19.50 22.58
N THR C 98 -4.31 18.80 22.28
CA THR C 98 -3.31 19.35 21.37
C THR C 98 -3.88 19.57 19.97
N VAL C 99 -4.69 18.63 19.49
CA VAL C 99 -5.31 18.78 18.17
C VAL C 99 -6.25 19.99 18.16
N ALA C 100 -7.04 20.14 19.23
CA ALA C 100 -7.93 21.30 19.33
C ALA C 100 -7.14 22.60 19.34
N PHE C 101 -6.02 22.64 20.07
CA PHE C 101 -5.19 23.85 20.08
C PHE C 101 -4.63 24.16 18.70
N LYS C 102 -4.17 23.13 17.99
CA LYS C 102 -3.64 23.34 16.65
C LYS C 102 -4.72 23.90 15.72
N HIS C 103 -5.95 23.39 15.83
CA HIS C 103 -7.04 23.92 15.02
C HIS C 103 -7.36 25.37 15.40
N LEU C 104 -7.27 25.69 16.69
CA LEU C 104 -7.64 27.03 17.14
C LEU C 104 -6.62 28.08 16.73
N PHE C 105 -5.34 27.79 16.90
CA PHE C 105 -4.33 28.85 16.84
C PHE C 105 -3.57 28.89 15.52
N LEU C 106 -3.48 27.78 14.81
CA LEU C 106 -2.77 27.77 13.53
C LEU C 106 -3.70 28.18 12.41
N LYS C 107 -3.29 29.18 11.64
CA LYS C 107 -4.13 29.71 10.57
C LYS C 107 -4.14 28.75 9.38
N GLY C 108 -5.33 28.41 8.92
CA GLY C 108 -5.48 27.53 7.78
C GLY C 108 -4.96 26.13 8.03
N TYR C 109 -5.15 25.62 9.25
CA TYR C 109 -4.66 24.26 9.61
C TYR C 109 -5.51 23.22 8.88
N SER C 110 -4.86 22.30 8.17
CA SER C 110 -5.57 21.26 7.38
C SER C 110 -6.21 20.22 8.30
N GLY C 111 -5.53 19.85 9.38
CA GLY C 111 -6.04 18.79 10.27
C GLY C 111 -4.97 17.73 10.41
N THR C 112 -3.97 17.74 9.54
CA THR C 112 -2.85 16.79 9.62
C THR C 112 -1.55 17.57 9.56
N ASP C 113 -0.58 17.21 10.40
CA ASP C 113 0.74 17.89 10.38
C ASP C 113 1.42 17.61 9.03
N GLU C 114 2.07 18.63 8.45
CA GLU C 114 2.78 18.46 7.16
C GLU C 114 3.99 18.19 8.06
N ASP C 115 4.58 17.00 7.97
CA ASP C 115 5.77 16.64 8.78
C ASP C 115 6.11 16.62 10.26
N ASP C 116 7.21 17.25 10.66
CA ASP C 116 7.55 17.38 12.11
C ASP C 116 6.92 18.72 12.48
N TYR C 117 6.69 19.57 11.49
CA TYR C 117 6.06 20.89 11.72
C TYR C 117 4.61 20.79 11.31
N SER C 118 3.76 21.65 11.88
CA SER C 118 2.31 21.56 11.61
C SER C 118 1.99 22.18 10.24
N CYS C 119 2.49 23.38 9.99
CA CYS C 119 2.20 24.05 8.73
C CYS C 119 3.38 24.92 8.34
N SER C 120 3.31 25.49 7.13
CA SER C 120 4.39 26.31 6.61
C SER C 120 3.82 27.38 5.70
N VAL C 121 4.54 28.50 5.60
CA VAL C 121 4.17 29.60 4.73
C VAL C 121 5.39 29.96 3.88
N TYR C 122 5.12 30.59 2.74
CA TYR C 122 6.16 30.95 1.79
C TYR C 122 6.19 32.42 1.43
N THR C 123 5.36 33.25 2.06
CA THR C 123 5.23 34.65 1.72
C THR C 123 5.21 35.48 2.98
N GLN C 124 5.75 36.71 2.91
CA GLN C 124 5.83 37.56 4.08
C GLN C 124 4.45 37.87 4.66
N GLU C 125 3.48 38.19 3.79
CA GLU C 125 2.15 38.52 4.29
C GLU C 125 1.49 37.28 4.89
N ASP C 126 1.81 36.10 4.38
CA ASP C 126 1.30 34.87 4.97
C ASP C 126 1.82 34.68 6.39
N ALA C 127 3.11 34.94 6.60
CA ALA C 127 3.69 34.81 7.94
C ALA C 127 3.08 35.85 8.88
N TYR C 128 2.92 37.09 8.40
CA TYR C 128 2.28 38.12 9.21
C TYR C 128 0.86 37.71 9.58
N GLU C 129 0.12 37.17 8.61
CA GLU C 129 -1.24 36.74 8.85
C GLU C 129 -1.29 35.62 9.89
N SER C 130 -0.37 34.67 9.79
CA SER C 130 -0.34 33.57 10.76
C SER C 130 -0.07 34.08 12.17
N ILE C 131 0.93 34.98 12.32
CA ILE C 131 1.26 35.50 13.64
C ILE C 131 0.09 36.28 14.23
N PHE C 132 -0.48 37.19 13.42
CA PHE C 132 -1.57 38.01 13.91
C PHE C 132 -2.80 37.16 14.22
N PHE C 133 -3.05 36.13 13.41
CA PHE C 133 -4.17 35.24 13.66
C PHE C 133 -4.00 34.49 14.97
N ALA C 134 -2.78 34.00 15.25
CA ALA C 134 -2.54 33.33 16.51
C ALA C 134 -2.79 34.26 17.69
N ILE C 135 -2.28 35.49 17.60
CA ILE C 135 -2.45 36.44 18.71
C ILE C 135 -3.93 36.77 18.90
N ASN C 136 -4.64 37.04 17.80
CA ASN C 136 -6.06 37.39 17.91
C ASN C 136 -6.89 36.22 18.43
N GLN C 137 -6.56 34.99 18.04
CA GLN C 137 -7.31 33.84 18.60
C GLN C 137 -7.18 33.84 20.14
N TYR C 138 -5.98 34.04 20.68
CA TYR C 138 -5.78 33.99 22.15
C TYR C 138 -6.66 35.00 22.87
N HIS C 139 -6.91 36.15 22.26
CA HIS C 139 -7.70 37.23 22.92
C HIS C 139 -9.14 36.78 23.14
N GLN C 140 -9.77 36.13 22.15
CA GLN C 140 -11.20 35.75 22.26
C GLN C 140 -11.30 34.30 22.70
N LEU C 141 -10.32 33.82 23.47
CA LEU C 141 -10.22 32.39 23.73
C LEU C 141 -11.57 31.92 24.27
N LYS C 142 -12.20 32.72 25.13
CA LYS C 142 -13.44 32.30 25.78
C LYS C 142 -14.57 32.12 24.78
N ASP C 143 -14.66 33.04 23.80
CA ASP C 143 -15.79 33.00 22.87
C ASP C 143 -15.64 31.90 21.83
N ILE C 144 -14.45 31.31 21.72
CA ILE C 144 -14.16 30.39 20.63
C ILE C 144 -14.07 28.94 21.11
N THR C 145 -13.41 28.73 22.25
CA THR C 145 -13.15 27.37 22.71
C THR C 145 -14.45 26.63 23.02
N LEU C 146 -14.44 25.33 22.72
CA LEU C 146 -15.65 24.49 22.93
C LEU C 146 -15.48 23.67 24.22
N GLY C 147 -14.26 23.61 24.75
CA GLY C 147 -13.99 22.80 25.96
C GLY C 147 -13.94 23.63 27.23
N THR C 148 -13.58 23.00 28.35
CA THR C 148 -13.47 23.71 29.64
C THR C 148 -12.05 24.16 29.46
N LEU C 149 -11.84 25.36 28.91
CA LEU C 149 -10.47 25.93 28.83
C LEU C 149 -10.48 27.39 29.31
N GLY C 150 -9.47 27.77 30.08
CA GLY C 150 -9.33 29.10 30.63
C GLY C 150 -7.88 29.55 30.55
N TYR C 151 -7.69 30.84 30.86
CA TYR C 151 -6.35 31.41 30.84
C TYR C 151 -5.54 30.92 32.03
N GLY C 152 -4.24 30.73 31.81
CA GLY C 152 -3.34 30.27 32.84
C GLY C 152 -2.26 31.30 33.13
N GLU C 153 -1.74 31.28 34.35
CA GLU C 153 -0.69 32.21 34.73
C GLU C 153 0.68 31.70 34.28
N ASN C 154 1.59 32.63 34.10
CA ASN C 154 2.96 32.31 33.73
C ASN C 154 3.79 32.05 34.99
N GLU C 155 5.12 32.02 34.86
CA GLU C 155 5.96 31.72 36.01
C GLU C 155 5.79 32.76 37.11
N ASP C 156 5.70 34.03 36.74
CA ASP C 156 5.51 35.11 37.70
C ASP C 156 4.05 35.40 38.00
N ASN C 157 3.16 34.45 37.71
CA ASN C 157 1.73 34.55 38.02
C ASN C 157 1.11 35.79 37.36
N ARG C 158 1.08 35.78 36.03
CA ARG C 158 0.46 36.91 35.27
C ARG C 158 -0.17 36.37 33.98
N ILE C 159 -1.44 36.71 33.72
CA ILE C 159 -2.14 36.25 32.48
C ILE C 159 -1.70 37.14 31.32
N GLY C 160 -1.08 36.55 30.28
CA GLY C 160 -0.56 37.37 29.18
C GLY C 160 0.03 36.55 28.05
N LEU C 161 0.63 37.23 27.06
CA LEU C 161 1.17 36.56 25.90
C LEU C 161 2.56 37.10 25.63
N LYS C 162 3.55 36.21 25.56
CA LYS C 162 4.93 36.60 25.32
C LYS C 162 5.36 36.15 23.93
N VAL C 163 5.93 37.07 23.17
CA VAL C 163 6.41 36.79 21.81
C VAL C 163 7.85 37.29 21.72
N CYS C 164 8.75 36.40 21.29
CA CYS C 164 10.16 36.71 21.14
C CYS C 164 10.59 36.51 19.68
N LYS C 165 11.56 37.31 19.26
CA LYS C 165 12.09 37.24 17.90
C LYS C 165 13.61 37.26 17.95
N GLN C 166 14.22 36.67 16.92
CA GLN C 166 15.67 36.56 16.82
C GLN C 166 16.13 37.13 15.48
N HIS C 167 17.22 37.90 15.51
CA HIS C 167 17.77 38.48 14.30
C HIS C 167 19.29 38.53 14.43
N TYR C 168 19.98 38.42 13.30
CA TYR C 168 21.38 38.82 13.24
C TYR C 168 21.45 40.34 13.15
N LYS C 169 22.19 40.93 14.08
CA LYS C 169 22.39 42.39 14.09
C LYS C 169 23.01 42.82 12.76
N LYS C 170 22.56 43.94 12.20
CA LYS C 170 23.07 44.41 10.88
C LYS C 170 24.57 44.73 11.02
N GLY C 171 24.95 45.46 12.07
CA GLY C 171 26.35 45.83 12.27
C GLY C 171 27.10 45.91 10.95
N LEU C 180 24.48 43.32 2.32
CA LEU C 180 23.84 42.38 3.26
C LEU C 180 24.63 42.39 4.57
N ASN C 181 25.15 43.55 4.98
CA ASN C 181 25.99 43.61 6.21
C ASN C 181 25.25 42.95 7.39
N ILE C 182 25.83 41.89 7.96
CA ILE C 182 25.22 41.21 9.15
C ILE C 182 26.36 40.66 10.02
N ASP C 183 26.04 40.17 11.22
CA ASP C 183 27.06 39.58 12.12
C ASP C 183 26.56 38.21 12.58
N ASN C 184 27.45 37.36 13.11
CA ASN C 184 27.07 35.99 13.55
C ASN C 184 26.21 36.07 14.81
N ASP C 185 26.46 37.08 15.65
CA ASP C 185 25.72 37.19 16.94
C ASP C 185 24.23 37.43 16.67
N VAL C 186 23.36 36.97 17.59
CA VAL C 186 21.95 37.24 17.42
C VAL C 186 21.46 38.16 18.53
N GLU C 187 20.33 38.82 18.28
CA GLU C 187 19.66 39.66 19.26
C GLU C 187 18.32 39.03 19.60
N LEU C 188 17.96 39.03 20.88
CA LEU C 188 16.69 38.52 21.36
C LEU C 188 15.97 39.61 22.13
N ASP C 189 14.75 39.93 21.70
CA ASP C 189 13.90 40.89 22.38
C ASP C 189 12.49 40.34 22.47
N CYS C 190 11.87 40.51 23.63
CA CYS C 190 10.53 39.99 23.88
C CYS C 190 9.64 41.10 24.43
N VAL C 191 8.35 41.00 24.11
CA VAL C 191 7.35 41.94 24.59
C VAL C 191 6.22 41.15 25.22
N GLN C 192 5.75 41.60 26.38
CA GLN C 192 4.65 40.94 27.09
C GLN C 192 3.34 41.64 26.75
N LEU C 193 2.37 40.86 26.25
CA LEU C 193 1.08 41.38 25.84
C LEU C 193 0.03 40.84 26.81
N ASP C 194 -0.41 41.68 27.74
CA ASP C 194 -1.44 41.29 28.69
C ASP C 194 -2.80 41.28 28.01
N LEU C 195 -3.79 40.70 28.70
CA LEU C 195 -5.15 40.68 28.18
C LEU C 195 -5.72 42.08 28.07
N GLN C 196 -5.32 42.99 28.95
CA GLN C 196 -5.79 44.38 28.88
C GLN C 196 -5.29 45.05 27.60
N ASP C 197 -4.03 44.83 27.25
CA ASP C 197 -3.48 45.42 26.03
C ASP C 197 -4.19 44.91 24.79
N LEU C 198 -4.47 43.61 24.75
CA LEU C 198 -5.16 43.04 23.59
C LEU C 198 -6.63 43.46 23.54
N SER C 199 -7.21 43.70 24.73
CA SER C 199 -8.65 44.08 24.80
C SER C 199 -8.88 45.50 24.30
N LYS C 200 -7.83 46.33 24.27
CA LYS C 200 -7.99 47.75 23.86
C LYS C 200 -8.69 47.80 22.49
N LYS C 201 -9.67 48.69 22.34
CA LYS C 201 -10.37 48.83 21.04
C LYS C 201 -9.31 48.98 19.94
N PRO C 202 -8.35 49.93 20.03
CA PRO C 202 -7.21 49.99 19.07
C PRO C 202 -6.19 48.96 19.50
N PRO C 203 -6.00 47.84 18.77
CA PRO C 203 -5.10 46.74 19.23
C PRO C 203 -3.78 47.31 19.75
N ASP C 204 -3.18 48.25 19.00
CA ASP C 204 -1.90 48.89 19.41
C ASP C 204 -0.73 47.92 19.14
N TRP C 205 -0.67 46.79 19.84
CA TRP C 205 0.44 45.87 19.64
C TRP C 205 0.75 45.70 18.16
N LYS C 206 -0.29 45.65 17.33
CA LYS C 206 -0.08 45.43 15.90
C LYS C 206 0.62 46.62 15.25
N ASN C 207 0.31 47.83 15.71
CA ASN C 207 0.95 49.03 15.15
C ASN C 207 2.35 49.24 15.71
N SER C 208 2.75 48.44 16.70
CA SER C 208 4.05 48.61 17.30
C SER C 208 5.17 48.32 16.30
N SER C 209 6.32 48.97 16.51
CA SER C 209 7.46 48.75 15.62
C SER C 209 8.11 47.41 15.87
N PHE C 210 7.71 46.73 16.95
CA PHE C 210 8.26 45.41 17.30
C PHE C 210 7.99 44.40 16.19
N PHE C 211 6.86 44.57 15.49
CA PHE C 211 6.43 43.54 14.50
C PHE C 211 7.04 43.73 13.11
N ARG C 212 7.82 44.79 12.93
CA ARG C 212 8.50 45.00 11.63
C ARG C 212 9.64 43.98 11.54
N LEU C 213 9.33 42.77 11.04
CA LEU C 213 10.35 41.70 11.00
C LEU C 213 11.16 41.78 9.69
N GLU C 214 12.48 41.89 9.79
CA GLU C 214 13.33 41.86 8.57
C GLU C 214 13.57 40.39 8.23
N PHE C 215 12.69 39.79 7.42
CA PHE C 215 12.76 38.33 7.16
C PHE C 215 14.15 37.89 6.69
N TYR C 216 14.91 38.79 6.04
CA TYR C 216 16.23 38.39 5.49
C TYR C 216 17.17 38.14 6.65
N ARG C 217 16.92 38.77 7.80
CA ARG C 217 17.75 38.53 8.97
C ARG C 217 17.07 37.63 10.01
N LEU C 218 15.78 37.35 9.85
CA LEU C 218 15.03 36.65 10.88
C LEU C 218 15.57 35.24 11.07
N LEU C 219 15.58 34.79 12.33
CA LEU C 219 15.85 33.41 12.67
C LEU C 219 14.58 32.65 13.06
N GLN C 220 13.82 33.16 14.01
CA GLN C 220 12.58 32.54 14.44
C GLN C 220 11.77 33.54 15.25
N VAL C 221 10.46 33.30 15.29
CA VAL C 221 9.55 34.05 16.14
C VAL C 221 8.77 33.04 16.96
N GLU C 222 8.78 33.19 18.28
CA GLU C 222 8.17 32.24 19.19
C GLU C 222 7.09 32.92 20.01
N ILE C 223 5.91 32.29 20.08
CA ILE C 223 4.78 32.78 20.86
C ILE C 223 4.47 31.73 21.91
N SER C 224 4.43 32.13 23.18
CA SER C 224 4.22 31.22 24.29
C SER C 224 3.12 31.75 25.19
N PHE C 225 2.27 30.84 25.67
CA PHE C 225 1.19 31.21 26.60
C PHE C 225 0.81 29.97 27.40
N HIS C 226 0.06 30.20 28.48
CA HIS C 226 -0.34 29.15 29.41
C HIS C 226 -1.86 29.05 29.44
N LEU C 227 -2.36 27.82 29.46
CA LEU C 227 -3.79 27.56 29.53
C LEU C 227 -4.07 26.52 30.61
N LYS C 228 -5.28 26.58 31.18
CA LYS C 228 -5.73 25.65 32.21
C LYS C 228 -6.97 24.94 31.71
N GLY C 229 -6.97 23.62 31.78
CA GLY C 229 -8.08 22.81 31.32
C GLY C 229 -8.46 21.75 32.34
N ILE C 230 -9.75 21.41 32.36
CA ILE C 230 -10.28 20.37 33.24
C ILE C 230 -11.01 19.35 32.38
N ASP C 231 -10.78 18.07 32.65
CA ASP C 231 -11.47 17.00 31.94
C ASP C 231 -12.68 16.57 32.77
N LEU C 232 -13.87 16.96 32.31
CA LEU C 232 -15.10 16.57 32.98
C LEU C 232 -15.56 15.17 32.60
N GLN C 233 -14.85 14.50 31.70
CA GLN C 233 -15.24 13.15 31.32
C GLN C 233 -15.15 12.17 32.48
N THR C 234 -14.38 12.54 33.50
CA THR C 234 -14.17 11.64 34.65
C THR C 234 -15.19 11.91 35.74
N ILE C 235 -15.92 13.03 35.68
CA ILE C 235 -16.84 13.40 36.80
C ILE C 235 -17.97 12.36 36.90
N HIS C 236 -18.33 11.73 35.78
CA HIS C 236 -19.40 10.69 35.78
C HIS C 236 -19.04 9.60 36.81
N SER C 237 -17.76 9.22 36.88
CA SER C 237 -17.34 8.12 37.79
C SER C 237 -17.29 8.64 39.23
N ARG C 238 -17.74 9.88 39.46
CA ARG C 238 -17.72 10.49 40.82
C ARG C 238 -16.27 10.71 41.25
N GLU C 239 -15.31 10.42 40.36
CA GLU C 239 -13.89 10.66 40.67
C GLU C 239 -13.58 12.14 40.39
N LEU C 240 -13.09 12.87 41.39
CA LEU C 240 -12.84 14.29 41.23
C LEU C 240 -11.93 14.53 40.02
N PRO C 241 -12.28 15.44 39.12
CA PRO C 241 -11.45 15.66 37.93
C PRO C 241 -10.10 16.25 38.30
N ASP C 242 -9.10 15.96 37.46
CA ASP C 242 -7.74 16.45 37.66
C ASP C 242 -7.48 17.59 36.69
N CYS C 243 -7.17 18.77 37.22
CA CYS C 243 -6.91 19.93 36.37
C CYS C 243 -5.58 19.78 35.65
N TYR C 244 -5.51 20.37 34.46
CA TYR C 244 -4.32 20.32 33.61
C TYR C 244 -3.84 21.72 33.32
N VAL C 245 -2.53 21.87 33.20
CA VAL C 245 -1.90 23.13 32.79
C VAL C 245 -1.17 22.89 31.49
N PHE C 246 -1.51 23.65 30.46
CA PHE C 246 -0.92 23.50 29.13
C PHE C 246 0.05 24.66 28.91
N GLN C 247 1.30 24.33 28.61
CA GLN C 247 2.28 25.31 28.17
C GLN C 247 2.46 25.14 26.67
N ASN C 248 1.98 26.13 25.90
CA ASN C 248 1.99 26.06 24.44
C ASN C 248 3.01 27.05 23.90
N THR C 249 3.81 26.60 22.94
CA THR C 249 4.75 27.45 22.24
C THR C 249 4.53 27.29 20.74
N ILE C 250 4.37 28.41 20.05
CA ILE C 250 4.27 28.44 18.60
C ILE C 250 5.55 29.05 18.06
N ILE C 251 6.31 28.27 17.29
CA ILE C 251 7.61 28.69 16.78
C ILE C 251 7.49 28.86 15.27
N PHE C 252 7.75 30.07 14.79
CA PHE C 252 7.81 30.35 13.36
C PHE C 252 9.29 30.31 12.97
N ASP C 253 9.76 29.12 12.62
CA ASP C 253 11.19 28.86 12.48
C ASP C 253 11.55 28.96 11.00
N ASN C 254 12.52 29.82 10.69
CA ASN C 254 13.07 29.98 9.35
C ASN C 254 14.59 29.85 9.36
N LYS C 255 15.10 28.97 10.24
CA LYS C 255 16.54 28.79 10.39
C LYS C 255 17.20 28.41 9.08
N ALA C 256 16.51 27.65 8.23
CA ALA C 256 17.10 27.20 6.97
C ALA C 256 17.37 28.35 6.01
N HIS C 257 16.64 29.46 6.16
CA HIS C 257 16.77 30.60 5.22
C HIS C 257 16.60 30.09 3.79
N SER C 258 15.60 29.22 3.55
CA SER C 258 15.40 28.62 2.20
C SER C 258 14.11 29.15 1.55
N GLY C 259 13.55 30.23 2.08
CA GLY C 259 12.34 30.84 1.48
C GLY C 259 11.06 30.27 2.06
N LYS C 260 11.18 29.42 3.09
CA LYS C 260 10.01 28.78 3.67
C LYS C 260 10.23 28.69 5.18
N ILE C 261 9.28 29.19 5.96
CA ILE C 261 9.34 29.07 7.40
C ILE C 261 8.43 27.94 7.83
N LYS C 262 8.83 27.25 8.88
CA LYS C 262 8.11 26.10 9.41
C LYS C 262 7.47 26.49 10.74
N ILE C 263 6.19 26.15 10.90
CA ILE C 263 5.45 26.50 12.10
C ILE C 263 5.33 25.27 12.98
N TYR C 264 5.94 25.33 14.17
CA TYR C 264 5.91 24.25 15.13
C TYR C 264 4.96 24.59 16.27
N PHE C 265 4.13 23.63 16.66
CA PHE C 265 3.27 23.78 17.82
C PHE C 265 3.60 22.68 18.83
N ASP C 266 3.99 23.08 20.03
CA ASP C 266 4.29 22.16 21.11
C ASP C 266 3.42 22.49 22.31
N SER C 267 2.81 21.46 22.91
CA SER C 267 1.88 21.64 24.02
C SER C 267 2.30 20.72 25.17
N ASP C 268 3.14 21.25 26.06
CA ASP C 268 3.53 20.51 27.25
C ASP C 268 2.40 20.60 28.27
N ALA C 269 2.01 19.45 28.81
CA ALA C 269 0.89 19.37 29.73
C ALA C 269 1.32 18.67 31.01
N LYS C 270 0.74 19.12 32.12
CA LYS C 270 1.01 18.53 33.42
C LYS C 270 -0.22 18.68 34.30
N ILE C 271 -0.33 17.80 35.28
CA ILE C 271 -1.53 17.82 36.18
C ILE C 271 -1.26 18.81 37.32
N GLU C 272 -2.29 19.55 37.73
CA GLU C 272 -2.16 20.53 38.85
C GLU C 272 -3.38 20.33 39.76
N GLU C 273 -3.33 20.85 40.99
CA GLU C 273 -4.46 20.74 41.94
C GLU C 273 -5.64 21.59 41.44
N CYS C 274 -6.86 21.05 41.53
CA CYS C 274 -8.07 21.79 41.07
C CYS C 274 -8.53 22.75 42.17
N LYS C 275 -7.78 23.83 42.37
CA LYS C 275 -8.15 24.86 43.38
C LYS C 275 -9.47 25.51 42.96
N ASP C 276 -9.53 26.02 41.73
CA ASP C 276 -10.76 26.67 41.22
C ASP C 276 -11.74 25.63 40.63
N LEU C 277 -12.44 24.89 41.50
CA LEU C 277 -13.37 23.83 41.03
C LEU C 277 -14.33 23.47 42.16
N ASN C 278 -15.62 23.26 41.83
CA ASN C 278 -16.63 22.87 42.85
C ASN C 278 -17.62 21.89 42.22
N ILE C 279 -17.41 20.59 42.43
CA ILE C 279 -18.32 19.55 41.85
C ILE C 279 -18.86 18.67 42.99
N PHE C 280 -20.13 18.25 42.90
CA PHE C 280 -20.71 17.35 43.92
C PHE C 280 -20.12 16.00 43.49
N GLY C 281 -19.05 15.57 44.16
CA GLY C 281 -18.38 14.30 43.80
C GLY C 281 -17.29 13.99 44.81
N SER C 282 -16.82 12.74 44.84
CA SER C 282 -15.79 12.32 45.84
C SER C 282 -14.38 12.59 45.29
N THR C 283 -13.39 12.71 46.19
CA THR C 283 -11.99 12.88 45.74
C THR C 283 -11.44 11.55 45.27
N GLN C 284 -10.12 11.52 44.99
CA GLN C 284 -9.44 10.30 44.51
C GLN C 284 -8.63 9.63 45.63
N LYS C 285 -8.76 8.30 45.77
CA LYS C 285 -7.93 7.54 46.74
C LYS C 285 -7.29 6.40 45.94
N ASN C 286 -7.74 6.23 44.69
CA ASN C 286 -7.22 5.12 43.83
C ASN C 286 -5.69 5.17 43.81
N ALA C 287 -5.08 6.33 44.08
CA ALA C 287 -3.61 6.35 44.16
C ALA C 287 -3.19 5.25 45.11
N GLN C 288 -3.60 5.35 46.38
CA GLN C 288 -3.28 4.31 47.40
C GLN C 288 -3.97 2.99 47.03
N TYR C 289 -5.11 3.05 46.33
CA TYR C 289 -5.77 1.79 45.91
C TYR C 289 -4.77 0.95 45.10
N VAL C 290 -4.07 1.57 44.13
CA VAL C 290 -3.13 0.80 43.25
C VAL C 290 -1.79 0.65 43.97
N LEU C 291 -1.50 1.58 44.88
CA LEU C 291 -0.21 1.55 45.62
C LEU C 291 -0.06 0.21 46.35
N VAL C 292 -1.17 -0.46 46.71
CA VAL C 292 -0.92 -1.74 47.38
C VAL C 292 -0.70 -2.84 46.36
N PHE C 293 -1.38 -2.77 45.21
CA PHE C 293 -1.25 -3.79 44.19
C PHE C 293 0.18 -3.82 43.65
N ASP C 294 0.78 -2.65 43.44
CA ASP C 294 2.17 -2.59 42.98
C ASP C 294 3.11 -3.14 44.03
N ALA C 295 2.84 -2.85 45.31
CA ALA C 295 3.68 -3.38 46.39
C ALA C 295 3.62 -4.90 46.44
N PHE C 296 2.42 -5.46 46.24
CA PHE C 296 2.28 -6.91 46.26
C PHE C 296 3.03 -7.55 45.09
N VAL C 297 3.00 -6.91 43.92
CA VAL C 297 3.73 -7.42 42.76
C VAL C 297 5.23 -7.43 43.06
N ILE C 298 5.72 -6.37 43.72
CA ILE C 298 7.14 -6.30 44.08
C ILE C 298 7.50 -7.44 45.02
N VAL C 299 6.65 -7.68 46.03
CA VAL C 299 6.93 -8.72 47.01
C VAL C 299 6.96 -10.10 46.33
N ILE C 300 6.00 -10.35 45.44
CA ILE C 300 5.92 -11.65 44.78
C ILE C 300 7.17 -11.89 43.92
N CYS C 301 7.60 -10.87 43.17
CA CYS C 301 8.78 -11.03 42.33
C CYS C 301 10.05 -11.05 43.17
N LEU C 302 10.05 -10.36 44.31
CA LEU C 302 11.18 -10.44 45.22
C LEU C 302 11.32 -11.85 45.77
N ALA C 303 10.20 -12.48 46.11
CA ALA C 303 10.24 -13.86 46.56
C ALA C 303 10.74 -14.80 45.46
N SER C 304 10.28 -14.59 44.24
CA SER C 304 10.74 -15.41 43.12
C SER C 304 12.21 -15.16 42.82
N LEU C 305 12.71 -13.98 43.17
CA LEU C 305 14.13 -13.68 42.95
C LEU C 305 15.02 -14.51 43.86
N ILE C 306 14.69 -14.56 45.16
CA ILE C 306 15.48 -15.32 46.10
C ILE C 306 15.31 -16.82 45.86
N LEU C 307 14.08 -17.23 45.53
CA LEU C 307 13.79 -18.65 45.35
C LEU C 307 14.60 -19.24 44.21
N CYS C 308 14.70 -18.51 43.09
CA CYS C 308 15.51 -18.99 41.97
C CYS C 308 17.00 -18.94 42.31
N THR C 309 17.41 -17.91 43.07
CA THR C 309 18.80 -17.82 43.52
C THR C 309 19.16 -19.00 44.43
N ARG C 310 18.26 -19.35 45.35
CA ARG C 310 18.52 -20.49 46.22
C ARG C 310 18.62 -21.79 45.43
N SER C 311 17.76 -21.95 44.43
CA SER C 311 17.80 -23.16 43.60
C SER C 311 19.13 -23.27 42.86
N ILE C 312 19.65 -22.15 42.36
CA ILE C 312 20.93 -22.16 41.66
C ILE C 312 22.05 -22.57 42.61
N VAL C 313 22.01 -22.06 43.84
CA VAL C 313 23.03 -22.41 44.82
C VAL C 313 22.97 -23.90 45.14
N LEU C 314 21.76 -24.44 45.31
CA LEU C 314 21.62 -25.88 45.56
C LEU C 314 22.14 -26.69 44.38
N ALA C 315 21.92 -26.22 43.16
CA ALA C 315 22.46 -26.89 41.99
C ALA C 315 23.99 -26.90 42.01
N LEU C 316 24.59 -25.78 42.40
CA LEU C 316 26.04 -25.71 42.50
C LEU C 316 26.57 -26.64 43.58
N ARG C 317 25.83 -26.77 44.69
CA ARG C 317 26.23 -27.70 45.73
C ARG C 317 26.21 -29.14 45.24
N LEU C 318 25.18 -29.51 44.46
CA LEU C 318 25.10 -30.86 43.94
C LEU C 318 26.21 -31.15 42.93
N ARG C 319 26.56 -30.17 42.10
CA ARG C 319 27.65 -30.39 41.15
C ARG C 319 28.98 -30.61 41.85
N LYS C 320 29.23 -29.86 42.94
CA LYS C 320 30.43 -30.09 43.73
C LYS C 320 30.44 -31.49 44.34
N ARG C 321 29.28 -31.94 44.83
CA ARG C 321 29.17 -33.31 45.35
C ARG C 321 29.38 -34.33 44.24
N PHE C 322 28.82 -34.06 43.05
CA PHE C 322 29.02 -34.96 41.92
C PHE C 322 30.48 -34.98 41.49
N LEU C 323 31.15 -33.82 41.51
CA LEU C 323 32.55 -33.77 41.11
C LEU C 323 33.43 -34.60 42.03
N ASN C 324 33.13 -34.61 43.33
CA ASN C 324 33.90 -35.42 44.26
C ASN C 324 33.74 -36.91 43.99
N PHE C 325 32.62 -37.32 43.38
CA PHE C 325 32.41 -38.73 43.08
C PHE C 325 33.21 -39.16 41.85
N PHE C 326 33.39 -38.25 40.89
CA PHE C 326 34.07 -38.54 39.63
C PHE C 326 35.47 -37.94 39.59
N LEU C 327 36.20 -38.00 40.71
CA LEU C 327 37.50 -37.32 40.78
C LEU C 327 38.49 -37.93 39.78
N TRP C 340 26.41 -25.51 33.33
CA TRP C 340 26.02 -25.78 31.93
C TRP C 340 24.90 -26.82 31.91
N GLU C 341 25.14 -27.96 32.55
CA GLU C 341 24.09 -29.01 32.65
C GLU C 341 23.44 -28.85 34.03
N PHE C 342 23.90 -27.88 34.82
CA PHE C 342 23.40 -27.73 36.21
C PHE C 342 22.74 -26.36 36.39
N ILE C 343 23.17 -25.38 35.59
CA ILE C 343 22.57 -24.01 35.68
C ILE C 343 21.45 -23.92 34.63
N ASN C 344 20.19 -23.94 35.08
CA ASN C 344 19.03 -23.86 34.16
C ASN C 344 19.24 -22.50 33.50
N GLY C 345 19.10 -22.42 32.17
CA GLY C 345 19.22 -21.13 31.47
C GLY C 345 17.85 -20.52 31.57
N TRP C 346 16.90 -21.22 32.19
CA TRP C 346 15.55 -20.69 32.39
C TRP C 346 15.43 -20.08 33.80
N TYR C 347 16.51 -20.08 34.58
CA TYR C 347 16.50 -19.41 35.87
C TYR C 347 17.08 -18.00 35.76
N VAL C 348 18.12 -17.83 34.95
CA VAL C 348 18.68 -16.50 34.77
C VAL C 348 17.68 -15.59 34.04
N LEU C 349 16.89 -16.17 33.13
CA LEU C 349 15.84 -15.40 32.47
C LEU C 349 14.78 -14.96 33.47
N VAL C 350 14.40 -15.87 34.38
CA VAL C 350 13.43 -15.52 35.41
C VAL C 350 13.98 -14.43 36.32
N ILE C 351 15.27 -14.51 36.66
CA ILE C 351 15.90 -13.50 37.52
C ILE C 351 15.88 -12.14 36.83
N ILE C 352 16.22 -12.11 35.54
CA ILE C 352 16.21 -10.87 34.78
C ILE C 352 14.80 -10.29 34.73
N SER C 353 13.81 -11.14 34.48
CA SER C 353 12.43 -10.67 34.44
C SER C 353 12.00 -10.11 35.78
N ASP C 354 12.41 -10.76 36.87
CA ASP C 354 12.06 -10.27 38.21
C ASP C 354 12.69 -8.90 38.46
N LEU C 355 13.95 -8.73 38.10
CA LEU C 355 14.61 -7.44 38.28
C LEU C 355 13.92 -6.35 37.47
N MET C 356 13.59 -6.66 36.21
CA MET C 356 12.91 -5.67 35.37
C MET C 356 11.54 -5.32 35.94
N THR C 357 10.81 -6.31 36.43
CA THR C 357 9.50 -6.05 37.01
C THR C 357 9.60 -5.17 38.25
N ILE C 358 10.60 -5.44 39.11
CA ILE C 358 10.77 -4.64 40.32
C ILE C 358 11.10 -3.20 39.96
N ILE C 359 12.02 -3.02 39.01
CA ILE C 359 12.40 -1.67 38.60
C ILE C 359 11.20 -0.93 37.99
N GLY C 360 10.44 -1.62 37.13
CA GLY C 360 9.29 -0.99 36.51
C GLY C 360 8.22 -0.63 37.51
N SER C 361 7.98 -1.50 38.49
CA SER C 361 6.98 -1.21 39.52
C SER C 361 7.41 -0.03 40.39
N ILE C 362 8.70 0.06 40.71
CA ILE C 362 9.19 1.20 41.48
C ILE C 362 9.01 2.49 40.68
N LEU C 363 9.34 2.45 39.38
CA LEU C 363 9.17 3.62 38.55
C LEU C 363 7.70 4.02 38.44
N LYS C 364 6.81 3.03 38.31
CA LYS C 364 5.38 3.32 38.24
C LYS C 364 4.87 3.94 39.53
N MET C 365 5.33 3.42 40.67
CA MET C 365 4.94 3.99 41.96
C MET C 365 5.43 5.42 42.09
N GLU C 366 6.66 5.69 41.66
CA GLU C 366 7.19 7.05 41.71
C GLU C 366 6.40 7.98 40.80
N ILE C 367 6.03 7.51 39.61
CA ILE C 367 5.26 8.33 38.68
C ILE C 367 3.89 8.64 39.26
N LYS C 368 3.24 7.65 39.87
CA LYS C 368 1.91 7.87 40.43
C LYS C 368 1.97 8.81 41.63
N ALA C 369 3.01 8.66 42.46
CA ALA C 369 3.12 9.49 43.66
C ALA C 369 3.30 10.96 43.31
N LYS C 370 4.12 11.25 42.30
CA LYS C 370 4.42 12.62 41.91
C LYS C 370 3.50 13.14 40.80
N ASN C 371 2.49 12.36 40.42
CA ASN C 371 1.51 12.78 39.41
C ASN C 371 2.18 13.16 38.10
N LEU C 372 3.19 12.38 37.70
CA LEU C 372 3.88 12.62 36.44
C LEU C 372 3.05 12.12 35.27
N THR C 373 3.31 12.69 34.10
CA THR C 373 2.55 12.38 32.88
C THR C 373 3.41 11.70 31.82
N ASN C 374 4.67 11.37 32.15
CA ASN C 374 5.58 10.71 31.16
C ASN C 374 5.86 9.27 31.58
N TYR C 375 5.42 8.30 30.77
CA TYR C 375 5.60 6.86 31.11
C TYR C 375 6.29 6.12 29.97
N ASP C 376 7.59 6.38 29.77
CA ASP C 376 8.33 5.73 28.66
C ASP C 376 9.35 4.72 29.18
N LEU C 377 10.13 5.05 30.22
CA LEU C 377 11.05 4.03 30.71
C LEU C 377 10.30 2.93 31.46
N CYS C 378 9.31 3.32 32.28
CA CYS C 378 8.56 2.33 33.05
C CYS C 378 7.79 1.39 32.13
N SER C 379 7.21 1.94 31.06
CA SER C 379 6.48 1.10 30.11
C SER C 379 7.41 0.11 29.43
N ILE C 380 8.62 0.55 29.07
CA ILE C 380 9.59 -0.34 28.44
C ILE C 380 9.97 -1.47 29.39
N PHE C 381 10.24 -1.11 30.65
CA PHE C 381 10.62 -2.12 31.64
C PHE C 381 9.49 -3.14 31.83
N LEU C 382 8.26 -2.66 31.97
CA LEU C 382 7.13 -3.56 32.20
C LEU C 382 6.90 -4.46 30.99
N GLY C 383 7.01 -3.91 29.79
CA GLY C 383 6.79 -4.72 28.60
C GLY C 383 7.83 -5.80 28.43
N THR C 384 9.10 -5.45 28.64
CA THR C 384 10.16 -6.45 28.54
C THR C 384 9.98 -7.52 29.61
N SER C 385 9.60 -7.11 30.82
CA SER C 385 9.37 -8.08 31.89
C SER C 385 8.24 -9.04 31.54
N THR C 386 7.15 -8.52 30.97
CA THR C 386 6.04 -9.39 30.58
C THR C 386 6.45 -10.36 29.48
N LEU C 387 7.23 -9.87 28.51
CA LEU C 387 7.71 -10.75 27.44
C LEU C 387 8.54 -11.89 28.00
N LEU C 388 9.48 -11.57 28.90
CA LEU C 388 10.30 -12.62 29.51
C LEU C 388 9.46 -13.56 30.37
N VAL C 389 8.42 -13.04 31.01
CA VAL C 389 7.53 -13.90 31.80
C VAL C 389 6.84 -14.92 30.90
N TRP C 390 6.38 -14.49 29.73
CA TRP C 390 5.72 -15.44 28.83
C TRP C 390 6.71 -16.43 28.22
N VAL C 391 8.00 -16.13 28.08
CA VAL C 391 8.89 -17.22 27.56
C VAL C 391 9.06 -18.34 28.62
N GLY C 392 8.85 -18.02 29.90
CA GLY C 392 8.91 -19.05 30.94
C GLY C 392 7.74 -19.99 30.85
N VAL C 393 6.62 -19.51 30.30
CA VAL C 393 5.46 -20.41 30.06
C VAL C 393 5.91 -21.44 29.03
N ILE C 394 6.59 -21.01 27.96
CA ILE C 394 7.17 -21.96 26.99
C ILE C 394 7.99 -22.95 27.81
N ARG C 395 8.92 -22.45 28.63
CA ARG C 395 9.77 -23.43 29.37
C ARG C 395 8.89 -24.48 30.06
N TYR C 396 7.92 -24.06 30.89
CA TYR C 396 7.10 -25.03 31.67
C TYR C 396 6.37 -26.00 30.74
N LEU C 397 5.68 -25.49 29.71
CA LEU C 397 4.91 -26.33 28.76
C LEU C 397 5.84 -27.39 28.17
N GLY C 398 7.05 -26.99 27.81
CA GLY C 398 7.99 -27.93 27.20
C GLY C 398 8.25 -29.13 28.09
N TYR C 399 7.70 -29.16 29.30
CA TYR C 399 8.02 -30.32 30.20
C TYR C 399 7.46 -31.59 29.58
N PHE C 400 6.55 -31.44 28.61
CA PHE C 400 5.87 -32.63 27.99
C PHE C 400 6.91 -33.51 27.30
N GLN C 401 8.02 -32.94 26.84
CA GLN C 401 9.13 -33.73 26.22
C GLN C 401 8.73 -34.22 24.82
N ALA C 402 7.57 -33.80 24.31
CA ALA C 402 7.20 -34.17 22.92
C ALA C 402 7.60 -33.02 22.00
N TYR C 403 8.65 -32.29 22.38
CA TYR C 403 9.09 -31.10 21.59
C TYR C 403 10.47 -31.29 20.98
N ASN C 404 11.09 -32.46 21.23
CA ASN C 404 12.54 -32.75 20.92
C ASN C 404 13.09 -32.43 19.53
N VAL C 405 12.57 -33.01 18.46
CA VAL C 405 13.24 -32.79 17.12
C VAL C 405 13.42 -31.29 16.87
N LEU C 406 12.40 -30.49 17.17
CA LEU C 406 12.47 -29.02 16.93
C LEU C 406 13.65 -28.44 17.72
N ILE C 407 13.67 -28.65 19.04
CA ILE C 407 14.78 -28.16 19.91
C ILE C 407 16.13 -28.58 19.29
N LEU C 408 16.26 -29.84 18.86
CA LEU C 408 17.53 -30.34 18.29
C LEU C 408 17.95 -29.43 17.13
N THR C 409 17.13 -29.32 16.10
CA THR C 409 17.42 -28.48 14.92
C THR C 409 17.76 -27.08 15.39
N MET C 410 17.04 -26.56 16.39
CA MET C 410 17.27 -25.15 16.82
C MET C 410 18.70 -25.01 17.37
N GLN C 411 19.29 -26.09 17.89
CA GLN C 411 20.67 -26.04 18.36
C GLN C 411 21.66 -26.36 17.26
N ALA C 412 21.30 -27.29 16.36
CA ALA C 412 22.18 -27.64 15.26
C ALA C 412 22.30 -26.50 14.25
N SER C 413 21.17 -25.83 13.97
CA SER C 413 21.16 -24.81 12.93
C SER C 413 21.70 -23.48 13.42
N LEU C 414 21.68 -23.23 14.73
CA LEU C 414 22.07 -21.92 15.24
C LEU C 414 23.47 -21.49 14.80
N PRO C 415 24.51 -22.34 14.95
CA PRO C 415 25.83 -21.94 14.42
C PRO C 415 25.84 -21.68 12.92
N LYS C 416 25.13 -22.50 12.15
CA LYS C 416 25.13 -22.35 10.70
C LYS C 416 24.45 -21.06 10.28
N VAL C 417 23.30 -20.76 10.89
CA VAL C 417 22.62 -19.50 10.61
C VAL C 417 23.45 -18.30 11.06
N LEU C 418 24.08 -18.39 12.23
CA LEU C 418 24.92 -17.28 12.69
C LEU C 418 26.08 -17.04 11.74
N ARG C 419 26.68 -18.12 11.22
CA ARG C 419 27.72 -17.95 10.20
C ARG C 419 27.17 -17.32 8.93
N PHE C 420 25.98 -17.76 8.50
CA PHE C 420 25.39 -17.20 7.28
C PHE C 420 25.06 -15.72 7.45
N CYS C 421 24.53 -15.35 8.62
CA CYS C 421 24.18 -13.96 8.86
C CYS C 421 25.41 -13.06 8.86
N ALA C 422 26.53 -13.56 9.38
CA ALA C 422 27.77 -12.79 9.37
C ALA C 422 28.22 -12.50 7.94
N CYS C 423 28.10 -13.51 7.06
CA CYS C 423 28.46 -13.29 5.66
C CYS C 423 27.46 -12.38 4.96
N ALA C 424 26.17 -12.67 5.11
CA ALA C 424 25.16 -11.86 4.43
C ALA C 424 25.16 -10.43 4.96
N GLY C 425 25.55 -10.25 6.22
CA GLY C 425 25.60 -8.91 6.81
C GLY C 425 26.58 -7.99 6.13
N MET C 426 27.73 -8.51 5.69
CA MET C 426 28.72 -7.64 5.06
C MET C 426 28.27 -7.19 3.67
N ILE C 427 27.63 -8.07 2.91
CA ILE C 427 26.99 -7.63 1.67
C ILE C 427 25.88 -6.62 1.93
N TYR C 428 25.08 -6.87 2.97
CA TYR C 428 23.98 -5.97 3.30
C TYR C 428 24.49 -4.57 3.66
N LEU C 429 25.59 -4.49 4.42
CA LEU C 429 26.15 -3.20 4.79
C LEU C 429 26.67 -2.44 3.58
N GLY C 430 27.39 -3.14 2.69
CA GLY C 430 27.90 -2.49 1.50
C GLY C 430 26.79 -2.00 0.60
N TYR C 431 25.73 -2.80 0.43
CA TYR C 431 24.58 -2.38 -0.35
C TYR C 431 23.90 -1.18 0.29
N THR C 432 23.82 -1.17 1.62
CA THR C 432 23.25 -0.02 2.32
C THR C 432 24.02 1.26 2.03
N PHE C 433 25.35 1.19 2.13
CA PHE C 433 26.17 2.37 1.88
C PHE C 433 26.04 2.83 0.43
N CYS C 434 26.09 1.89 -0.52
CA CYS C 434 25.98 2.27 -1.93
C CYS C 434 24.62 2.90 -2.23
N GLY C 435 23.55 2.31 -1.70
CA GLY C 435 22.23 2.86 -1.92
C GLY C 435 22.07 4.25 -1.33
N TRP C 436 22.59 4.45 -0.12
CA TRP C 436 22.47 5.76 0.50
C TRP C 436 23.29 6.81 -0.25
N ILE C 437 24.45 6.44 -0.77
CA ILE C 437 25.28 7.43 -1.44
C ILE C 437 24.75 7.74 -2.84
N VAL C 438 24.14 6.78 -3.52
CA VAL C 438 23.70 6.98 -4.90
C VAL C 438 22.24 7.41 -4.99
N LEU C 439 21.33 6.61 -4.44
CA LEU C 439 19.91 6.91 -4.49
C LEU C 439 19.45 7.80 -3.33
N GLY C 440 20.39 8.34 -2.58
CA GLY C 440 20.02 9.20 -1.44
C GLY C 440 19.20 10.38 -1.89
N PRO C 441 19.69 11.24 -2.81
CA PRO C 441 18.99 12.48 -3.22
C PRO C 441 17.81 12.23 -4.17
N TYR C 442 17.62 11.00 -4.66
CA TYR C 442 16.54 10.76 -5.66
C TYR C 442 15.45 9.80 -5.20
N HIS C 443 15.61 9.18 -4.02
CA HIS C 443 14.61 8.25 -3.53
C HIS C 443 14.27 8.59 -2.09
N ASP C 444 12.98 8.58 -1.75
CA ASP C 444 12.57 8.86 -0.39
C ASP C 444 12.84 7.72 0.58
N LYS C 445 13.01 6.50 0.08
CA LYS C 445 13.34 5.35 0.91
C LYS C 445 14.84 5.17 1.10
N PHE C 446 15.65 6.08 0.56
CA PHE C 446 17.10 5.98 0.67
C PHE C 446 17.71 7.29 1.18
N GLU C 447 16.94 8.11 1.90
CA GLU C 447 17.42 9.43 2.28
C GLU C 447 18.55 9.36 3.29
N ASN C 448 18.41 8.50 4.31
CA ASN C 448 19.44 8.34 5.32
C ASN C 448 19.74 6.86 5.54
N LEU C 449 20.84 6.59 6.24
CA LEU C 449 21.34 5.23 6.35
C LEU C 449 20.35 4.29 7.03
N ASN C 450 19.68 4.77 8.09
CA ASN C 450 18.71 3.94 8.79
C ASN C 450 17.55 3.57 7.89
N THR C 451 17.05 4.53 7.11
CA THR C 451 15.98 4.26 6.17
C THR C 451 16.42 3.27 5.10
N VAL C 452 17.66 3.39 4.63
CA VAL C 452 18.19 2.45 3.65
C VAL C 452 18.22 1.04 4.23
N ALA C 453 18.67 0.93 5.49
CA ALA C 453 18.74 -0.37 6.13
C ALA C 453 17.36 -1.01 6.25
N GLU C 454 16.37 -0.21 6.69
CA GLU C 454 15.01 -0.74 6.82
C GLU C 454 14.43 -1.13 5.46
N CYS C 455 14.67 -0.32 4.43
CA CYS C 455 14.18 -0.63 3.10
C CYS C 455 14.80 -1.91 2.57
N LEU C 456 16.11 -2.09 2.78
CA LEU C 456 16.77 -3.29 2.30
C LEU C 456 16.30 -4.52 3.06
N PHE C 457 16.06 -4.39 4.36
CA PHE C 457 15.51 -5.50 5.13
C PHE C 457 14.13 -5.91 4.61
N SER C 458 13.28 -4.91 4.33
CA SER C 458 11.96 -5.20 3.78
C SER C 458 12.06 -5.85 2.41
N LEU C 459 13.00 -5.37 1.57
CA LEU C 459 13.19 -5.99 0.25
C LEU C 459 13.65 -7.43 0.37
N VAL C 460 14.55 -7.71 1.31
CA VAL C 460 14.98 -9.08 1.57
C VAL C 460 13.79 -9.94 1.96
N ASN C 461 12.79 -9.41 2.65
CA ASN C 461 11.63 -10.22 3.13
C ASN C 461 10.43 -10.10 2.18
N GLY C 462 10.60 -9.61 0.96
CA GLY C 462 9.54 -9.56 -0.05
C GLY C 462 8.55 -8.41 0.05
N ASP C 463 8.92 -7.28 0.64
CA ASP C 463 7.94 -6.21 0.88
C ASP C 463 8.19 -4.92 0.09
N ASP C 464 7.14 -4.37 -0.52
CA ASP C 464 7.20 -3.07 -1.23
C ASP C 464 8.33 -2.95 -2.24
N MET C 465 8.61 -3.98 -3.04
CA MET C 465 9.63 -3.83 -4.08
C MET C 465 9.13 -3.00 -5.27
N PHE C 466 7.87 -3.18 -5.66
CA PHE C 466 7.38 -2.41 -6.80
C PHE C 466 7.36 -0.92 -6.49
N ALA C 467 6.98 -0.56 -5.26
CA ALA C 467 7.06 0.85 -4.85
C ALA C 467 8.50 1.34 -4.89
N THR C 468 9.45 0.49 -4.48
CA THR C 468 10.86 0.88 -4.54
C THR C 468 11.29 1.15 -5.97
N PHE C 469 10.85 0.32 -6.91
CA PHE C 469 11.17 0.55 -8.31
C PHE C 469 10.52 1.83 -8.83
N ALA C 470 9.27 2.07 -8.43
CA ALA C 470 8.50 3.15 -9.03
C ALA C 470 8.91 4.53 -8.51
N GLN C 471 9.19 4.62 -7.21
CA GLN C 471 9.43 5.96 -6.58
C GLN C 471 10.81 6.54 -6.92
N ILE C 472 11.42 6.13 -8.02
CA ILE C 472 12.72 6.75 -8.42
C ILE C 472 12.39 7.88 -9.42
N GLN C 473 13.32 8.83 -9.58
CA GLN C 473 13.10 9.97 -10.51
C GLN C 473 13.91 9.74 -11.79
N GLN C 474 13.24 9.68 -12.95
CA GLN C 474 13.93 9.49 -14.22
C GLN C 474 14.56 10.76 -14.75
N LYS C 475 14.64 11.82 -13.93
CA LYS C 475 15.26 13.07 -14.39
C LYS C 475 16.73 12.87 -14.70
N SER C 476 17.37 11.88 -14.07
CA SER C 476 18.76 11.55 -14.33
C SER C 476 18.80 10.14 -14.91
N ILE C 477 19.23 10.02 -16.16
CA ILE C 477 19.26 8.72 -16.82
C ILE C 477 20.35 7.83 -16.23
N LEU C 478 21.43 8.44 -15.74
CA LEU C 478 22.52 7.66 -15.18
C LEU C 478 22.11 7.03 -13.86
N VAL C 479 21.46 7.80 -12.99
CA VAL C 479 21.02 7.28 -11.71
C VAL C 479 19.90 6.26 -11.89
N TRP C 480 18.98 6.54 -12.82
CA TRP C 480 17.87 5.62 -13.06
C TRP C 480 18.37 4.26 -13.54
N LEU C 481 19.33 4.26 -14.46
CA LEU C 481 19.88 2.99 -14.94
C LEU C 481 20.60 2.25 -13.82
N PHE C 482 21.34 2.96 -12.98
CA PHE C 482 22.05 2.33 -11.88
C PHE C 482 21.07 1.72 -10.88
N SER C 483 19.95 2.40 -10.63
CA SER C 483 18.98 1.91 -9.66
C SER C 483 18.40 0.56 -10.09
N ARG C 484 18.12 0.40 -11.38
CA ARG C 484 17.62 -0.88 -11.87
C ARG C 484 18.65 -1.98 -11.68
N LEU C 485 19.93 -1.69 -11.96
CA LEU C 485 20.98 -2.65 -11.72
C LEU C 485 21.16 -2.90 -10.22
N TYR C 486 21.04 -1.84 -9.42
CA TYR C 486 21.18 -1.96 -7.97
C TYR C 486 20.08 -2.83 -7.37
N LEU C 487 18.83 -2.58 -7.77
CA LEU C 487 17.70 -3.28 -7.18
C LEU C 487 17.62 -4.72 -7.67
N TYR C 488 17.84 -4.94 -8.96
CA TYR C 488 17.76 -6.28 -9.52
C TYR C 488 18.83 -7.19 -8.96
N SER C 489 20.06 -6.69 -8.84
CA SER C 489 21.16 -7.49 -8.34
C SER C 489 20.97 -7.84 -6.85
N PHE C 490 20.49 -6.87 -6.07
CA PHE C 490 20.31 -7.08 -4.64
C PHE C 490 19.27 -8.16 -4.36
N ILE C 491 18.12 -8.06 -5.03
CA ILE C 491 17.04 -9.01 -4.80
C ILE C 491 17.44 -10.40 -5.27
N SER C 492 18.06 -10.47 -6.46
CA SER C 492 18.46 -11.76 -7.00
C SER C 492 19.54 -12.41 -6.14
N LEU C 493 20.51 -11.63 -5.65
CA LEU C 493 21.61 -12.19 -4.89
C LEU C 493 21.12 -12.76 -3.56
N PHE C 494 20.27 -12.02 -2.85
CA PHE C 494 19.84 -12.47 -1.53
C PHE C 494 18.85 -13.63 -1.62
N ILE C 495 18.07 -13.68 -2.70
CA ILE C 495 17.23 -14.85 -2.93
C ILE C 495 18.09 -16.09 -3.14
N TYR C 496 19.16 -15.96 -3.93
CA TYR C 496 20.05 -17.10 -4.17
C TYR C 496 20.80 -17.50 -2.90
N MET C 497 21.24 -16.53 -2.11
CA MET C 497 21.97 -16.86 -0.88
C MET C 497 21.06 -17.57 0.11
N ILE C 498 19.80 -17.12 0.24
CA ILE C 498 18.84 -17.84 1.06
C ILE C 498 18.51 -19.19 0.43
N LEU C 499 18.54 -19.26 -0.90
CA LEU C 499 18.33 -20.59 -1.55
C LEU C 499 19.46 -21.54 -1.13
N SER C 500 20.70 -21.17 -1.42
CA SER C 500 21.87 -22.04 -1.12
C SER C 500 21.89 -22.40 0.38
N LEU C 501 21.34 -21.57 1.26
CA LEU C 501 21.28 -21.85 2.74
C LEU C 501 20.30 -22.97 3.08
N PHE C 502 19.03 -22.88 2.69
CA PHE C 502 18.03 -23.90 3.07
C PHE C 502 18.51 -25.27 2.68
N ILE C 503 18.94 -25.45 1.43
CA ILE C 503 19.40 -26.76 0.91
C ILE C 503 20.54 -27.29 1.79
N ALA C 504 21.53 -26.47 2.12
CA ALA C 504 22.64 -26.88 3.00
C ALA C 504 22.12 -27.31 4.37
N LEU C 505 21.30 -26.48 4.99
CA LEU C 505 20.73 -26.79 6.32
C LEU C 505 20.09 -28.17 6.25
N ILE C 506 19.29 -28.41 5.23
CA ILE C 506 18.58 -29.71 5.08
C ILE C 506 19.55 -30.89 4.90
N THR C 507 20.50 -30.77 3.98
CA THR C 507 21.48 -31.82 3.75
C THR C 507 22.20 -32.13 5.05
N ASP C 508 22.49 -31.14 5.88
CA ASP C 508 23.28 -31.45 7.10
C ASP C 508 22.38 -32.02 8.19
N SER C 509 21.12 -31.61 8.23
CA SER C 509 20.21 -32.08 9.31
C SER C 509 19.98 -33.58 9.13
N TYR C 510 20.36 -34.11 7.97
CA TYR C 510 20.26 -35.55 7.78
C TYR C 510 21.51 -36.26 8.30
N ASP C 511 22.68 -35.68 8.10
CA ASP C 511 23.93 -36.25 8.55
C ASP C 511 23.95 -36.37 10.08
N THR C 512 23.43 -35.35 10.77
CA THR C 512 23.46 -35.32 12.22
C THR C 512 22.45 -36.26 12.86
N ILE C 513 21.29 -36.45 12.24
CA ILE C 513 20.24 -37.28 12.82
C ILE C 513 20.27 -38.70 12.27
N LYS C 514 20.45 -38.86 10.96
CA LYS C 514 20.52 -40.18 10.37
C LYS C 514 21.95 -40.70 10.37
N LEU D 41 60.27 -26.42 -3.15
CA LEU D 41 59.02 -26.12 -3.84
C LEU D 41 57.82 -26.46 -2.96
N ARG D 42 57.86 -27.59 -2.26
CA ARG D 42 56.75 -27.97 -1.40
C ARG D 42 56.61 -27.00 -0.23
N GLU D 43 57.73 -26.50 0.31
CA GLU D 43 57.66 -25.51 1.36
C GLU D 43 57.01 -24.21 0.87
N ASP D 44 57.38 -23.78 -0.34
CA ASP D 44 56.81 -22.56 -0.90
C ASP D 44 55.32 -22.72 -1.16
N LEU D 45 54.91 -23.87 -1.68
CA LEU D 45 53.50 -24.10 -1.96
C LEU D 45 52.68 -24.09 -0.68
N LYS D 46 53.19 -24.69 0.39
CA LYS D 46 52.48 -24.67 1.66
C LYS D 46 52.40 -23.25 2.22
N PHE D 47 53.46 -22.46 2.02
CA PHE D 47 53.45 -21.08 2.50
C PHE D 47 52.45 -20.22 1.75
N TYR D 48 52.34 -20.40 0.43
CA TYR D 48 51.42 -19.58 -0.36
C TYR D 48 49.97 -19.87 -0.05
N PHE D 49 49.64 -21.12 0.31
CA PHE D 49 48.28 -21.49 0.67
C PHE D 49 47.96 -21.19 2.13
N MET D 50 48.94 -20.77 2.91
CA MET D 50 48.77 -20.61 4.34
C MET D 50 48.13 -19.26 4.65
N SER D 51 47.32 -19.23 5.73
CA SER D 51 46.63 -18.00 6.13
C SER D 51 47.57 -17.07 6.86
N PRO D 52 47.42 -15.74 6.70
CA PRO D 52 48.37 -14.80 7.32
C PRO D 52 48.50 -14.93 8.83
N CYS D 53 47.38 -15.17 9.51
CA CYS D 53 47.43 -15.32 10.96
C CYS D 53 48.30 -16.51 11.36
N GLU D 54 48.13 -17.63 10.68
CA GLU D 54 48.99 -18.78 10.94
C GLU D 54 50.40 -18.55 10.42
N LYS D 55 50.56 -17.68 9.41
CA LYS D 55 51.91 -17.30 8.99
C LYS D 55 52.65 -16.61 10.12
N TYR D 56 51.98 -15.70 10.83
CA TYR D 56 52.59 -15.09 12.00
C TYR D 56 52.72 -16.07 13.15
N ARG D 57 51.79 -17.02 13.25
CA ARG D 57 51.84 -17.99 14.35
C ARG D 57 53.02 -18.94 14.19
N ALA D 58 53.41 -19.24 12.95
CA ALA D 58 54.46 -20.23 12.68
C ALA D 58 55.72 -19.57 12.17
N ARG D 59 55.65 -18.79 11.10
CA ARG D 59 56.82 -18.16 10.50
C ARG D 59 57.11 -16.78 11.09
N ARG D 60 56.19 -16.23 11.90
CA ARG D 60 56.33 -14.90 12.48
C ARG D 60 56.44 -13.82 11.40
N GLN D 61 55.66 -13.99 10.33
CA GLN D 61 55.59 -12.99 9.27
C GLN D 61 54.48 -12.00 9.61
N ILE D 62 54.85 -10.73 9.78
CA ILE D 62 53.88 -9.70 10.13
C ILE D 62 52.94 -9.48 8.96
N PRO D 63 51.62 -9.58 9.16
CA PRO D 63 50.69 -9.37 8.05
C PRO D 63 50.39 -7.89 7.82
N TRP D 64 51.37 -7.15 7.30
CA TRP D 64 51.14 -5.74 7.02
C TRP D 64 50.11 -5.55 5.91
N LYS D 65 49.96 -6.55 5.04
CA LYS D 65 48.97 -6.46 3.97
C LYS D 65 47.56 -6.42 4.55
N LEU D 66 47.28 -7.24 5.56
CA LEU D 66 45.96 -7.25 6.20
C LEU D 66 45.68 -5.90 6.87
N GLY D 67 46.68 -5.35 7.56
CA GLY D 67 46.50 -4.04 8.17
C GLY D 67 46.26 -2.95 7.15
N LEU D 68 46.98 -3.01 6.02
CA LEU D 68 46.76 -2.05 4.96
C LEU D 68 45.35 -2.16 4.39
N GLN D 69 44.86 -3.39 4.22
CA GLN D 69 43.50 -3.59 3.75
C GLN D 69 42.49 -3.00 4.72
N ILE D 70 42.67 -3.25 6.02
CA ILE D 70 41.73 -2.73 7.02
C ILE D 70 41.75 -1.21 7.02
N LEU D 71 42.95 -0.63 6.93
CA LEU D 71 43.06 0.83 6.85
C LEU D 71 42.34 1.37 5.62
N LYS D 72 42.50 0.70 4.49
CA LYS D 72 41.83 1.12 3.26
C LYS D 72 40.31 1.08 3.43
N ILE D 73 39.80 0.02 4.07
CA ILE D 73 38.36 -0.09 4.31
C ILE D 73 37.88 1.08 5.15
N VAL D 74 38.59 1.38 6.22
CA VAL D 74 38.19 2.45 7.13
C VAL D 74 38.19 3.79 6.39
N MET D 75 39.26 4.07 5.65
CA MET D 75 39.35 5.35 4.94
C MET D 75 38.26 5.48 3.88
N VAL D 76 37.98 4.41 3.14
CA VAL D 76 36.95 4.47 2.10
C VAL D 76 35.59 4.75 2.72
N THR D 77 35.26 4.04 3.81
CA THR D 77 33.97 4.24 4.44
C THR D 77 33.84 5.67 4.98
N THR D 78 34.90 6.18 5.62
CA THR D 78 34.85 7.53 6.17
C THR D 78 34.67 8.56 5.06
N GLN D 79 35.40 8.39 3.95
CA GLN D 79 35.28 9.32 2.83
C GLN D 79 33.87 9.30 2.26
N LEU D 80 33.30 8.11 2.12
CA LEU D 80 31.93 8.00 1.61
C LEU D 80 30.94 8.73 2.52
N VAL D 81 31.09 8.55 3.84
CA VAL D 81 30.16 9.18 4.77
C VAL D 81 30.27 10.70 4.70
N ARG D 82 31.50 11.22 4.67
CA ARG D 82 31.68 12.67 4.59
C ARG D 82 31.08 13.23 3.31
N PHE D 83 31.33 12.57 2.18
CA PHE D 83 30.80 13.01 0.90
C PHE D 83 29.28 13.01 0.93
N GLY D 84 28.70 11.96 1.50
CA GLY D 84 27.25 11.88 1.59
C GLY D 84 26.64 12.99 2.40
N LEU D 85 27.27 13.32 3.54
CA LEU D 85 26.73 14.40 4.38
C LEU D 85 26.80 15.75 3.66
N SER D 86 27.94 16.03 3.02
CA SER D 86 28.07 17.31 2.32
C SER D 86 27.04 17.42 1.18
N ASN D 87 26.91 16.34 0.39
CA ASN D 87 25.92 16.34 -0.68
C ASN D 87 24.51 16.49 -0.14
N GLN D 88 24.21 15.86 1.01
CA GLN D 88 22.90 16.00 1.61
C GLN D 88 22.58 17.46 1.92
N LEU D 89 23.54 18.16 2.55
CA LEU D 89 23.30 19.56 2.87
C LEU D 89 23.05 20.39 1.61
N VAL D 90 23.93 20.25 0.61
CA VAL D 90 23.80 21.08 -0.60
C VAL D 90 22.50 20.79 -1.33
N VAL D 91 22.17 19.50 -1.50
CA VAL D 91 20.97 19.11 -2.22
C VAL D 91 19.73 19.58 -1.48
N ALA D 92 19.72 19.47 -0.15
CA ALA D 92 18.57 19.93 0.62
C ALA D 92 18.35 21.42 0.43
N PHE D 93 19.42 22.21 0.47
CA PHE D 93 19.27 23.65 0.27
C PHE D 93 18.69 23.94 -1.11
N LYS D 94 19.24 23.30 -2.15
CA LYS D 94 18.76 23.59 -3.50
C LYS D 94 17.31 23.17 -3.69
N GLU D 95 16.92 22.01 -3.16
CA GLU D 95 15.54 21.55 -3.32
C GLU D 95 14.57 22.44 -2.55
N ASP D 96 14.95 22.89 -1.35
CA ASP D 96 14.08 23.79 -0.61
C ASP D 96 13.89 25.10 -1.35
N ASN D 97 14.97 25.64 -1.93
CA ASN D 97 14.83 26.86 -2.72
C ASN D 97 13.94 26.64 -3.93
N THR D 98 14.06 25.49 -4.59
CA THR D 98 13.21 25.20 -5.74
C THR D 98 11.74 25.13 -5.34
N VAL D 99 11.45 24.50 -4.19
CA VAL D 99 10.07 24.42 -3.72
C VAL D 99 9.53 25.82 -3.42
N ALA D 100 10.34 26.65 -2.78
CA ALA D 100 9.91 28.02 -2.50
C ALA D 100 9.63 28.79 -3.79
N PHE D 101 10.48 28.61 -4.81
CA PHE D 101 10.25 29.28 -6.09
C PHE D 101 8.96 28.80 -6.73
N LYS D 102 8.69 27.49 -6.69
CA LYS D 102 7.46 26.96 -7.26
C LYS D 102 6.25 27.55 -6.55
N HIS D 103 6.30 27.68 -5.23
CA HIS D 103 5.20 28.29 -4.50
C HIS D 103 5.03 29.77 -4.85
N LEU D 104 6.15 30.46 -5.08
CA LEU D 104 6.09 31.90 -5.35
C LEU D 104 5.53 32.20 -6.74
N PHE D 105 6.00 31.47 -7.76
CA PHE D 105 5.76 31.90 -9.13
C PHE D 105 4.64 31.15 -9.84
N LEU D 106 4.35 29.92 -9.41
CA LEU D 106 3.28 29.16 -10.05
C LEU D 106 1.95 29.49 -9.40
N LYS D 107 0.97 29.88 -10.22
CA LYS D 107 -0.32 30.28 -9.72
C LYS D 107 -1.13 29.06 -9.27
N GLY D 108 -1.65 29.11 -8.06
CA GLY D 108 -2.45 28.03 -7.52
C GLY D 108 -1.69 26.73 -7.36
N TYR D 109 -0.41 26.83 -6.97
CA TYR D 109 0.44 25.62 -6.78
C TYR D 109 -0.05 24.86 -5.56
N SER D 110 -0.32 23.56 -5.73
CA SER D 110 -0.83 22.71 -4.62
C SER D 110 0.25 22.44 -3.58
N GLY D 111 1.49 22.23 -4.01
CA GLY D 111 2.57 21.88 -3.08
C GLY D 111 3.23 20.59 -3.55
N THR D 112 2.57 19.88 -4.46
CA THR D 112 3.15 18.64 -5.03
C THR D 112 3.05 18.72 -6.53
N ASP D 113 4.11 18.33 -7.24
CA ASP D 113 4.08 18.32 -8.72
C ASP D 113 3.03 17.32 -9.21
N GLU D 114 2.27 17.68 -10.24
CA GLU D 114 1.24 16.78 -10.81
C GLU D 114 2.36 16.38 -11.76
N ASP D 115 2.75 15.10 -11.75
CA ASP D 115 3.82 14.59 -12.65
C ASP D 115 5.27 14.97 -12.94
N ASP D 116 5.63 15.17 -14.21
CA ASP D 116 6.98 15.65 -14.55
C ASP D 116 6.80 17.17 -14.60
N TYR D 117 5.56 17.62 -14.78
CA TYR D 117 5.25 19.07 -14.82
C TYR D 117 4.67 19.45 -13.48
N SER D 118 4.79 20.73 -13.11
CA SER D 118 4.32 21.16 -11.77
C SER D 118 2.79 21.31 -11.78
N CYS D 119 2.25 22.02 -12.77
CA CYS D 119 0.81 22.25 -12.81
C CYS D 119 0.36 22.33 -14.26
N SER D 120 -0.96 22.39 -14.45
CA SER D 120 -1.53 22.44 -15.79
C SER D 120 -2.82 23.25 -15.77
N VAL D 121 -3.15 23.84 -16.92
CA VAL D 121 -4.38 24.59 -17.09
C VAL D 121 -5.09 24.08 -18.34
N TYR D 122 -6.39 24.31 -18.39
CA TYR D 122 -7.22 23.82 -19.48
C TYR D 122 -8.03 24.91 -20.17
N THR D 123 -7.83 26.17 -19.80
CA THR D 123 -8.64 27.27 -20.32
C THR D 123 -7.72 28.43 -20.68
N GLN D 124 -8.09 29.19 -21.71
CA GLN D 124 -7.25 30.29 -22.17
C GLN D 124 -7.05 31.34 -21.07
N GLU D 125 -8.11 31.70 -20.36
CA GLU D 125 -7.98 32.71 -19.32
C GLU D 125 -7.13 32.19 -18.17
N ASP D 126 -7.17 30.87 -17.92
CA ASP D 126 -6.31 30.29 -16.90
C ASP D 126 -4.84 30.41 -17.28
N ALA D 127 -4.51 30.15 -18.55
CA ALA D 127 -3.14 30.30 -19.00
C ALA D 127 -2.69 31.76 -18.93
N TYR D 128 -3.55 32.68 -19.34
CA TYR D 128 -3.24 34.09 -19.24
C TYR D 128 -3.00 34.49 -17.78
N GLU D 129 -3.84 34.00 -16.89
CA GLU D 129 -3.70 34.30 -15.46
C GLU D 129 -2.39 33.77 -14.92
N SER D 130 -2.02 32.55 -15.31
CA SER D 130 -0.76 31.97 -14.84
C SER D 130 0.44 32.79 -15.31
N ILE D 131 0.44 33.17 -16.59
CA ILE D 131 1.56 33.93 -17.13
C ILE D 131 1.67 35.29 -16.44
N PHE D 132 0.54 36.00 -16.35
CA PHE D 132 0.56 37.32 -15.73
C PHE D 132 0.91 37.24 -14.25
N PHE D 133 0.44 36.20 -13.57
CA PHE D 133 0.78 36.02 -12.16
C PHE D 133 2.26 35.79 -11.99
N ALA D 134 2.87 34.97 -12.84
CA ALA D 134 4.32 34.76 -12.76
C ALA D 134 5.07 36.07 -12.96
N ILE D 135 4.68 36.85 -13.97
CA ILE D 135 5.39 38.11 -14.23
C ILE D 135 5.22 39.07 -13.06
N ASN D 136 3.99 39.20 -12.55
CA ASN D 136 3.74 40.12 -11.45
C ASN D 136 4.46 39.70 -10.18
N GLN D 137 4.55 38.39 -9.92
CA GLN D 137 5.32 37.95 -8.73
C GLN D 137 6.77 38.45 -8.84
N TYR D 138 7.41 38.31 -10.00
CA TYR D 138 8.84 38.71 -10.14
C TYR D 138 9.03 40.18 -9.81
N HIS D 139 8.04 41.02 -10.11
CA HIS D 139 8.19 42.49 -9.90
C HIS D 139 8.31 42.81 -8.40
N GLN D 140 7.49 42.18 -7.55
CA GLN D 140 7.48 42.50 -6.10
C GLN D 140 8.33 41.49 -5.36
N LEU D 141 9.36 40.96 -6.00
CA LEU D 141 10.09 39.82 -5.45
C LEU D 141 10.52 40.19 -4.04
N LYS D 142 10.96 41.43 -3.84
CA LYS D 142 11.50 41.83 -2.55
C LYS D 142 10.43 41.80 -1.46
N ASP D 143 9.21 42.25 -1.78
CA ASP D 143 8.18 42.36 -0.77
C ASP D 143 7.58 41.00 -0.41
N ILE D 144 7.87 39.97 -1.20
CA ILE D 144 7.18 38.69 -1.05
C ILE D 144 8.11 37.62 -0.48
N THR D 145 9.35 37.58 -0.96
CA THR D 145 10.25 36.50 -0.58
C THR D 145 10.57 36.55 0.91
N LEU D 146 10.71 35.35 1.50
CA LEU D 146 10.98 35.23 2.96
C LEU D 146 12.46 34.95 3.17
N GLY D 147 13.19 34.57 2.12
CA GLY D 147 14.62 34.23 2.25
C GLY D 147 15.54 35.34 1.82
N THR D 148 16.85 35.07 1.80
CA THR D 148 17.84 36.08 1.38
C THR D 148 17.77 35.78 -0.10
N LEU D 149 16.90 36.50 -0.83
CA LEU D 149 16.88 36.38 -2.30
C LEU D 149 16.86 37.76 -2.95
N GLY D 150 17.62 37.95 -4.02
CA GLY D 150 17.71 39.18 -4.75
C GLY D 150 17.74 38.94 -6.25
N TYR D 151 17.65 40.03 -7.00
CA TYR D 151 17.66 39.94 -8.45
C TYR D 151 19.08 39.62 -8.95
N GLY D 152 19.14 38.83 -10.02
CA GLY D 152 20.40 38.44 -10.61
C GLY D 152 20.52 38.95 -12.05
N GLU D 153 21.75 39.16 -12.50
CA GLU D 153 21.98 39.62 -13.85
C GLU D 153 21.95 38.45 -14.84
N ASN D 154 21.63 38.78 -16.09
CA ASN D 154 21.61 37.80 -17.16
C ASN D 154 23.01 37.70 -17.77
N GLU D 155 23.12 37.06 -18.94
CA GLU D 155 24.42 36.87 -19.57
C GLU D 155 25.09 38.21 -19.87
N ASP D 156 24.32 39.18 -20.37
CA ASP D 156 24.83 40.50 -20.69
C ASP D 156 24.79 41.47 -19.51
N ASN D 157 24.68 40.94 -18.28
CA ASN D 157 24.69 41.74 -17.07
C ASN D 157 23.58 42.79 -17.06
N ARG D 158 22.33 42.31 -17.04
CA ARG D 158 21.16 43.23 -17.01
C ARG D 158 20.02 42.60 -16.20
N ILE D 159 19.46 43.32 -15.23
CA ILE D 159 18.35 42.78 -14.39
C ILE D 159 17.05 42.92 -15.19
N GLY D 160 16.37 41.80 -15.48
CA GLY D 160 15.17 41.86 -16.31
C GLY D 160 14.47 40.52 -16.47
N LEU D 161 13.44 40.48 -17.31
CA LEU D 161 12.64 39.27 -17.50
C LEU D 161 12.45 39.05 -18.98
N LYS D 162 12.84 37.87 -19.46
CA LYS D 162 12.71 37.53 -20.88
C LYS D 162 11.63 36.47 -21.06
N VAL D 163 10.72 36.72 -21.99
CA VAL D 163 9.63 35.80 -22.29
C VAL D 163 9.61 35.57 -23.80
N CYS D 164 9.65 34.30 -24.20
CA CYS D 164 9.64 33.91 -25.60
C CYS D 164 8.42 33.03 -25.90
N LYS D 165 7.93 33.15 -27.12
CA LYS D 165 6.77 32.37 -27.56
C LYS D 165 7.06 31.77 -28.94
N GLN D 166 6.40 30.64 -29.21
CA GLN D 166 6.57 29.91 -30.46
C GLN D 166 5.21 29.71 -31.12
N HIS D 167 5.18 29.91 -32.44
CA HIS D 167 3.95 29.71 -33.21
C HIS D 167 4.30 29.17 -34.59
N TYR D 168 3.40 28.38 -35.15
CA TYR D 168 3.46 28.10 -36.58
C TYR D 168 2.89 29.30 -37.33
N LYS D 169 3.70 29.82 -38.25
CA LYS D 169 3.27 30.96 -39.09
C LYS D 169 1.99 30.57 -39.84
N LYS D 170 1.03 31.50 -39.95
CA LYS D 170 -0.26 31.19 -40.62
C LYS D 170 0.01 30.88 -42.10
N GLY D 171 0.82 31.71 -42.76
CA GLY D 171 1.12 31.50 -44.20
C GLY D 171 -0.01 30.78 -44.89
N LEU D 180 -7.67 26.61 -41.42
CA LEU D 180 -6.59 26.43 -40.41
C LEU D 180 -5.24 26.58 -41.12
N ASN D 181 -5.14 27.48 -42.10
CA ASN D 181 -3.88 27.61 -42.88
C ASN D 181 -2.69 27.80 -41.91
N ILE D 182 -1.72 26.88 -41.94
CA ILE D 182 -0.50 27.00 -41.10
C ILE D 182 0.68 26.38 -41.86
N ASP D 183 1.91 26.53 -41.35
CA ASP D 183 3.10 25.94 -41.99
C ASP D 183 3.89 25.17 -40.93
N ASN D 184 4.80 24.29 -41.35
CA ASN D 184 5.57 23.47 -40.38
C ASN D 184 6.59 24.34 -39.65
N ASP D 185 7.09 25.38 -40.31
CA ASP D 185 8.14 26.26 -39.70
C ASP D 185 7.56 26.98 -38.48
N VAL D 186 8.42 27.29 -37.51
CA VAL D 186 7.94 28.05 -36.37
C VAL D 186 8.61 29.42 -36.34
N GLU D 187 7.97 30.36 -35.64
CA GLU D 187 8.51 31.69 -35.41
C GLU D 187 8.80 31.86 -33.93
N LEU D 188 9.95 32.47 -33.62
CA LEU D 188 10.35 32.75 -32.25
C LEU D 188 10.60 34.24 -32.08
N ASP D 189 9.90 34.86 -31.15
CA ASP D 189 10.08 36.27 -30.83
C ASP D 189 10.11 36.43 -29.31
N CYS D 190 11.04 37.25 -28.83
CA CYS D 190 11.21 37.48 -27.40
C CYS D 190 11.23 38.97 -27.10
N VAL D 191 10.74 39.32 -25.92
CA VAL D 191 10.73 40.70 -25.44
C VAL D 191 11.37 40.73 -24.07
N GLN D 192 12.24 41.72 -23.86
CA GLN D 192 12.93 41.89 -22.59
C GLN D 192 12.17 42.90 -21.73
N LEU D 193 11.80 42.49 -20.52
CA LEU D 193 11.04 43.32 -19.59
C LEU D 193 11.95 43.65 -18.40
N ASP D 194 12.46 44.87 -18.40
CA ASP D 194 13.30 45.32 -17.30
C ASP D 194 12.45 45.64 -16.08
N LEU D 195 13.12 45.82 -14.93
CA LEU D 195 12.41 46.19 -13.72
C LEU D 195 11.76 47.56 -13.84
N GLN D 196 12.36 48.47 -14.62
CA GLN D 196 11.77 49.79 -14.81
C GLN D 196 10.45 49.69 -15.57
N ASP D 197 10.40 48.83 -16.59
CA ASP D 197 9.17 48.66 -17.36
C ASP D 197 8.05 48.08 -16.49
N LEU D 198 8.38 47.10 -15.65
CA LEU D 198 7.38 46.50 -14.79
C LEU D 198 6.96 47.46 -13.67
N SER D 199 7.89 48.33 -13.25
CA SER D 199 7.60 49.27 -12.14
C SER D 199 6.63 50.37 -12.58
N LYS D 200 6.52 50.61 -13.88
CA LYS D 200 5.66 51.71 -14.38
C LYS D 200 4.25 51.56 -13.78
N LYS D 201 3.66 52.67 -13.32
CA LYS D 201 2.28 52.60 -12.75
C LYS D 201 1.38 51.88 -13.78
N PRO D 202 1.32 52.30 -15.06
CA PRO D 202 0.59 51.53 -16.11
C PRO D 202 1.50 50.40 -16.55
N PRO D 203 1.21 49.12 -16.22
CA PRO D 203 2.14 47.99 -16.52
C PRO D 203 2.64 48.10 -17.95
N ASP D 204 1.76 48.36 -18.91
CA ASP D 204 2.14 48.49 -20.35
C ASP D 204 2.38 47.11 -20.95
N TRP D 205 3.41 46.40 -20.49
CA TRP D 205 3.70 45.09 -21.08
C TRP D 205 2.43 44.27 -21.28
N LYS D 206 1.50 44.37 -20.32
CA LYS D 206 0.26 43.60 -20.42
C LYS D 206 -0.59 44.06 -21.58
N ASN D 207 -0.61 45.36 -21.86
CA ASN D 207 -1.41 45.88 -22.96
C ASN D 207 -0.73 45.67 -24.30
N SER D 208 0.52 45.19 -24.30
CA SER D 208 1.24 45.01 -25.55
C SER D 208 0.60 43.93 -26.40
N SER D 209 0.77 44.06 -27.72
CA SER D 209 0.19 43.09 -28.64
C SER D 209 0.97 41.77 -28.61
N PHE D 210 2.13 41.76 -27.96
CA PHE D 210 2.95 40.57 -27.84
C PHE D 210 2.21 39.44 -27.15
N PHE D 211 1.31 39.81 -26.22
CA PHE D 211 0.66 38.77 -25.37
C PHE D 211 -0.60 38.18 -26.00
N ARG D 212 -0.98 38.66 -27.18
CA ARG D 212 -2.15 38.09 -27.89
C ARG D 212 -1.72 36.71 -28.44
N LEU D 213 -1.86 35.67 -27.63
CA LEU D 213 -1.38 34.32 -28.05
C LEU D 213 -2.49 33.59 -28.80
N GLU D 214 -2.23 33.15 -30.04
CA GLU D 214 -3.22 32.33 -30.79
C GLU D 214 -3.01 30.88 -30.33
N PHE D 215 -3.72 30.46 -29.29
CA PHE D 215 -3.48 29.12 -28.68
C PHE D 215 -3.56 28.01 -29.73
N TYR D 216 -4.32 28.21 -30.81
CA TYR D 216 -4.49 27.12 -31.80
C TYR D 216 -3.17 26.92 -32.53
N ARG D 217 -2.35 27.97 -32.60
CA ARG D 217 -1.04 27.86 -33.22
C ARG D 217 0.11 27.76 -32.22
N LEU D 218 -0.17 28.01 -30.93
CA LEU D 218 0.89 28.12 -29.95
C LEU D 218 1.62 26.78 -29.79
N LEU D 219 2.93 26.86 -29.59
CA LEU D 219 3.74 25.72 -29.20
C LEU D 219 4.13 25.76 -27.73
N GLN D 220 4.73 26.85 -27.29
CA GLN D 220 5.12 27.00 -25.89
C GLN D 220 5.42 28.48 -25.62
N VAL D 221 5.32 28.84 -24.35
CA VAL D 221 5.73 30.16 -23.86
C VAL D 221 6.70 29.93 -22.71
N GLU D 222 7.88 30.53 -22.78
CA GLU D 222 8.93 30.32 -21.80
C GLU D 222 9.30 31.64 -21.14
N ILE D 223 9.37 31.64 -19.81
CA ILE D 223 9.76 32.80 -19.02
C ILE D 223 11.02 32.43 -18.27
N SER D 224 12.07 33.24 -18.42
CA SER D 224 13.36 32.97 -17.81
C SER D 224 13.85 34.20 -17.06
N PHE D 225 14.45 33.98 -15.89
CA PHE D 225 15.02 35.06 -15.10
C PHE D 225 16.11 34.49 -14.20
N HIS D 226 16.91 35.38 -13.64
CA HIS D 226 18.04 35.02 -12.80
C HIS D 226 17.85 35.58 -11.40
N LEU D 227 18.19 34.78 -10.38
CA LEU D 227 18.10 35.18 -9.00
C LEU D 227 19.40 34.82 -8.28
N LYS D 228 19.71 35.59 -7.23
CA LYS D 228 20.89 35.37 -6.40
C LYS D 228 20.45 35.12 -4.97
N GLY D 229 20.94 34.05 -4.38
CA GLY D 229 20.59 33.68 -3.02
C GLY D 229 21.81 33.32 -2.20
N ILE D 230 21.73 33.58 -0.90
CA ILE D 230 22.79 33.26 0.05
C ILE D 230 22.20 32.41 1.16
N ASP D 231 22.90 31.34 1.52
CA ASP D 231 22.48 30.48 2.64
C ASP D 231 23.18 30.94 3.90
N LEU D 232 22.43 31.59 4.79
CA LEU D 232 22.97 32.03 6.06
C LEU D 232 23.00 30.93 7.10
N GLN D 233 22.50 29.73 6.77
CA GLN D 233 22.50 28.63 7.73
C GLN D 233 23.91 28.21 8.09
N THR D 234 24.88 28.56 7.24
CA THR D 234 26.28 28.14 7.46
C THR D 234 27.04 29.18 8.25
N ILE D 235 26.50 30.39 8.40
CA ILE D 235 27.27 31.49 9.06
C ILE D 235 27.51 31.14 10.54
N HIS D 236 26.61 30.36 11.14
CA HIS D 236 26.78 29.95 12.56
C HIS D 236 28.13 29.26 12.74
N SER D 237 28.52 28.44 11.77
CA SER D 237 29.79 27.67 11.89
C SER D 237 30.98 28.59 11.62
N ARG D 238 30.73 29.90 11.46
CA ARG D 238 31.80 30.89 11.17
C ARG D 238 32.38 30.62 9.78
N GLU D 239 31.80 29.66 9.05
CA GLU D 239 32.24 29.37 7.66
C GLU D 239 31.56 30.37 6.73
N LEU D 240 32.34 31.13 5.97
CA LEU D 240 31.77 32.16 5.10
C LEU D 240 30.73 31.53 4.18
N PRO D 241 29.53 32.12 4.07
CA PRO D 241 28.49 31.52 3.24
C PRO D 241 28.86 31.57 1.76
N ASP D 242 28.34 30.61 1.00
CA ASP D 242 28.59 30.52 -0.44
C ASP D 242 27.36 31.01 -1.18
N CYS D 243 27.53 32.06 -1.99
CA CYS D 243 26.42 32.60 -2.75
C CYS D 243 26.01 31.66 -3.87
N TYR D 244 24.72 31.69 -4.20
CA TYR D 244 24.15 30.84 -5.23
C TYR D 244 23.49 31.71 -6.31
N VAL D 245 23.56 31.24 -7.55
CA VAL D 245 22.88 31.87 -8.67
C VAL D 245 21.86 30.89 -9.22
N PHE D 246 20.60 31.30 -9.26
CA PHE D 246 19.51 30.45 -9.73
C PHE D 246 19.10 30.92 -11.11
N GLN D 247 19.12 30.01 -12.08
CA GLN D 247 18.56 30.27 -13.40
C GLN D 247 17.23 29.51 -13.49
N ASN D 248 16.13 30.25 -13.51
CA ASN D 248 14.79 29.67 -13.50
C ASN D 248 14.13 29.87 -14.85
N THR D 249 13.51 28.81 -15.36
CA THR D 249 12.74 28.88 -16.59
C THR D 249 11.36 28.29 -16.33
N ILE D 250 10.33 29.05 -16.69
CA ILE D 250 8.95 28.58 -16.62
C ILE D 250 8.46 28.36 -18.04
N ILE D 251 8.12 27.12 -18.36
CA ILE D 251 7.73 26.74 -19.72
C ILE D 251 6.25 26.37 -19.68
N PHE D 252 5.45 27.11 -20.47
CA PHE D 252 4.04 26.80 -20.65
C PHE D 252 3.93 26.01 -21.94
N ASP D 253 4.06 24.69 -21.84
CA ASP D 253 4.25 23.81 -22.99
C ASP D 253 2.90 23.21 -23.37
N ASN D 254 2.50 23.41 -24.62
CA ASN D 254 1.28 22.83 -25.18
C ASN D 254 1.58 22.08 -26.48
N LYS D 255 2.77 21.47 -26.54
CA LYS D 255 3.21 20.76 -27.74
C LYS D 255 2.21 19.69 -28.17
N ALA D 256 1.54 19.04 -27.21
CA ALA D 256 0.62 17.97 -27.53
C ALA D 256 -0.60 18.47 -28.29
N HIS D 257 -0.94 19.75 -28.14
CA HIS D 257 -2.16 20.31 -28.77
C HIS D 257 -3.36 19.44 -28.40
N SER D 258 -3.47 19.05 -27.12
CA SER D 258 -4.57 18.15 -26.67
C SER D 258 -5.55 18.89 -25.76
N GLY D 259 -5.51 20.23 -25.74
CA GLY D 259 -6.46 21.02 -24.94
C GLY D 259 -5.94 21.29 -23.55
N LYS D 260 -4.69 20.90 -23.26
CA LYS D 260 -4.12 21.08 -21.93
C LYS D 260 -2.66 21.46 -22.07
N ILE D 261 -2.26 22.56 -21.46
CA ILE D 261 -0.86 22.95 -21.46
C ILE D 261 -0.25 22.54 -20.13
N LYS D 262 1.03 22.17 -20.16
CA LYS D 262 1.76 21.71 -19.00
C LYS D 262 2.77 22.78 -18.61
N ILE D 263 2.82 23.10 -17.32
CA ILE D 263 3.70 24.14 -16.81
C ILE D 263 4.90 23.47 -16.14
N TYR D 264 6.09 23.70 -16.71
CA TYR D 264 7.34 23.15 -16.19
C TYR D 264 8.12 24.25 -15.50
N PHE D 265 8.67 23.94 -14.33
CA PHE D 265 9.56 24.84 -13.63
C PHE D 265 10.90 24.15 -13.41
N ASP D 266 11.96 24.75 -13.94
CA ASP D 266 13.31 24.24 -13.79
C ASP D 266 14.18 25.32 -13.15
N SER D 267 14.97 24.94 -12.15
CA SER D 267 15.80 25.88 -11.40
C SER D 267 17.24 25.35 -11.36
N ASP D 268 18.03 25.77 -12.34
CA ASP D 268 19.45 25.41 -12.36
C ASP D 268 20.18 26.34 -11.39
N ALA D 269 20.98 25.73 -10.51
CA ALA D 269 21.68 26.47 -9.47
C ALA D 269 23.16 26.17 -9.53
N LYS D 270 23.97 27.18 -9.22
CA LYS D 270 25.42 27.04 -9.20
C LYS D 270 25.98 28.00 -8.17
N ILE D 271 27.17 27.67 -7.66
CA ILE D 271 27.80 28.51 -6.60
C ILE D 271 28.59 29.64 -7.29
N GLU D 272 28.58 30.84 -6.70
CA GLU D 272 29.32 31.99 -7.25
C GLU D 272 30.03 32.67 -6.07
N GLU D 273 31.02 33.54 -6.36
CA GLU D 273 31.75 34.26 -5.29
C GLU D 273 30.82 35.27 -4.62
N CYS D 274 30.88 35.37 -3.29
CA CYS D 274 30.01 36.33 -2.54
C CYS D 274 30.66 37.72 -2.57
N LYS D 275 30.61 38.39 -3.73
CA LYS D 275 31.17 39.76 -3.85
C LYS D 275 30.35 40.70 -2.97
N ASP D 276 29.03 40.70 -3.15
CA ASP D 276 28.15 41.58 -2.35
C ASP D 276 27.77 40.92 -1.01
N LEU D 277 28.70 40.90 -0.05
CA LEU D 277 28.44 40.25 1.26
C LEU D 277 29.46 40.76 2.29
N ASN D 278 29.00 41.00 3.52
CA ASN D 278 29.92 41.47 4.60
C ASN D 278 29.48 40.85 5.93
N ILE D 279 30.13 39.75 6.33
CA ILE D 279 29.77 39.05 7.61
C ILE D 279 31.02 38.97 8.49
N PHE D 280 30.86 39.12 9.82
CA PHE D 280 32.01 38.97 10.75
C PHE D 280 32.13 37.45 10.83
N GLY D 281 33.08 36.88 10.07
CA GLY D 281 33.26 35.41 10.05
C GLY D 281 34.48 35.07 9.22
N SER D 282 34.98 33.84 9.36
CA SER D 282 36.21 33.42 8.63
C SER D 282 35.86 32.86 7.24
N THR D 283 36.83 32.85 6.32
CA THR D 283 36.57 32.25 4.99
C THR D 283 36.66 30.74 5.09
N GLN D 284 36.62 30.06 3.93
CA GLN D 284 36.68 28.58 3.88
C GLN D 284 38.07 28.07 3.46
N LYS D 285 38.60 27.09 4.18
CA LYS D 285 39.88 26.45 3.79
C LYS D 285 39.61 24.95 3.73
N ASN D 286 38.42 24.55 4.19
CA ASN D 286 38.07 23.09 4.23
C ASN D 286 38.28 22.48 2.84
N ALA D 287 38.26 23.29 1.79
CA ALA D 287 38.57 22.71 0.45
C ALA D 287 39.89 21.96 0.57
N GLN D 288 40.96 22.68 0.91
CA GLN D 288 42.29 22.04 1.09
C GLN D 288 42.27 21.10 2.31
N TYR D 289 41.42 21.39 3.30
CA TYR D 289 41.31 20.45 4.44
C TYR D 289 40.99 19.04 3.93
N VAL D 290 40.00 18.91 3.04
CA VAL D 290 39.58 17.57 2.54
C VAL D 290 40.53 17.14 1.40
N LEU D 291 41.13 18.12 0.74
CA LEU D 291 42.03 17.81 -0.40
C LEU D 291 43.17 16.90 0.07
N VAL D 292 43.54 16.94 1.36
CA VAL D 292 44.61 16.00 1.72
C VAL D 292 44.05 14.63 2.02
N PHE D 293 42.85 14.57 2.60
CA PHE D 293 42.24 13.28 2.93
C PHE D 293 41.98 12.46 1.67
N ASP D 294 41.51 13.12 0.60
CA ASP D 294 41.29 12.41 -0.65
C ASP D 294 42.61 11.94 -1.25
N ALA D 295 43.66 12.75 -1.14
CA ALA D 295 44.98 12.35 -1.64
C ALA D 295 45.50 11.14 -0.90
N PHE D 296 45.30 11.10 0.42
CA PHE D 296 45.74 9.95 1.20
C PHE D 296 44.98 8.68 0.83
N VAL D 297 43.69 8.81 0.55
CA VAL D 297 42.90 7.66 0.12
C VAL D 297 43.41 7.13 -1.21
N ILE D 298 43.78 8.04 -2.13
CA ILE D 298 44.32 7.63 -3.42
C ILE D 298 45.63 6.87 -3.23
N VAL D 299 46.50 7.38 -2.35
CA VAL D 299 47.80 6.76 -2.13
C VAL D 299 47.61 5.36 -1.54
N ILE D 300 46.70 5.23 -0.57
CA ILE D 300 46.49 3.94 0.09
C ILE D 300 45.97 2.91 -0.92
N CYS D 301 45.02 3.30 -1.76
CA CYS D 301 44.48 2.37 -2.75
C CYS D 301 45.48 2.12 -3.87
N LEU D 302 46.31 3.12 -4.18
CA LEU D 302 47.38 2.89 -5.15
C LEU D 302 48.37 1.86 -4.64
N ALA D 303 48.70 1.93 -3.35
CA ALA D 303 49.57 0.92 -2.76
C ALA D 303 48.93 -0.46 -2.79
N SER D 304 47.64 -0.53 -2.47
CA SER D 304 46.94 -1.81 -2.51
C SER D 304 46.83 -2.33 -3.95
N LEU D 305 46.86 -1.43 -4.93
CA LEU D 305 46.78 -1.85 -6.32
C LEU D 305 48.05 -2.59 -6.74
N ILE D 306 49.21 -2.02 -6.42
CA ILE D 306 50.48 -2.66 -6.78
C ILE D 306 50.70 -3.92 -5.95
N LEU D 307 50.33 -3.87 -4.67
CA LEU D 307 50.57 -4.99 -3.77
C LEU D 307 49.81 -6.24 -4.24
N CYS D 308 48.55 -6.08 -4.64
CA CYS D 308 47.81 -7.22 -5.17
C CYS D 308 48.35 -7.66 -6.52
N THR D 309 48.81 -6.72 -7.34
CA THR D 309 49.41 -7.08 -8.61
C THR D 309 50.69 -7.88 -8.41
N ARG D 310 51.53 -7.46 -7.44
CA ARG D 310 52.75 -8.19 -7.16
C ARG D 310 52.44 -9.60 -6.67
N SER D 311 51.41 -9.75 -5.82
CA SER D 311 51.05 -11.07 -5.32
C SER D 311 50.59 -11.98 -6.44
N ILE D 312 49.85 -11.44 -7.42
CA ILE D 312 49.42 -12.25 -8.56
C ILE D 312 50.62 -12.71 -9.37
N VAL D 313 51.60 -11.82 -9.57
CA VAL D 313 52.80 -12.19 -10.31
C VAL D 313 53.56 -13.31 -9.59
N LEU D 314 53.70 -13.18 -8.26
CA LEU D 314 54.36 -14.23 -7.49
C LEU D 314 53.62 -15.55 -7.60
N ALA D 315 52.28 -15.50 -7.61
CA ALA D 315 51.50 -16.71 -7.79
C ALA D 315 51.77 -17.34 -9.15
N LEU D 316 51.88 -16.52 -10.19
CA LEU D 316 52.19 -17.04 -11.51
C LEU D 316 53.58 -17.65 -11.56
N ARG D 317 54.53 -17.06 -10.84
CA ARG D 317 55.88 -17.62 -10.77
C ARG D 317 55.87 -18.99 -10.11
N LEU D 318 55.09 -19.14 -9.04
CA LEU D 318 55.02 -20.42 -8.35
C LEU D 318 54.36 -21.50 -9.20
N ARG D 319 53.33 -21.13 -9.97
CA ARG D 319 52.69 -22.10 -10.85
C ARG D 319 53.64 -22.60 -11.93
N LYS D 320 54.45 -21.70 -12.49
CA LYS D 320 55.46 -22.10 -13.46
C LYS D 320 56.48 -23.05 -12.82
N ARG D 321 56.90 -22.76 -11.59
CA ARG D 321 57.79 -23.66 -10.87
C ARG D 321 57.12 -25.00 -10.60
N PHE D 322 55.83 -24.97 -10.22
CA PHE D 322 55.10 -26.21 -10.00
C PHE D 322 54.95 -27.00 -11.30
N LEU D 323 54.70 -26.30 -12.42
CA LEU D 323 54.54 -26.99 -13.69
C LEU D 323 55.81 -27.73 -14.09
N ASN D 324 56.98 -27.14 -13.82
CA ASN D 324 58.24 -27.80 -14.14
C ASN D 324 58.43 -29.08 -13.32
N PHE D 325 57.81 -29.17 -12.14
CA PHE D 325 57.94 -30.36 -11.32
C PHE D 325 57.08 -31.50 -11.84
N PHE D 326 55.91 -31.17 -12.41
CA PHE D 326 54.94 -32.14 -12.89
C PHE D 326 54.94 -32.25 -14.41
N LEU D 327 56.13 -32.19 -15.04
CA LEU D 327 56.20 -32.16 -16.50
C LEU D 327 55.61 -33.43 -17.11
N TRP D 340 43.63 -20.34 -11.96
CA TRP D 340 42.34 -20.92 -11.50
C TRP D 340 42.48 -21.31 -10.03
N GLU D 341 43.49 -22.13 -9.71
CA GLU D 341 43.74 -22.53 -8.30
C GLU D 341 44.87 -21.62 -7.79
N PHE D 342 45.36 -20.72 -8.65
CA PHE D 342 46.54 -19.89 -8.26
C PHE D 342 46.15 -18.41 -8.30
N ILE D 343 45.17 -18.06 -9.13
CA ILE D 343 44.71 -16.63 -9.21
C ILE D 343 43.52 -16.46 -8.25
N ASN D 344 43.74 -15.79 -7.11
CA ASN D 344 42.65 -15.57 -6.12
C ASN D 344 41.63 -14.75 -6.92
N GLY D 345 40.35 -15.11 -6.83
CA GLY D 345 39.30 -14.34 -7.53
C GLY D 345 38.97 -13.21 -6.58
N TRP D 346 39.63 -13.18 -5.42
CA TRP D 346 39.43 -12.09 -4.45
C TRP D 346 40.51 -11.04 -4.61
N TYR D 347 41.41 -11.21 -5.58
CA TYR D 347 42.41 -10.18 -5.86
C TYR D 347 41.95 -9.29 -7.02
N VAL D 348 41.32 -9.88 -8.03
CA VAL D 348 40.80 -9.06 -9.13
C VAL D 348 39.69 -8.15 -8.65
N LEU D 349 38.88 -8.63 -7.69
CA LEU D 349 37.85 -7.79 -7.10
C LEU D 349 38.47 -6.62 -6.35
N VAL D 350 39.54 -6.89 -5.61
CA VAL D 350 40.24 -5.81 -4.89
C VAL D 350 40.82 -4.81 -5.87
N ILE D 351 41.38 -5.30 -6.98
CA ILE D 351 41.95 -4.41 -8.00
C ILE D 351 40.87 -3.52 -8.59
N ILE D 352 39.72 -4.11 -8.91
CA ILE D 352 38.62 -3.34 -9.48
C ILE D 352 38.15 -2.28 -8.48
N SER D 353 38.03 -2.66 -7.21
CA SER D 353 37.61 -1.71 -6.19
C SER D 353 38.60 -0.57 -6.05
N ASP D 354 39.90 -0.89 -6.12
CA ASP D 354 40.93 0.15 -6.03
C ASP D 354 40.84 1.12 -7.21
N LEU D 355 40.65 0.59 -8.42
CA LEU D 355 40.52 1.46 -9.59
C LEU D 355 39.29 2.36 -9.46
N MET D 356 38.16 1.79 -9.03
CA MET D 356 36.95 2.58 -8.87
C MET D 356 37.14 3.66 -7.81
N THR D 357 37.81 3.33 -6.71
CA THR D 357 38.03 4.31 -5.66
C THR D 357 38.93 5.44 -6.15
N ILE D 358 39.98 5.10 -6.90
CA ILE D 358 40.89 6.13 -7.42
C ILE D 358 40.14 7.06 -8.36
N ILE D 359 39.34 6.49 -9.27
CA ILE D 359 38.60 7.31 -10.21
C ILE D 359 37.60 8.20 -9.48
N GLY D 360 36.88 7.64 -8.50
CA GLY D 360 35.92 8.42 -7.76
C GLY D 360 36.56 9.53 -6.95
N SER D 361 37.72 9.26 -6.35
CA SER D 361 38.42 10.29 -5.59
C SER D 361 38.92 11.41 -6.50
N ILE D 362 39.41 11.06 -7.69
CA ILE D 362 39.84 12.08 -8.64
C ILE D 362 38.65 12.94 -9.06
N LEU D 363 37.51 12.30 -9.34
CA LEU D 363 36.32 13.05 -9.72
C LEU D 363 35.85 13.96 -8.59
N LYS D 364 35.90 13.47 -7.35
CA LYS D 364 35.50 14.27 -6.20
C LYS D 364 36.43 15.47 -6.04
N MET D 365 37.73 15.26 -6.21
CA MET D 365 38.69 16.36 -6.11
C MET D 365 38.44 17.40 -7.19
N GLU D 366 38.15 16.94 -8.42
CA GLU D 366 37.85 17.87 -9.51
C GLU D 366 36.58 18.65 -9.21
N ILE D 367 35.55 17.99 -8.68
CA ILE D 367 34.30 18.66 -8.37
C ILE D 367 34.50 19.70 -7.28
N LYS D 368 35.28 19.37 -6.25
CA LYS D 368 35.52 20.31 -5.16
C LYS D 368 36.35 21.50 -5.63
N ALA D 369 37.35 21.24 -6.49
CA ALA D 369 38.21 22.32 -6.96
C ALA D 369 37.45 23.34 -7.79
N LYS D 370 36.55 22.87 -8.66
CA LYS D 370 35.80 23.75 -9.54
C LYS D 370 34.45 24.16 -8.96
N ASN D 371 34.17 23.81 -7.71
CA ASN D 371 32.93 24.20 -7.03
C ASN D 371 31.69 23.76 -7.80
N LEU D 372 31.73 22.55 -8.35
CA LEU D 372 30.61 22.01 -9.07
C LEU D 372 29.53 21.51 -8.11
N THR D 373 28.29 21.47 -8.60
CA THR D 373 27.15 21.08 -7.79
C THR D 373 26.51 19.77 -8.25
N ASN D 374 27.13 19.08 -9.22
CA ASN D 374 26.57 17.80 -9.74
C ASN D 374 27.47 16.63 -9.34
N TYR D 375 26.94 15.72 -8.51
CA TYR D 375 27.76 14.56 -8.03
C TYR D 375 27.05 13.25 -8.31
N ASP D 376 26.99 12.84 -9.57
CA ASP D 376 26.28 11.59 -9.96
C ASP D 376 27.26 10.51 -10.41
N LEU D 377 28.25 10.84 -11.25
CA LEU D 377 29.19 9.78 -11.60
C LEU D 377 30.12 9.44 -10.44
N CYS D 378 30.60 10.47 -9.74
CA CYS D 378 31.51 10.25 -8.61
C CYS D 378 30.83 9.46 -7.51
N SER D 379 29.55 9.77 -7.23
CA SER D 379 28.81 9.04 -6.21
C SER D 379 28.65 7.58 -6.60
N ILE D 380 28.37 7.31 -7.87
CA ILE D 380 28.23 5.93 -8.33
C ILE D 380 29.54 5.18 -8.17
N PHE D 381 30.65 5.80 -8.57
CA PHE D 381 31.95 5.18 -8.43
C PHE D 381 32.27 4.86 -6.98
N LEU D 382 32.05 5.83 -6.09
CA LEU D 382 32.37 5.63 -4.68
C LEU D 382 31.49 4.55 -4.06
N GLY D 383 30.20 4.53 -4.42
CA GLY D 383 29.31 3.52 -3.86
C GLY D 383 29.68 2.12 -4.30
N THR D 384 29.97 1.95 -5.59
CA THR D 384 30.38 0.64 -6.07
C THR D 384 31.69 0.21 -5.43
N SER D 385 32.63 1.14 -5.28
CA SER D 385 33.89 0.82 -4.64
C SER D 385 33.68 0.37 -3.20
N THR D 386 32.81 1.06 -2.45
CA THR D 386 32.54 0.66 -1.08
C THR D 386 31.89 -0.72 -1.01
N LEU D 387 30.96 -0.99 -1.93
CA LEU D 387 30.32 -2.31 -1.96
C LEU D 387 31.35 -3.41 -2.19
N LEU D 388 32.24 -3.21 -3.17
CA LEU D 388 33.28 -4.20 -3.42
C LEU D 388 34.25 -4.32 -2.25
N VAL D 389 34.51 -3.23 -1.54
CA VAL D 389 35.36 -3.28 -0.37
C VAL D 389 34.74 -4.17 0.71
N TRP D 390 33.43 -4.04 0.92
CA TRP D 390 32.79 -4.87 1.94
C TRP D 390 32.71 -6.33 1.50
N VAL D 391 32.70 -6.67 0.21
CA VAL D 391 32.71 -8.15 -0.09
C VAL D 391 34.07 -8.77 0.27
N GLY D 392 35.12 -7.96 0.31
CA GLY D 392 36.46 -8.46 0.72
C GLY D 392 36.47 -8.80 2.20
N VAL D 393 35.62 -8.13 2.97
CA VAL D 393 35.50 -8.45 4.42
C VAL D 393 34.94 -9.88 4.48
N ILE D 394 33.92 -10.18 3.67
CA ILE D 394 33.40 -11.58 3.58
C ILE D 394 34.63 -12.45 3.29
N ARG D 395 35.38 -12.13 2.25
CA ARG D 395 36.53 -13.03 1.94
C ARG D 395 37.36 -13.29 3.20
N TYR D 396 37.84 -12.24 3.88
CA TYR D 396 38.74 -12.42 5.05
C TYR D 396 38.06 -13.25 6.14
N LEU D 397 36.83 -12.92 6.51
CA LEU D 397 36.09 -13.62 7.58
C LEU D 397 36.03 -15.12 7.24
N GLY D 398 35.76 -15.42 5.97
CA GLY D 398 35.65 -16.83 5.55
C GLY D 398 36.90 -17.60 5.86
N TYR D 399 37.96 -16.97 6.37
CA TYR D 399 39.21 -17.74 6.61
C TYR D 399 38.95 -18.78 7.69
N PHE D 400 37.85 -18.62 8.43
CA PHE D 400 37.54 -19.54 9.56
C PHE D 400 37.35 -20.97 9.05
N GLN D 401 36.93 -21.13 7.78
CA GLN D 401 36.79 -22.48 7.16
C GLN D 401 35.56 -23.22 7.73
N ALA D 402 34.76 -22.57 8.57
CA ALA D 402 33.53 -23.22 9.06
C ALA D 402 32.36 -22.77 8.18
N TYR D 403 32.65 -22.46 6.91
CA TYR D 403 31.61 -21.94 5.99
C TYR D 403 31.33 -22.90 4.83
N ASN D 404 32.04 -24.04 4.81
CA ASN D 404 32.09 -25.00 3.66
C ASN D 404 30.78 -25.47 3.01
N VAL D 405 29.87 -26.12 3.74
CA VAL D 405 28.68 -26.71 3.05
C VAL D 405 27.99 -25.63 2.20
N LEU D 406 27.84 -24.41 2.75
CA LEU D 406 27.16 -23.32 2.01
C LEU D 406 27.91 -23.04 0.70
N ILE D 407 29.21 -22.74 0.78
CA ILE D 407 30.03 -22.49 -0.43
C ILE D 407 29.82 -23.63 -1.44
N LEU D 408 29.85 -24.89 -0.98
CA LEU D 408 29.69 -26.04 -1.89
C LEU D 408 28.38 -25.89 -2.69
N THR D 409 27.24 -25.82 -1.99
CA THR D 409 25.92 -25.66 -2.64
C THR D 409 25.97 -24.47 -3.58
N MET D 410 26.61 -23.38 -3.17
CA MET D 410 26.60 -22.15 -4.01
C MET D 410 27.31 -22.43 -5.35
N GLN D 411 28.24 -23.39 -5.39
CA GLN D 411 28.90 -23.76 -6.64
C GLN D 411 28.12 -24.85 -7.38
N ALA D 412 27.53 -25.78 -6.64
CA ALA D 412 26.75 -26.84 -7.27
C ALA D 412 25.48 -26.30 -7.89
N SER D 413 24.81 -25.38 -7.20
CA SER D 413 23.50 -24.90 -7.65
C SER D 413 23.62 -23.84 -8.73
N LEU D 414 24.77 -23.15 -8.82
CA LEU D 414 24.90 -22.04 -9.76
C LEU D 414 24.58 -22.44 -11.20
N PRO D 415 25.15 -23.53 -11.75
CA PRO D 415 24.75 -23.92 -13.11
C PRO D 415 23.27 -24.27 -13.24
N LYS D 416 22.70 -24.93 -12.24
CA LYS D 416 21.29 -25.33 -12.30
C LYS D 416 20.38 -24.11 -12.28
N VAL D 417 20.67 -23.16 -11.39
CA VAL D 417 19.89 -21.93 -11.35
C VAL D 417 20.05 -21.11 -12.62
N LEU D 418 21.28 -21.03 -13.16
CA LEU D 418 21.49 -20.31 -14.40
C LEU D 418 20.72 -20.93 -15.55
N ARG D 419 20.67 -22.26 -15.60
CA ARG D 419 19.85 -22.93 -16.61
C ARG D 419 18.38 -22.64 -16.40
N PHE D 420 17.92 -22.65 -15.14
CA PHE D 420 16.51 -22.37 -14.87
C PHE D 420 16.14 -20.95 -15.25
N CYS D 421 17.02 -19.99 -14.93
CA CYS D 421 16.73 -18.59 -15.25
C CYS D 421 16.66 -18.37 -16.75
N ALA D 422 17.48 -19.07 -17.53
CA ALA D 422 17.42 -18.95 -18.98
C ALA D 422 16.07 -19.42 -19.51
N CYS D 423 15.56 -20.52 -18.96
CA CYS D 423 14.25 -21.00 -19.38
C CYS D 423 13.13 -20.08 -18.90
N ALA D 424 13.14 -19.71 -17.61
CA ALA D 424 12.08 -18.85 -17.08
C ALA D 424 12.13 -17.48 -17.73
N GLY D 425 13.31 -17.04 -18.16
CA GLY D 425 13.43 -15.74 -18.79
C GLY D 425 12.68 -15.62 -20.09
N MET D 426 12.61 -16.69 -20.88
CA MET D 426 11.91 -16.61 -22.17
C MET D 426 10.40 -16.56 -21.97
N ILE D 427 9.86 -17.29 -21.00
CA ILE D 427 8.46 -17.11 -20.63
C ILE D 427 8.20 -15.71 -20.10
N TYR D 428 9.12 -15.19 -19.27
CA TYR D 428 8.96 -13.87 -18.69
C TYR D 428 8.92 -12.79 -19.78
N LEU D 429 9.79 -12.91 -20.79
CA LEU D 429 9.82 -11.94 -21.88
C LEU D 429 8.53 -11.97 -22.68
N GLY D 430 8.04 -13.17 -23.02
CA GLY D 430 6.81 -13.26 -23.76
C GLY D 430 5.62 -12.71 -23.00
N TYR D 431 5.56 -13.01 -21.70
CA TYR D 431 4.50 -12.46 -20.86
C TYR D 431 4.60 -10.94 -20.80
N THR D 432 5.82 -10.40 -20.73
CA THR D 432 6.03 -8.96 -20.73
C THR D 432 5.46 -8.33 -22.00
N PHE D 433 5.80 -8.90 -23.15
CA PHE D 433 5.32 -8.36 -24.42
C PHE D 433 3.80 -8.44 -24.51
N CYS D 434 3.22 -9.58 -24.13
CA CYS D 434 1.76 -9.74 -24.21
C CYS D 434 1.06 -8.75 -23.29
N GLY D 435 1.57 -8.60 -22.06
CA GLY D 435 0.96 -7.66 -21.13
C GLY D 435 1.05 -6.23 -21.62
N TRP D 436 2.21 -5.84 -22.17
CA TRP D 436 2.34 -4.47 -22.66
C TRP D 436 1.44 -4.22 -23.85
N ILE D 437 1.26 -5.21 -24.73
CA ILE D 437 0.45 -4.97 -25.92
C ILE D 437 -1.04 -4.99 -25.59
N VAL D 438 -1.47 -5.78 -24.61
CA VAL D 438 -2.89 -5.93 -24.32
C VAL D 438 -3.35 -4.98 -23.21
N LEU D 439 -2.74 -5.06 -22.04
CA LEU D 439 -3.11 -4.24 -20.90
C LEU D 439 -2.38 -2.89 -20.89
N GLY D 440 -1.70 -2.56 -21.97
CA GLY D 440 -0.98 -1.28 -22.02
C GLY D 440 -1.92 -0.11 -21.83
N PRO D 441 -2.97 0.06 -22.66
CA PRO D 441 -3.86 1.25 -22.59
C PRO D 441 -4.86 1.19 -21.43
N TYR D 442 -4.96 0.08 -20.71
CA TYR D 442 -5.98 -0.04 -19.64
C TYR D 442 -5.43 -0.21 -18.22
N HIS D 443 -4.12 -0.38 -18.09
CA HIS D 443 -3.52 -0.55 -16.77
C HIS D 443 -2.34 0.40 -16.63
N ASP D 444 -2.23 1.05 -15.47
CA ASP D 444 -1.12 1.95 -15.22
C ASP D 444 0.19 1.23 -14.95
N LYS D 445 0.15 -0.04 -14.56
CA LYS D 445 1.34 -0.83 -14.32
C LYS D 445 1.83 -1.54 -15.57
N PHE D 446 1.17 -1.32 -16.71
CA PHE D 446 1.54 -1.96 -17.97
C PHE D 446 1.69 -0.96 -19.10
N GLU D 447 1.97 0.30 -18.78
CA GLU D 447 1.98 1.35 -19.79
C GLU D 447 3.14 1.18 -20.77
N ASN D 448 4.34 0.89 -20.27
CA ASN D 448 5.50 0.68 -21.11
C ASN D 448 6.23 -0.59 -20.70
N LEU D 449 7.16 -1.03 -21.55
CA LEU D 449 7.78 -2.34 -21.39
C LEU D 449 8.55 -2.45 -20.08
N ASN D 450 9.28 -1.40 -19.70
CA ASN D 450 10.04 -1.43 -18.46
C ASN D 450 9.12 -1.57 -17.26
N THR D 451 8.01 -0.84 -17.25
CA THR D 451 7.04 -0.95 -16.16
C THR D 451 6.44 -2.34 -16.12
N VAL D 452 6.15 -2.94 -17.29
CA VAL D 452 5.63 -4.29 -17.33
C VAL D 452 6.63 -5.27 -16.72
N ALA D 453 7.91 -5.10 -17.07
CA ALA D 453 8.94 -5.99 -16.54
C ALA D 453 9.04 -5.88 -15.02
N GLU D 454 9.01 -4.65 -14.50
CA GLU D 454 9.08 -4.46 -13.05
C GLU D 454 7.85 -5.05 -12.36
N CYS D 455 6.67 -4.84 -12.95
CA CYS D 455 5.45 -5.37 -12.37
C CYS D 455 5.46 -6.89 -12.34
N LEU D 456 5.93 -7.52 -13.42
CA LEU D 456 5.97 -8.97 -13.47
C LEU D 456 7.00 -9.52 -12.49
N PHE D 457 8.14 -8.84 -12.35
CA PHE D 457 9.12 -9.26 -11.35
C PHE D 457 8.53 -9.20 -9.94
N SER D 458 7.81 -8.11 -9.62
CA SER D 458 7.17 -8.00 -8.32
C SER D 458 6.12 -9.08 -8.12
N LEU D 459 5.34 -9.37 -9.16
CA LEU D 459 4.34 -10.44 -9.07
C LEU D 459 4.99 -11.79 -8.82
N VAL D 460 6.11 -12.07 -9.51
CA VAL D 460 6.85 -13.30 -9.27
C VAL D 460 7.29 -13.37 -7.82
N ASN D 461 7.60 -12.27 -7.16
CA ASN D 461 8.11 -12.27 -5.75
C ASN D 461 7.00 -12.01 -4.75
N GLY D 462 5.73 -12.11 -5.12
CA GLY D 462 4.59 -11.99 -4.20
C GLY D 462 4.16 -10.59 -3.83
N ASP D 463 4.42 -9.59 -4.68
CA ASP D 463 4.13 -8.19 -4.29
C ASP D 463 3.03 -7.52 -5.09
N ASP D 464 2.11 -6.83 -4.41
CA ASP D 464 1.03 -6.02 -5.05
C ASP D 464 0.24 -6.77 -6.11
N MET D 465 -0.14 -8.03 -5.90
CA MET D 465 -0.98 -8.71 -6.87
C MET D 465 -2.44 -8.23 -6.81
N PHE D 466 -2.96 -7.99 -5.61
CA PHE D 466 -4.35 -7.56 -5.51
C PHE D 466 -4.54 -6.20 -6.17
N ALA D 467 -3.57 -5.29 -6.00
CA ALA D 467 -3.62 -4.02 -6.69
C ALA D 467 -3.58 -4.22 -8.21
N THR D 468 -2.77 -5.18 -8.67
CA THR D 468 -2.71 -5.47 -10.10
C THR D 468 -4.07 -5.94 -10.61
N PHE D 469 -4.74 -6.80 -9.84
CA PHE D 469 -6.09 -7.24 -10.24
C PHE D 469 -7.08 -6.08 -10.24
N ALA D 470 -6.99 -5.21 -9.23
CA ALA D 470 -8.03 -4.20 -9.04
C ALA D 470 -7.90 -3.05 -10.02
N GLN D 471 -6.67 -2.61 -10.30
CA GLN D 471 -6.49 -1.38 -11.12
C GLN D 471 -6.76 -1.59 -12.62
N ILE D 472 -7.55 -2.59 -12.98
CA ILE D 472 -7.92 -2.76 -14.42
C ILE D 472 -9.26 -2.05 -14.65
N GLN D 473 -9.56 -1.70 -15.90
CA GLN D 473 -10.82 -0.99 -16.23
C GLN D 473 -11.81 -1.99 -16.85
N GLN D 474 -12.99 -2.17 -16.22
CA GLN D 474 -14.00 -3.08 -16.75
C GLN D 474 -14.79 -2.48 -17.90
N LYS D 475 -14.36 -1.34 -18.45
CA LYS D 475 -15.08 -0.71 -19.56
C LYS D 475 -15.07 -1.62 -20.79
N SER D 476 -14.06 -2.47 -20.91
CA SER D 476 -13.96 -3.44 -22.00
C SER D 476 -14.04 -4.83 -21.39
N ILE D 477 -15.10 -5.57 -21.74
CA ILE D 477 -15.29 -6.89 -21.16
C ILE D 477 -14.28 -7.89 -21.74
N LEU D 478 -13.85 -7.66 -22.98
CA LEU D 478 -12.89 -8.56 -23.61
C LEU D 478 -11.52 -8.45 -22.95
N VAL D 479 -11.07 -7.21 -22.71
CA VAL D 479 -9.77 -7.00 -22.08
C VAL D 479 -9.80 -7.44 -20.63
N TRP D 480 -10.91 -7.16 -19.93
CA TRP D 480 -11.03 -7.54 -18.53
C TRP D 480 -10.95 -9.06 -18.36
N LEU D 481 -11.65 -9.80 -19.21
CA LEU D 481 -11.61 -11.25 -19.13
C LEU D 481 -10.21 -11.78 -19.43
N PHE D 482 -9.53 -11.18 -20.41
CA PHE D 482 -8.18 -11.61 -20.75
C PHE D 482 -7.22 -11.34 -19.61
N SER D 483 -7.39 -10.22 -18.91
CA SER D 483 -6.48 -9.87 -17.82
C SER D 483 -6.55 -10.91 -16.71
N ARG D 484 -7.75 -11.39 -16.38
CA ARG D 484 -7.88 -12.42 -15.36
C ARG D 484 -7.17 -13.70 -15.79
N LEU D 485 -7.33 -14.09 -17.05
CA LEU D 485 -6.61 -15.26 -17.56
C LEU D 485 -5.11 -14.99 -17.60
N TYR D 486 -4.72 -13.78 -17.97
CA TYR D 486 -3.31 -13.42 -18.04
C TYR D 486 -2.65 -13.45 -16.66
N LEU D 487 -3.31 -12.87 -15.66
CA LEU D 487 -2.71 -12.76 -14.33
C LEU D 487 -2.72 -14.11 -13.62
N TYR D 488 -3.83 -14.85 -13.72
CA TYR D 488 -3.93 -16.13 -13.04
C TYR D 488 -2.94 -17.14 -13.58
N SER D 489 -2.79 -17.19 -14.90
CA SER D 489 -1.87 -18.14 -15.52
C SER D 489 -0.42 -17.81 -15.19
N PHE D 490 -0.07 -16.52 -15.20
CA PHE D 490 1.30 -16.11 -14.94
C PHE D 490 1.73 -16.47 -13.53
N ILE D 491 0.89 -16.14 -12.54
CA ILE D 491 1.23 -16.40 -11.15
C ILE D 491 1.30 -17.90 -10.88
N SER D 492 0.32 -18.65 -11.40
CA SER D 492 0.29 -20.08 -11.19
C SER D 492 1.49 -20.77 -11.85
N LEU D 493 1.84 -20.34 -13.06
CA LEU D 493 2.93 -21.00 -13.79
C LEU D 493 4.26 -20.79 -13.10
N PHE D 494 4.55 -19.55 -12.67
CA PHE D 494 5.86 -19.28 -12.08
C PHE D 494 5.98 -19.86 -10.68
N ILE D 495 4.85 -19.97 -9.96
CA ILE D 495 4.88 -20.68 -8.67
C ILE D 495 5.23 -22.14 -8.89
N TYR D 496 4.63 -22.76 -9.90
CA TYR D 496 4.91 -24.16 -10.18
C TYR D 496 6.34 -24.36 -10.66
N MET D 497 6.84 -23.45 -11.50
CA MET D 497 8.21 -23.60 -11.99
C MET D 497 9.22 -23.44 -10.86
N ILE D 498 8.98 -22.51 -9.94
CA ILE D 498 9.82 -22.39 -8.75
C ILE D 498 9.62 -23.61 -7.85
N LEU D 499 8.40 -24.16 -7.85
CA LEU D 499 8.18 -25.41 -7.06
C LEU D 499 9.06 -26.53 -7.63
N SER D 500 8.89 -26.84 -8.93
CA SER D 500 9.64 -27.95 -9.56
C SER D 500 11.15 -27.72 -9.42
N LEU D 501 11.62 -26.48 -9.31
CA LEU D 501 13.07 -26.16 -9.12
C LEU D 501 13.58 -26.56 -7.74
N PHE D 502 12.99 -26.09 -6.65
CA PHE D 502 13.51 -26.37 -5.28
C PHE D 502 13.66 -27.86 -5.10
N ILE D 503 12.61 -28.64 -5.41
CA ILE D 503 12.62 -30.12 -5.23
C ILE D 503 13.81 -30.71 -6.01
N ALA D 504 14.02 -30.34 -7.26
CA ALA D 504 15.15 -30.82 -8.06
C ALA D 504 16.48 -30.47 -7.40
N LEU D 505 16.66 -29.20 -7.04
CA LEU D 505 17.91 -28.75 -6.39
C LEU D 505 18.18 -29.66 -5.18
N ILE D 506 17.17 -29.89 -4.36
CA ILE D 506 17.34 -30.73 -3.15
C ILE D 506 17.69 -32.18 -3.48
N THR D 507 16.96 -32.81 -4.39
CA THR D 507 17.25 -34.19 -4.79
C THR D 507 18.68 -34.27 -5.28
N ASP D 508 19.17 -33.27 -5.99
CA ASP D 508 20.54 -33.42 -6.55
C ASP D 508 21.60 -33.13 -5.48
N SER D 509 21.30 -32.23 -4.55
CA SER D 509 22.31 -31.86 -3.53
C SER D 509 22.58 -33.08 -2.65
N TYR D 510 21.73 -34.09 -2.75
CA TYR D 510 22.00 -35.32 -2.01
C TYR D 510 22.92 -36.25 -2.79
N ASP D 511 22.73 -36.33 -4.11
CA ASP D 511 23.55 -37.17 -4.95
C ASP D 511 25.01 -36.73 -4.92
N THR D 512 25.24 -35.41 -4.92
CA THR D 512 26.59 -34.88 -4.95
C THR D 512 27.32 -35.00 -3.63
N ILE D 513 26.62 -34.89 -2.50
CA ILE D 513 27.25 -34.93 -1.19
C ILE D 513 27.20 -36.32 -0.57
N LYS D 514 26.06 -37.00 -0.67
CA LYS D 514 25.94 -38.35 -0.13
C LYS D 514 26.34 -39.39 -1.18
C13 A1BI6 E . -5.84 -21.49 -5.22
C15 A1BI6 E . -7.84 -22.60 -6.20
C17 A1BI6 E . -6.66 -22.32 -4.35
C02 A1BI6 E . -2.11 -21.69 -4.09
C03 A1BI6 E . -1.05 -20.83 -3.83
C04 A1BI6 E . -0.44 -20.16 -4.86
C05 A1BI6 E . -0.86 -20.34 -6.16
C06 A1BI6 E . -1.91 -21.21 -6.43
C07 A1BI6 E . -2.54 -21.89 -5.39
C08 A1BI6 E . -3.69 -22.84 -5.66
C11 A1BI6 E . -5.86 -23.75 -6.07
C12 A1BI6 E . -5.05 -22.47 -6.10
C14 A1BI6 E . -6.99 -21.10 -6.33
C16 A1BI6 E . -7.09 -23.39 -5.19
N09 A1BI6 E . -3.60 -24.26 -5.66
O10 A1BI6 E . -4.95 -24.80 -5.56
CL1 A1BI6 E . -2.90 -22.56 -2.75
CL2 A1BI6 E . -2.46 -21.46 -8.11
C13 A1BI6 F . 1.02 -17.34 14.90
C15 A1BI6 F . 0.12 -17.78 17.18
C17 A1BI6 F . 1.97 -17.38 16.01
C02 A1BI6 F . 2.76 -18.69 11.67
C03 A1BI6 F . 2.91 -18.31 10.34
C04 A1BI6 F . 1.82 -18.38 9.48
C05 A1BI6 F . 0.60 -18.83 9.94
C06 A1BI6 F . 0.45 -19.20 11.26
C07 A1BI6 F . 1.54 -19.13 12.13
C08 A1BI6 F . 1.40 -19.54 13.59
C11 A1BI6 F . 0.95 -19.52 15.94
C12 A1BI6 F . 0.65 -18.82 14.63
C14 A1BI6 F . -0.32 -16.93 15.75
C16 A1BI6 F . 1.45 -18.40 16.88
N09 A1BI6 F . 1.87 -20.75 14.16
O10 A1BI6 F . 1.91 -20.61 15.60
CL1 A1BI6 F . 4.16 -18.58 12.77
CL2 A1BI6 F . -1.13 -19.78 11.85
C13 A1BI6 G . 19.65 -9.50 6.96
C15 A1BI6 G . 21.77 -8.67 7.97
C17 A1BI6 G . 20.85 -9.53 6.14
C02 A1BI6 G . 17.34 -12.52 6.00
C03 A1BI6 G . 16.01 -12.75 5.70
C04 A1BI6 G . 15.05 -12.66 6.69
C05 A1BI6 G . 15.43 -12.35 8.00
C06 A1BI6 G . 16.76 -12.13 8.30
C07 A1BI6 G . 17.72 -12.21 7.30
C08 A1BI6 G . 19.19 -11.96 7.61
C11 A1BI6 G . 21.30 -10.91 8.01
C12 A1BI6 G . 19.81 -10.67 7.95
C14 A1BI6 G . 20.08 -8.29 7.97
C16 A1BI6 G . 21.90 -9.84 7.05
N09 A1BI6 G . 20.19 -12.97 7.74
O10 A1BI6 G . 21.50 -12.34 7.64
CL1 A1BI6 G . 18.58 -12.62 4.72
CL2 A1BI6 G . 17.24 -11.72 9.97
C13 A1BI6 H . 12.79 -13.67 -13.22
C15 A1BI6 H . 13.80 -13.50 -15.50
C17 A1BI6 H . 12.23 -14.49 -14.29
C02 A1BI6 H . 12.48 -15.56 -9.81
C03 A1BI6 H . 12.05 -15.29 -8.52
C04 A1BI6 H . 12.80 -14.46 -7.70
C05 A1BI6 H . 13.97 -13.90 -8.17
C06 A1BI6 H . 14.40 -14.16 -9.46
C07 A1BI6 H . 13.65 -14.99 -10.29
C08 A1BI6 H . 14.10 -15.29 -11.70
C11 A1BI6 H . 14.49 -15.16 -14.06
C12 A1BI6 H . 14.11 -14.35 -12.84
C14 A1BI6 H . 13.42 -12.48 -14.16
C16 A1BI6 H . 13.36 -14.87 -15.08
N09 A1BI6 H . 14.72 -16.50 -12.14
O10 A1BI6 H . 14.63 -16.56 -13.59
CL1 A1BI6 H . 11.52 -16.63 -10.87
CL2 A1BI6 H . 15.91 -13.42 -10.06
#